data_3VY6
# 
_entry.id   3VY6 
# 
_audit_conform.dict_name       mmcif_pdbx.dic 
_audit_conform.dict_version    5.381 
_audit_conform.dict_location   http://mmcif.pdb.org/dictionaries/ascii/mmcif_pdbx.dic 
# 
loop_
_database_2.database_id 
_database_2.database_code 
_database_2.pdbx_database_accession 
_database_2.pdbx_DOI 
PDB   3VY6         pdb_00003vy6 10.2210/pdb3vy6/pdb 
RCSB  RCSB095647   ?            ?                   
WWPDB D_1000095647 ?            ?                   
# 
_pdbx_database_related.db_name        PDB 
_pdbx_database_related.db_id          3VY7 
_pdbx_database_related.details        . 
_pdbx_database_related.content_type   unspecified 
# 
_pdbx_database_status.status_code                     REL 
_pdbx_database_status.entry_id                        3VY6 
_pdbx_database_status.recvd_initial_deposition_date   2012-09-21 
_pdbx_database_status.deposit_site                    PDBJ 
_pdbx_database_status.process_site                    PDBJ 
_pdbx_database_status.methods_development_category    ? 
_pdbx_database_status.status_code_sf                  REL 
_pdbx_database_status.status_code_mr                  ? 
_pdbx_database_status.SG_entry                        ? 
_pdbx_database_status.status_code_cs                  ? 
_pdbx_database_status.pdb_format_compatible           Y 
_pdbx_database_status.status_code_nmr_data            ? 
# 
loop_
_audit_author.name 
_audit_author.pdbx_ordinal 
'Kanagawa, M.'  1 
'Yamaguchi, Y.' 2 
# 
_citation.id                        primary 
_citation.title                     'Structural Basis for Multiple Sugar Recognition of Jacalin-related Human ZG16p Lectin' 
_citation.journal_abbrev            J.Biol.Chem. 
_citation.journal_volume            289 
_citation.page_first                16954 
_citation.page_last                 16965 
_citation.year                      2014 
_citation.journal_id_ASTM           JBCHA3 
_citation.country                   US 
_citation.journal_id_ISSN           0021-9258 
_citation.journal_id_CSD            0071 
_citation.book_publisher            ? 
_citation.pdbx_database_id_PubMed   24790092 
_citation.pdbx_database_id_DOI      10.1074/jbc.M113.539114 
# 
loop_
_citation_author.citation_id 
_citation_author.name 
_citation_author.ordinal 
_citation_author.identifier_ORCID 
primary 'Kanagawa, M.'      1 ? 
primary 'Liu, Y.'           2 ? 
primary 'Hanashima, S.'     3 ? 
primary 'Ikeda, A.'         4 ? 
primary 'Chai, W.'          5 ? 
primary 'Nakano, Y.'        6 ? 
primary 'Kojima-Aikawa, K.' 7 ? 
primary 'Feizi, T.'         8 ? 
primary 'Yamaguchi, Y.'     9 ? 
# 
_cell.entry_id           3VY6 
_cell.length_a           58.2 
_cell.length_b           73.1 
_cell.length_c           30.5 
_cell.angle_alpha        90.0 
_cell.angle_beta         90.0 
_cell.angle_gamma        90.0 
_cell.Z_PDB              4 
_cell.pdbx_unique_axis   ? 
_cell.length_a_esd       ? 
_cell.length_b_esd       ? 
_cell.length_c_esd       ? 
_cell.angle_alpha_esd    ? 
_cell.angle_beta_esd     ? 
_cell.angle_gamma_esd    ? 
# 
_symmetry.entry_id                         3VY6 
_symmetry.space_group_name_H-M             'P 21 21 2' 
_symmetry.pdbx_full_space_group_name_H-M   ? 
_symmetry.cell_setting                     ? 
_symmetry.Int_Tables_number                18 
_symmetry.space_group_name_Hall            ? 
# 
loop_
_entity.id 
_entity.type 
_entity.src_method 
_entity.pdbx_description 
_entity.formula_weight 
_entity.pdbx_number_of_molecules 
_entity.pdbx_ec 
_entity.pdbx_mutation 
_entity.pdbx_fragment 
_entity.details 
1 polymer     man 'Zymogen granule membrane protein 16'             15501.401 1   ? ? 'UNP residues 21-159' ? 
2 branched    man 'beta-D-glucopyranose-(1-3)-beta-D-glucopyranose' 342.297   1   ? ? ?                     ? 
3 non-polymer syn 'CHLORIDE ION'                                    35.453    2   ? ? ?                     ? 
4 water       nat water                                             18.015    135 ? ? ?                     ? 
# 
loop_
_entity_name_com.entity_id 
_entity_name_com.name 
1 'Zymogen granule protein 16, hZG16, Secretory lectin ZG16' 
2 beta-laminaribiose                                         
# 
_entity_poly.entity_id                      1 
_entity_poly.type                           'polypeptide(L)' 
_entity_poly.nstd_linkage                   no 
_entity_poly.nstd_monomer                   no 
_entity_poly.pdbx_seq_one_letter_code       
;GSARSSSYSGEYGSGGGKRFSHSGNQLDGPITALRVRVNTYYIVGLQVRYGKVWSDYVGGRNGDLEEIFLHPGESVIQVS
GKYKWYLKKLVFVTDKGRYLSFGKDSGTSFNAVPLHPNTVLRFISGRSGSLIDAIGLHWDV
;
_entity_poly.pdbx_seq_one_letter_code_can   
;GSARSSSYSGEYGSGGGKRFSHSGNQLDGPITALRVRVNTYYIVGLQVRYGKVWSDYVGGRNGDLEEIFLHPGESVIQVS
GKYKWYLKKLVFVTDKGRYLSFGKDSGTSFNAVPLHPNTVLRFISGRSGSLIDAIGLHWDV
;
_entity_poly.pdbx_strand_id                 A 
_entity_poly.pdbx_target_identifier         ? 
# 
loop_
_entity_poly_seq.entity_id 
_entity_poly_seq.num 
_entity_poly_seq.mon_id 
_entity_poly_seq.hetero 
1 1   GLY n 
1 2   SER n 
1 3   ALA n 
1 4   ARG n 
1 5   SER n 
1 6   SER n 
1 7   SER n 
1 8   TYR n 
1 9   SER n 
1 10  GLY n 
1 11  GLU n 
1 12  TYR n 
1 13  GLY n 
1 14  SER n 
1 15  GLY n 
1 16  GLY n 
1 17  GLY n 
1 18  LYS n 
1 19  ARG n 
1 20  PHE n 
1 21  SER n 
1 22  HIS n 
1 23  SER n 
1 24  GLY n 
1 25  ASN n 
1 26  GLN n 
1 27  LEU n 
1 28  ASP n 
1 29  GLY n 
1 30  PRO n 
1 31  ILE n 
1 32  THR n 
1 33  ALA n 
1 34  LEU n 
1 35  ARG n 
1 36  VAL n 
1 37  ARG n 
1 38  VAL n 
1 39  ASN n 
1 40  THR n 
1 41  TYR n 
1 42  TYR n 
1 43  ILE n 
1 44  VAL n 
1 45  GLY n 
1 46  LEU n 
1 47  GLN n 
1 48  VAL n 
1 49  ARG n 
1 50  TYR n 
1 51  GLY n 
1 52  LYS n 
1 53  VAL n 
1 54  TRP n 
1 55  SER n 
1 56  ASP n 
1 57  TYR n 
1 58  VAL n 
1 59  GLY n 
1 60  GLY n 
1 61  ARG n 
1 62  ASN n 
1 63  GLY n 
1 64  ASP n 
1 65  LEU n 
1 66  GLU n 
1 67  GLU n 
1 68  ILE n 
1 69  PHE n 
1 70  LEU n 
1 71  HIS n 
1 72  PRO n 
1 73  GLY n 
1 74  GLU n 
1 75  SER n 
1 76  VAL n 
1 77  ILE n 
1 78  GLN n 
1 79  VAL n 
1 80  SER n 
1 81  GLY n 
1 82  LYS n 
1 83  TYR n 
1 84  LYS n 
1 85  TRP n 
1 86  TYR n 
1 87  LEU n 
1 88  LYS n 
1 89  LYS n 
1 90  LEU n 
1 91  VAL n 
1 92  PHE n 
1 93  VAL n 
1 94  THR n 
1 95  ASP n 
1 96  LYS n 
1 97  GLY n 
1 98  ARG n 
1 99  TYR n 
1 100 LEU n 
1 101 SER n 
1 102 PHE n 
1 103 GLY n 
1 104 LYS n 
1 105 ASP n 
1 106 SER n 
1 107 GLY n 
1 108 THR n 
1 109 SER n 
1 110 PHE n 
1 111 ASN n 
1 112 ALA n 
1 113 VAL n 
1 114 PRO n 
1 115 LEU n 
1 116 HIS n 
1 117 PRO n 
1 118 ASN n 
1 119 THR n 
1 120 VAL n 
1 121 LEU n 
1 122 ARG n 
1 123 PHE n 
1 124 ILE n 
1 125 SER n 
1 126 GLY n 
1 127 ARG n 
1 128 SER n 
1 129 GLY n 
1 130 SER n 
1 131 LEU n 
1 132 ILE n 
1 133 ASP n 
1 134 ALA n 
1 135 ILE n 
1 136 GLY n 
1 137 LEU n 
1 138 HIS n 
1 139 TRP n 
1 140 ASP n 
1 141 VAL n 
# 
_entity_src_gen.entity_id                          1 
_entity_src_gen.pdbx_src_id                        1 
_entity_src_gen.pdbx_alt_source_flag               sample 
_entity_src_gen.pdbx_seq_type                      ? 
_entity_src_gen.pdbx_beg_seq_num                   ? 
_entity_src_gen.pdbx_end_seq_num                   ? 
_entity_src_gen.gene_src_common_name               human 
_entity_src_gen.gene_src_genus                     ? 
_entity_src_gen.pdbx_gene_src_gene                 ZG16 
_entity_src_gen.gene_src_species                   ? 
_entity_src_gen.gene_src_strain                    ? 
_entity_src_gen.gene_src_tissue                    ? 
_entity_src_gen.gene_src_tissue_fraction           ? 
_entity_src_gen.gene_src_details                   ? 
_entity_src_gen.pdbx_gene_src_fragment             ? 
_entity_src_gen.pdbx_gene_src_scientific_name      'Homo sapiens' 
_entity_src_gen.pdbx_gene_src_ncbi_taxonomy_id     9606 
_entity_src_gen.pdbx_gene_src_variant              ? 
_entity_src_gen.pdbx_gene_src_cell_line            ? 
_entity_src_gen.pdbx_gene_src_atcc                 ? 
_entity_src_gen.pdbx_gene_src_organ                ? 
_entity_src_gen.pdbx_gene_src_organelle            ? 
_entity_src_gen.pdbx_gene_src_cell                 ? 
_entity_src_gen.pdbx_gene_src_cellular_location    ? 
_entity_src_gen.host_org_common_name               ? 
_entity_src_gen.pdbx_host_org_scientific_name      'Escherichia coli' 
_entity_src_gen.pdbx_host_org_ncbi_taxonomy_id     562 
_entity_src_gen.host_org_genus                     ? 
_entity_src_gen.pdbx_host_org_gene                 ? 
_entity_src_gen.pdbx_host_org_organ                ? 
_entity_src_gen.host_org_species                   ? 
_entity_src_gen.pdbx_host_org_tissue               ? 
_entity_src_gen.pdbx_host_org_tissue_fraction      ? 
_entity_src_gen.pdbx_host_org_strain               'BL21(DE3)' 
_entity_src_gen.pdbx_host_org_variant              ? 
_entity_src_gen.pdbx_host_org_cell_line            ? 
_entity_src_gen.pdbx_host_org_atcc                 ? 
_entity_src_gen.pdbx_host_org_culture_collection   ? 
_entity_src_gen.pdbx_host_org_cell                 ? 
_entity_src_gen.pdbx_host_org_organelle            ? 
_entity_src_gen.pdbx_host_org_cellular_location    ? 
_entity_src_gen.pdbx_host_org_vector_type          plasmid 
_entity_src_gen.pdbx_host_org_vector               ? 
_entity_src_gen.host_org_details                   ? 
_entity_src_gen.expression_system_id               ? 
_entity_src_gen.plasmid_name                       pCold-I 
_entity_src_gen.plasmid_details                    ? 
_entity_src_gen.pdbx_description                   ? 
# 
_struct_ref.id                         1 
_struct_ref.db_name                    UNP 
_struct_ref.db_code                    ZG16_HUMAN 
_struct_ref.pdbx_db_accession          O60844 
_struct_ref.entity_id                  1 
_struct_ref.pdbx_seq_one_letter_code   
;ARSSSYSGEYGSGGGKRFSHSGNQLDGPITALRVRVNTYYIVGLQVRYGKVWSDYVGGRNGDLEEIFLHPGESVIQVSGK
YKWYLKKLVFVTDKGRYLSFGKDSGTSFNAVPLHPNTVLRFISGRSGSLIDAIGLHWDV
;
_struct_ref.pdbx_align_begin           21 
_struct_ref.pdbx_db_isoform            ? 
# 
_struct_ref_seq.align_id                      1 
_struct_ref_seq.ref_id                        1 
_struct_ref_seq.pdbx_PDB_id_code              3VY6 
_struct_ref_seq.pdbx_strand_id                A 
_struct_ref_seq.seq_align_beg                 3 
_struct_ref_seq.pdbx_seq_align_beg_ins_code   ? 
_struct_ref_seq.seq_align_end                 141 
_struct_ref_seq.pdbx_seq_align_end_ins_code   ? 
_struct_ref_seq.pdbx_db_accession             O60844 
_struct_ref_seq.db_align_beg                  21 
_struct_ref_seq.pdbx_db_align_beg_ins_code    ? 
_struct_ref_seq.db_align_end                  159 
_struct_ref_seq.pdbx_db_align_end_ins_code    ? 
_struct_ref_seq.pdbx_auth_seq_align_beg       21 
_struct_ref_seq.pdbx_auth_seq_align_end       159 
# 
loop_
_struct_ref_seq_dif.align_id 
_struct_ref_seq_dif.pdbx_pdb_id_code 
_struct_ref_seq_dif.mon_id 
_struct_ref_seq_dif.pdbx_pdb_strand_id 
_struct_ref_seq_dif.seq_num 
_struct_ref_seq_dif.pdbx_pdb_ins_code 
_struct_ref_seq_dif.pdbx_seq_db_name 
_struct_ref_seq_dif.pdbx_seq_db_accession_code 
_struct_ref_seq_dif.db_mon_id 
_struct_ref_seq_dif.pdbx_seq_db_seq_num 
_struct_ref_seq_dif.details 
_struct_ref_seq_dif.pdbx_auth_seq_num 
_struct_ref_seq_dif.pdbx_ordinal 
1 3VY6 GLY A 1 ? UNP O60844 ? ? 'expression tag' 19 1 
1 3VY6 SER A 2 ? UNP O60844 ? ? 'expression tag' 20 2 
# 
loop_
_chem_comp.id 
_chem_comp.type 
_chem_comp.mon_nstd_flag 
_chem_comp.name 
_chem_comp.pdbx_synonyms 
_chem_comp.formula 
_chem_comp.formula_weight 
ALA 'L-peptide linking'          y ALANINE              ?                                    'C3 H7 N O2'     89.093  
ARG 'L-peptide linking'          y ARGININE             ?                                    'C6 H15 N4 O2 1' 175.209 
ASN 'L-peptide linking'          y ASPARAGINE           ?                                    'C4 H8 N2 O3'    132.118 
ASP 'L-peptide linking'          y 'ASPARTIC ACID'      ?                                    'C4 H7 N O4'     133.103 
BGC 'D-saccharide, beta linking' . beta-D-glucopyranose 'beta-D-glucose; D-glucose; glucose' 'C6 H12 O6'      180.156 
CL  non-polymer                  . 'CHLORIDE ION'       ?                                    'Cl -1'          35.453  
GLN 'L-peptide linking'          y GLUTAMINE            ?                                    'C5 H10 N2 O3'   146.144 
GLU 'L-peptide linking'          y 'GLUTAMIC ACID'      ?                                    'C5 H9 N O4'     147.129 
GLY 'peptide linking'            y GLYCINE              ?                                    'C2 H5 N O2'     75.067  
HIS 'L-peptide linking'          y HISTIDINE            ?                                    'C6 H10 N3 O2 1' 156.162 
HOH non-polymer                  . WATER                ?                                    'H2 O'           18.015  
ILE 'L-peptide linking'          y ISOLEUCINE           ?                                    'C6 H13 N O2'    131.173 
LEU 'L-peptide linking'          y LEUCINE              ?                                    'C6 H13 N O2'    131.173 
LYS 'L-peptide linking'          y LYSINE               ?                                    'C6 H15 N2 O2 1' 147.195 
PHE 'L-peptide linking'          y PHENYLALANINE        ?                                    'C9 H11 N O2'    165.189 
PRO 'L-peptide linking'          y PROLINE              ?                                    'C5 H9 N O2'     115.130 
SER 'L-peptide linking'          y SERINE               ?                                    'C3 H7 N O3'     105.093 
THR 'L-peptide linking'          y THREONINE            ?                                    'C4 H9 N O3'     119.119 
TRP 'L-peptide linking'          y TRYPTOPHAN           ?                                    'C11 H12 N2 O2'  204.225 
TYR 'L-peptide linking'          y TYROSINE             ?                                    'C9 H11 N O3'    181.189 
VAL 'L-peptide linking'          y VALINE               ?                                    'C5 H11 N O2'    117.146 
# 
_exptl.entry_id          3VY6 
_exptl.method            'X-RAY DIFFRACTION' 
_exptl.crystals_number   1 
# 
_exptl_crystal.id                    1 
_exptl_crystal.density_meas          ? 
_exptl_crystal.density_Matthews      2.09 
_exptl_crystal.density_percent_sol   41.22 
_exptl_crystal.description           ? 
_exptl_crystal.F_000                 ? 
_exptl_crystal.preparation           ? 
# 
_exptl_crystal_grow.crystal_id      1 
_exptl_crystal_grow.method          'VAPOR DIFFUSION, SITTING DROP' 
_exptl_crystal_grow.temp            293 
_exptl_crystal_grow.temp_details    ? 
_exptl_crystal_grow.pH              5.6 
_exptl_crystal_grow.pdbx_details    
;0.09M MES (pH 6.5), 0.09M sodium phosphate, 0.09M potassium phosphate, 1.8M sodium chloride , VAPOR DIFFUSION, SITTING DROP, temperature 293K
;
_exptl_crystal_grow.pdbx_pH_range   . 
# 
_diffrn.id                     1 
_diffrn.ambient_temp           100 
_diffrn.ambient_temp_details   ? 
_diffrn.crystal_id             1 
# 
_diffrn_detector.diffrn_id              1 
_diffrn_detector.detector               CCD 
_diffrn_detector.type                   'ADSC QUANTUM 210' 
_diffrn_detector.pdbx_collection_date   2010-10-08 
_diffrn_detector.details                ? 
# 
_diffrn_radiation.diffrn_id                        1 
_diffrn_radiation.wavelength_id                    1 
_diffrn_radiation.pdbx_monochromatic_or_laue_m_l   M 
_diffrn_radiation.monochromator                    'Si(111)' 
_diffrn_radiation.pdbx_diffrn_protocol             'SINGLE WAVELENGTH' 
_diffrn_radiation.pdbx_scattering_type             x-ray 
# 
_diffrn_radiation_wavelength.id           1 
_diffrn_radiation_wavelength.wavelength   1.00000 
_diffrn_radiation_wavelength.wt           1.0 
# 
_diffrn_source.diffrn_id                   1 
_diffrn_source.source                      SYNCHROTRON 
_diffrn_source.type                        'PHOTON FACTORY BEAMLINE BL-17A' 
_diffrn_source.pdbx_synchrotron_site       'Photon Factory' 
_diffrn_source.pdbx_synchrotron_beamline   BL-17A 
_diffrn_source.pdbx_wavelength             ? 
_diffrn_source.pdbx_wavelength_list        1.00000 
# 
_reflns.entry_id                     3VY6 
_reflns.observed_criterion_sigma_I   ? 
_reflns.observed_criterion_sigma_F   ? 
_reflns.d_resolution_low             50.0 
_reflns.d_resolution_high            2.00 
_reflns.number_obs                   9347 
_reflns.number_all                   ? 
_reflns.percent_possible_obs         99.2 
_reflns.pdbx_Rmerge_I_obs            0.090 
_reflns.pdbx_Rsym_value              ? 
_reflns.pdbx_netI_over_sigmaI        19.6 
_reflns.B_iso_Wilson_estimate        ? 
_reflns.pdbx_redundancy              7.0 
_reflns.R_free_details               ? 
_reflns.limit_h_max                  ? 
_reflns.limit_h_min                  ? 
_reflns.limit_k_max                  ? 
_reflns.limit_k_min                  ? 
_reflns.limit_l_max                  ? 
_reflns.limit_l_min                  ? 
_reflns.observed_criterion_F_max     ? 
_reflns.observed_criterion_F_min     ? 
_reflns.pdbx_chi_squared             ? 
_reflns.pdbx_scaling_rejects         ? 
_reflns.pdbx_ordinal                 1 
_reflns.pdbx_diffrn_id               1 
# 
_reflns_shell.d_res_high                  2.00 
_reflns_shell.d_res_low                   2.03 
_reflns_shell.percent_possible_all        98.5 
_reflns_shell.Rmerge_I_obs                0.377 
_reflns_shell.pdbx_Rsym_value             ? 
_reflns_shell.meanI_over_sigI_obs         4.1 
_reflns_shell.pdbx_redundancy             6.8 
_reflns_shell.percent_possible_obs        ? 
_reflns_shell.number_unique_all           ? 
_reflns_shell.number_measured_all         ? 
_reflns_shell.number_measured_obs         ? 
_reflns_shell.number_unique_obs           ? 
_reflns_shell.pdbx_chi_squared            ? 
_reflns_shell.pdbx_rejects                ? 
_reflns_shell.pdbx_netI_over_sigmaI_obs   ? 
_reflns_shell.number_possible             ? 
_reflns_shell.Rmerge_F_all                ? 
_reflns_shell.Rmerge_F_obs                ? 
_reflns_shell.Rmerge_I_all                ? 
_reflns_shell.meanI_over_sigI_all         ? 
_reflns_shell.pdbx_Rrim_I_all             ? 
_reflns_shell.pdbx_Rpim_I_all             ? 
_reflns_shell.pdbx_ordinal                1 
_reflns_shell.pdbx_diffrn_id              1 
# 
_refine.entry_id                                 3VY6 
_refine.ls_number_reflns_obs                     8806 
_refine.ls_number_reflns_all                     ? 
_refine.pdbx_ls_sigma_I                          ? 
_refine.pdbx_ls_sigma_F                          ? 
_refine.pdbx_data_cutoff_high_absF               ? 
_refine.pdbx_data_cutoff_low_absF                ? 
_refine.pdbx_data_cutoff_high_rms_absF           ? 
_refine.ls_d_res_low                             45.55 
_refine.ls_d_res_high                            2.00 
_refine.ls_percent_reflns_obs                    99.05 
_refine.ls_R_factor_obs                          0.19094 
_refine.ls_R_factor_all                          ? 
_refine.ls_R_factor_R_work                       0.18915 
_refine.ls_R_factor_R_free                       0.22737 
_refine.ls_R_factor_R_free_error                 ? 
_refine.ls_R_factor_R_free_error_details         ? 
_refine.ls_percent_reflns_R_free                 4.8 
_refine.ls_number_reflns_R_free                  442 
_refine.ls_number_parameters                     ? 
_refine.ls_number_restraints                     ? 
_refine.occupancy_min                            ? 
_refine.occupancy_max                            ? 
_refine.correlation_coeff_Fo_to_Fc               0.949 
_refine.correlation_coeff_Fo_to_Fc_free          0.936 
_refine.B_iso_mean                               20.838 
_refine.aniso_B[1][1]                            -0.71 
_refine.aniso_B[2][2]                            -0.16 
_refine.aniso_B[3][3]                            0.87 
_refine.aniso_B[1][2]                            0.00 
_refine.aniso_B[1][3]                            0.00 
_refine.aniso_B[2][3]                            0.00 
_refine.solvent_model_details                    MASK 
_refine.solvent_model_param_ksol                 ? 
_refine.solvent_model_param_bsol                 ? 
_refine.pdbx_solvent_vdw_probe_radii             1.40 
_refine.pdbx_solvent_ion_probe_radii             0.80 
_refine.pdbx_solvent_shrinkage_radii             0.80 
_refine.pdbx_ls_cross_valid_method               THROUGHOUT 
_refine.details                                  'HYDROGENS HAVE BEEN ADDED IN THE RIDING POSITIONS' 
_refine.pdbx_starting_model                      3apa 
_refine.pdbx_method_to_determine_struct          'MOLECULAR REPLACEMENT' 
_refine.pdbx_isotropic_thermal_model             ? 
_refine.pdbx_stereochemistry_target_values       'MAXIMUM LIKELIHOOD' 
_refine.pdbx_stereochem_target_val_spec_case     ? 
_refine.pdbx_R_Free_selection_details            RANDOM 
_refine.pdbx_overall_ESU_R                       0.219 
_refine.pdbx_overall_ESU_R_Free                  0.174 
_refine.overall_SU_ML                            0.109 
_refine.pdbx_overall_phase_error                 ? 
_refine.overall_SU_B                             3.761 
_refine.overall_SU_R_Cruickshank_DPI             ? 
_refine.ls_redundancy_reflns_obs                 ? 
_refine.B_iso_min                                ? 
_refine.B_iso_max                                ? 
_refine.overall_SU_R_free                        ? 
_refine.ls_wR_factor_R_free                      ? 
_refine.ls_wR_factor_R_work                      ? 
_refine.overall_FOM_free_R_set                   ? 
_refine.overall_FOM_work_R_set                   ? 
_refine.pdbx_diffrn_id                           1 
_refine.pdbx_refine_id                           'X-RAY DIFFRACTION' 
_refine.pdbx_TLS_residual_ADP_flag               ? 
_refine.pdbx_overall_SU_R_free_Cruickshank_DPI   ? 
_refine.pdbx_overall_SU_R_Blow_DPI               ? 
_refine.pdbx_overall_SU_R_free_Blow_DPI          ? 
# 
_refine_hist.pdbx_refine_id                   'X-RAY DIFFRACTION' 
_refine_hist.cycle_id                         LAST 
_refine_hist.pdbx_number_atoms_protein        1084 
_refine_hist.pdbx_number_atoms_nucleic_acid   0 
_refine_hist.pdbx_number_atoms_ligand         25 
_refine_hist.number_atoms_solvent             135 
_refine_hist.number_atoms_total               1244 
_refine_hist.d_res_high                       2.00 
_refine_hist.d_res_low                        45.55 
# 
loop_
_refine_ls_restr.type 
_refine_ls_restr.dev_ideal 
_refine_ls_restr.dev_ideal_target 
_refine_ls_restr.weight 
_refine_ls_restr.number 
_refine_ls_restr.pdbx_restraint_function 
_refine_ls_restr.pdbx_refine_id 
r_bond_refined_d             0.007  0.021  ? 1136 ? 'X-RAY DIFFRACTION' 
r_bond_other_d               ?      ?      ? ?    ? 'X-RAY DIFFRACTION' 
r_angle_refined_deg          1.050  1.965  ? 1534 ? 'X-RAY DIFFRACTION' 
r_angle_other_deg            ?      ?      ? ?    ? 'X-RAY DIFFRACTION' 
r_dihedral_angle_1_deg       6.199  5.000  ? 137  ? 'X-RAY DIFFRACTION' 
r_dihedral_angle_2_deg       31.438 22.000 ? 50   ? 'X-RAY DIFFRACTION' 
r_dihedral_angle_3_deg       12.914 15.000 ? 179  ? 'X-RAY DIFFRACTION' 
r_dihedral_angle_4_deg       15.103 15.000 ? 9    ? 'X-RAY DIFFRACTION' 
r_chiral_restr               0.065  0.200  ? 164  ? 'X-RAY DIFFRACTION' 
r_gen_planes_refined         0.003  0.020  ? 857  ? 'X-RAY DIFFRACTION' 
r_gen_planes_other           ?      ?      ? ?    ? 'X-RAY DIFFRACTION' 
r_nbd_refined                0.179  0.200  ? 447  ? 'X-RAY DIFFRACTION' 
r_nbd_other                  ?      ?      ? ?    ? 'X-RAY DIFFRACTION' 
r_nbtor_refined              0.307  0.200  ? 754  ? 'X-RAY DIFFRACTION' 
r_nbtor_other                ?      ?      ? ?    ? 'X-RAY DIFFRACTION' 
r_xyhbond_nbd_refined        0.125  0.200  ? 104  ? 'X-RAY DIFFRACTION' 
r_xyhbond_nbd_other          ?      ?      ? ?    ? 'X-RAY DIFFRACTION' 
r_metal_ion_refined          ?      ?      ? ?    ? 'X-RAY DIFFRACTION' 
r_metal_ion_other            ?      ?      ? ?    ? 'X-RAY DIFFRACTION' 
r_symmetry_vdw_refined       0.138  0.200  ? 30   ? 'X-RAY DIFFRACTION' 
r_symmetry_vdw_other         ?      ?      ? ?    ? 'X-RAY DIFFRACTION' 
r_symmetry_hbond_refined     0.140  0.200  ? 18   ? 'X-RAY DIFFRACTION' 
r_symmetry_hbond_other       ?      ?      ? ?    ? 'X-RAY DIFFRACTION' 
r_symmetry_metal_ion_refined ?      ?      ? ?    ? 'X-RAY DIFFRACTION' 
r_symmetry_metal_ion_other   ?      ?      ? ?    ? 'X-RAY DIFFRACTION' 
r_mcbond_it                  0.476  1.500  ? 693  ? 'X-RAY DIFFRACTION' 
r_mcbond_other               ?      ?      ? ?    ? 'X-RAY DIFFRACTION' 
r_mcangle_it                 0.837  2.000  ? 1077 ? 'X-RAY DIFFRACTION' 
r_scbond_it                  1.189  3.000  ? 516  ? 'X-RAY DIFFRACTION' 
r_scangle_it                 1.779  4.500  ? 457  ? 'X-RAY DIFFRACTION' 
r_rigid_bond_restr           ?      ?      ? ?    ? 'X-RAY DIFFRACTION' 
r_sphericity_free            ?      ?      ? ?    ? 'X-RAY DIFFRACTION' 
r_sphericity_bonded          ?      ?      ? ?    ? 'X-RAY DIFFRACTION' 
# 
_refine_ls_shell.pdbx_refine_id                   'X-RAY DIFFRACTION' 
_refine_ls_shell.pdbx_total_number_of_bins_used   20 
_refine_ls_shell.d_res_high                       1.996 
_refine_ls_shell.d_res_low                        2.048 
_refine_ls_shell.number_reflns_R_work             615 
_refine_ls_shell.R_factor_R_work                  0.194 
_refine_ls_shell.percent_reflns_obs               95.59 
_refine_ls_shell.R_factor_R_free                  0.258 
_refine_ls_shell.R_factor_R_free_error            ? 
_refine_ls_shell.percent_reflns_R_free            ? 
_refine_ls_shell.number_reflns_R_free             35 
_refine_ls_shell.number_reflns_all                ? 
_refine_ls_shell.R_factor_all                     ? 
_refine_ls_shell.number_reflns_obs                ? 
_refine_ls_shell.redundancy_reflns_obs            ? 
# 
_struct.entry_id                  3VY6 
_struct.title                     'Crystal structure of human pancreatic secretory protein ZG16p with laminaribiose' 
_struct.pdbx_model_details        ? 
_struct.pdbx_CASP_flag            ? 
_struct.pdbx_model_type_details   ? 
# 
_struct_keywords.entry_id        3VY6 
_struct_keywords.pdbx_keywords   'SUGAR BINDING PROTEIN' 
_struct_keywords.text            'beta-prism fold, SUGAR BINDING PROTEIN' 
# 
loop_
_struct_asym.id 
_struct_asym.pdbx_blank_PDB_chainid_flag 
_struct_asym.pdbx_modified 
_struct_asym.entity_id 
_struct_asym.details 
A N N 1 ? 
B N N 2 ? 
C N N 3 ? 
D N N 3 ? 
E N N 4 ? 
# 
_struct_biol.id        1 
_struct_biol.details   ? 
# 
_struct_conf.conf_type_id            HELX_P 
_struct_conf.id                      HELX_P1 
_struct_conf.pdbx_PDB_helix_id       1 
_struct_conf.beg_label_comp_id       SER 
_struct_conf.beg_label_asym_id       A 
_struct_conf.beg_label_seq_id        23 
_struct_conf.pdbx_beg_PDB_ins_code   ? 
_struct_conf.end_label_comp_id       GLY 
_struct_conf.end_label_asym_id       A 
_struct_conf.end_label_seq_id        29 
_struct_conf.pdbx_end_PDB_ins_code   ? 
_struct_conf.beg_auth_comp_id        SER 
_struct_conf.beg_auth_asym_id        A 
_struct_conf.beg_auth_seq_id         41 
_struct_conf.end_auth_comp_id        GLY 
_struct_conf.end_auth_asym_id        A 
_struct_conf.end_auth_seq_id         47 
_struct_conf.pdbx_PDB_helix_class    5 
_struct_conf.details                 ? 
_struct_conf.pdbx_PDB_helix_length   7 
# 
_struct_conf_type.id          HELX_P 
_struct_conf_type.criteria    ? 
_struct_conf_type.reference   ? 
# 
_struct_conn.id                            covale1 
_struct_conn.conn_type_id                  covale 
_struct_conn.pdbx_leaving_atom_flag        both 
_struct_conn.pdbx_PDB_id                   ? 
_struct_conn.ptnr1_label_asym_id           B 
_struct_conn.ptnr1_label_comp_id           BGC 
_struct_conn.ptnr1_label_seq_id            . 
_struct_conn.ptnr1_label_atom_id           O3 
_struct_conn.pdbx_ptnr1_label_alt_id       ? 
_struct_conn.pdbx_ptnr1_PDB_ins_code       ? 
_struct_conn.pdbx_ptnr1_standard_comp_id   ? 
_struct_conn.ptnr1_symmetry                1_555 
_struct_conn.ptnr2_label_asym_id           B 
_struct_conn.ptnr2_label_comp_id           BGC 
_struct_conn.ptnr2_label_seq_id            . 
_struct_conn.ptnr2_label_atom_id           C1 
_struct_conn.pdbx_ptnr2_label_alt_id       ? 
_struct_conn.pdbx_ptnr2_PDB_ins_code       ? 
_struct_conn.ptnr1_auth_asym_id            B 
_struct_conn.ptnr1_auth_comp_id            BGC 
_struct_conn.ptnr1_auth_seq_id             1 
_struct_conn.ptnr2_auth_asym_id            B 
_struct_conn.ptnr2_auth_comp_id            BGC 
_struct_conn.ptnr2_auth_seq_id             2 
_struct_conn.ptnr2_symmetry                1_555 
_struct_conn.pdbx_ptnr3_label_atom_id      ? 
_struct_conn.pdbx_ptnr3_label_seq_id       ? 
_struct_conn.pdbx_ptnr3_label_comp_id      ? 
_struct_conn.pdbx_ptnr3_label_asym_id      ? 
_struct_conn.pdbx_ptnr3_label_alt_id       ? 
_struct_conn.pdbx_ptnr3_PDB_ins_code       ? 
_struct_conn.details                       ? 
_struct_conn.pdbx_dist_value               1.443 
_struct_conn.pdbx_value_order              ? 
_struct_conn.pdbx_role                     ? 
# 
_struct_conn_type.id          covale 
_struct_conn_type.criteria    ? 
_struct_conn_type.reference   ? 
# 
_struct_mon_prot_cis.pdbx_id                1 
_struct_mon_prot_cis.label_comp_id          GLY 
_struct_mon_prot_cis.label_seq_id           10 
_struct_mon_prot_cis.label_asym_id          A 
_struct_mon_prot_cis.label_alt_id           . 
_struct_mon_prot_cis.pdbx_PDB_ins_code      ? 
_struct_mon_prot_cis.auth_comp_id           GLY 
_struct_mon_prot_cis.auth_seq_id            28 
_struct_mon_prot_cis.auth_asym_id           A 
_struct_mon_prot_cis.pdbx_label_comp_id_2   GLU 
_struct_mon_prot_cis.pdbx_label_seq_id_2    11 
_struct_mon_prot_cis.pdbx_label_asym_id_2   A 
_struct_mon_prot_cis.pdbx_PDB_ins_code_2    ? 
_struct_mon_prot_cis.pdbx_auth_comp_id_2    GLU 
_struct_mon_prot_cis.pdbx_auth_seq_id_2     29 
_struct_mon_prot_cis.pdbx_auth_asym_id_2    A 
_struct_mon_prot_cis.pdbx_PDB_model_num     1 
_struct_mon_prot_cis.pdbx_omega_angle       -5.59 
# 
loop_
_struct_sheet.id 
_struct_sheet.type 
_struct_sheet.number_strands 
_struct_sheet.details 
A ? 4 ? 
B ? 3 ? 
C ? 4 ? 
D ? 4 ? 
# 
loop_
_struct_sheet_order.sheet_id 
_struct_sheet_order.range_id_1 
_struct_sheet_order.range_id_2 
_struct_sheet_order.offset 
_struct_sheet_order.sense 
A 1 2 ? anti-parallel 
A 2 3 ? anti-parallel 
A 3 4 ? anti-parallel 
B 1 2 ? anti-parallel 
B 2 3 ? anti-parallel 
C 1 2 ? anti-parallel 
C 2 3 ? anti-parallel 
C 3 4 ? anti-parallel 
D 1 2 ? anti-parallel 
D 2 3 ? anti-parallel 
D 3 4 ? anti-parallel 
# 
loop_
_struct_sheet_range.sheet_id 
_struct_sheet_range.id 
_struct_sheet_range.beg_label_comp_id 
_struct_sheet_range.beg_label_asym_id 
_struct_sheet_range.beg_label_seq_id 
_struct_sheet_range.pdbx_beg_PDB_ins_code 
_struct_sheet_range.end_label_comp_id 
_struct_sheet_range.end_label_asym_id 
_struct_sheet_range.end_label_seq_id 
_struct_sheet_range.pdbx_end_PDB_ins_code 
_struct_sheet_range.beg_auth_comp_id 
_struct_sheet_range.beg_auth_asym_id 
_struct_sheet_range.beg_auth_seq_id 
_struct_sheet_range.end_auth_comp_id 
_struct_sheet_range.end_auth_asym_id 
_struct_sheet_range.end_auth_seq_id 
A 1 SER A 7   ? GLY A 13  ? SER A 25  GLY A 31  
A 2 ILE A 132 ? ASP A 140 ? ILE A 150 ASP A 158 
A 3 VAL A 120 ? SER A 128 ? VAL A 138 SER A 146 
A 4 LYS A 18  ? SER A 21  ? LYS A 36  SER A 39  
B 1 VAL A 53  ? TRP A 54  ? VAL A 71  TRP A 72  
B 2 ILE A 43  ? TYR A 50  ? ILE A 61  TYR A 68  
B 3 VAL A 58  ? GLY A 59  ? VAL A 76  GLY A 77  
C 1 VAL A 53  ? TRP A 54  ? VAL A 71  TRP A 72  
C 2 ILE A 43  ? TYR A 50  ? ILE A 61  TYR A 68  
C 3 ILE A 31  ? VAL A 38  ? ILE A 49  VAL A 56  
C 4 ASP A 64  ? PHE A 69  ? ASP A 82  PHE A 87  
D 1 TYR A 99  ? GLY A 103 ? TYR A 117 GLY A 121 
D 2 LEU A 87  ? THR A 94  ? LEU A 105 THR A 112 
D 3 VAL A 76  ? TYR A 83  ? VAL A 94  TYR A 101 
D 4 THR A 108 ? ALA A 112 ? THR A 126 ALA A 130 
# 
loop_
_pdbx_struct_sheet_hbond.sheet_id 
_pdbx_struct_sheet_hbond.range_id_1 
_pdbx_struct_sheet_hbond.range_id_2 
_pdbx_struct_sheet_hbond.range_1_label_atom_id 
_pdbx_struct_sheet_hbond.range_1_label_comp_id 
_pdbx_struct_sheet_hbond.range_1_label_asym_id 
_pdbx_struct_sheet_hbond.range_1_label_seq_id 
_pdbx_struct_sheet_hbond.range_1_PDB_ins_code 
_pdbx_struct_sheet_hbond.range_1_auth_atom_id 
_pdbx_struct_sheet_hbond.range_1_auth_comp_id 
_pdbx_struct_sheet_hbond.range_1_auth_asym_id 
_pdbx_struct_sheet_hbond.range_1_auth_seq_id 
_pdbx_struct_sheet_hbond.range_2_label_atom_id 
_pdbx_struct_sheet_hbond.range_2_label_comp_id 
_pdbx_struct_sheet_hbond.range_2_label_asym_id 
_pdbx_struct_sheet_hbond.range_2_label_seq_id 
_pdbx_struct_sheet_hbond.range_2_PDB_ins_code 
_pdbx_struct_sheet_hbond.range_2_auth_atom_id 
_pdbx_struct_sheet_hbond.range_2_auth_comp_id 
_pdbx_struct_sheet_hbond.range_2_auth_asym_id 
_pdbx_struct_sheet_hbond.range_2_auth_seq_id 
A 1 2 N SER A 9   ? N SER A 27  O LEU A 137 ? O LEU A 155 
A 2 3 O ASP A 140 ? O ASP A 158 N VAL A 120 ? N VAL A 138 
A 3 4 O GLY A 126 ? O GLY A 144 N PHE A 20  ? N PHE A 38  
B 1 2 O VAL A 53  ? O VAL A 71  N TYR A 50  ? N TYR A 68  
B 2 3 N LEU A 46  ? N LEU A 64  O VAL A 58  ? O VAL A 76  
C 1 2 O VAL A 53  ? O VAL A 71  N TYR A 50  ? N TYR A 68  
C 2 3 O GLN A 47  ? O GLN A 65  N ARG A 35  ? N ARG A 53  
C 3 4 N LEU A 34  ? N LEU A 52  O ILE A 68  ? O ILE A 86  
D 1 2 O LEU A 100 ? O LEU A 118 N PHE A 92  ? N PHE A 110 
D 2 3 O VAL A 93  ? O VAL A 111 N GLN A 78  ? N GLN A 96  
D 3 4 N VAL A 79  ? N VAL A 97  O ALA A 112 ? O ALA A 130 
# 
_atom_sites.entry_id                    3VY6 
_atom_sites.fract_transf_matrix[1][1]   -0.01035402 
_atom_sites.fract_transf_matrix[1][2]   -0.01020344 
_atom_sites.fract_transf_matrix[1][3]   -0.00914872 
_atom_sites.fract_transf_matrix[2][1]   -0.00457295 
_atom_sites.fract_transf_matrix[2][2]   0.01086543 
_atom_sites.fract_transf_matrix[2][3]   -0.00694265 
_atom_sites.fract_transf_matrix[3][1]   0.02378856 
_atom_sites.fract_transf_matrix[3][2]   -0.00419863 
_atom_sites.fract_transf_matrix[3][3]   -0.02223990 
_atom_sites.fract_transf_vector[1]      0.223764 
_atom_sites.fract_transf_vector[2]      0.236982 
_atom_sites.fract_transf_vector[3]      0.062442 
# 
loop_
_atom_type.symbol 
C  
CL 
N  
O  
# 
loop_
_atom_site.group_PDB 
_atom_site.id 
_atom_site.type_symbol 
_atom_site.label_atom_id 
_atom_site.label_alt_id 
_atom_site.label_comp_id 
_atom_site.label_asym_id 
_atom_site.label_entity_id 
_atom_site.label_seq_id 
_atom_site.pdbx_PDB_ins_code 
_atom_site.Cartn_x 
_atom_site.Cartn_y 
_atom_site.Cartn_z 
_atom_site.occupancy 
_atom_site.B_iso_or_equiv 
_atom_site.pdbx_formal_charge 
_atom_site.auth_seq_id 
_atom_site.auth_comp_id 
_atom_site.auth_asym_id 
_atom_site.auth_atom_id 
_atom_site.pdbx_PDB_model_num 
ATOM   1    N  N   . ARG A 1 4   ? 11.128  17.830  -10.933 1.00 29.03 ? 22  ARG A N   1 
ATOM   2    C  CA  . ARG A 1 4   ? 10.569  16.479  -10.641 1.00 28.51 ? 22  ARG A CA  1 
ATOM   3    C  C   . ARG A 1 4   ? 9.997   16.410  -9.222  1.00 27.80 ? 22  ARG A C   1 
ATOM   4    O  O   . ARG A 1 4   ? 10.694  16.669  -8.236  1.00 27.79 ? 22  ARG A O   1 
ATOM   5    C  CB  . ARG A 1 4   ? 11.625  15.393  -10.875 1.00 29.15 ? 22  ARG A CB  1 
ATOM   6    C  CG  . ARG A 1 4   ? 11.194  13.977  -10.471 1.00 30.76 ? 22  ARG A CG  1 
ATOM   7    C  CD  . ARG A 1 4   ? 11.857  12.888  -11.328 1.00 33.93 ? 22  ARG A CD  1 
ATOM   8    N  NE  . ARG A 1 4   ? 13.263  13.160  -11.655 1.00 36.21 ? 22  ARG A NE  1 
ATOM   9    C  CZ  . ARG A 1 4   ? 14.298  12.911  -10.854 1.00 36.68 ? 22  ARG A CZ  1 
ATOM   10   N  NH1 . ARG A 1 4   ? 15.529  13.192  -11.265 1.00 36.68 ? 22  ARG A NH1 1 
ATOM   11   N  NH2 . ARG A 1 4   ? 14.111  12.393  -9.644  1.00 36.89 ? 22  ARG A NH2 1 
ATOM   12   N  N   . SER A 1 5   ? 8.719   16.059  -9.142  1.00 26.58 ? 23  SER A N   1 
ATOM   13   C  CA  . SER A 1 5   ? 8.011   15.979  -7.875  1.00 25.73 ? 23  SER A CA  1 
ATOM   14   C  C   . SER A 1 5   ? 7.762   14.535  -7.456  1.00 24.73 ? 23  SER A C   1 
ATOM   15   O  O   . SER A 1 5   ? 7.324   14.281  -6.335  1.00 24.70 ? 23  SER A O   1 
ATOM   16   C  CB  . SER A 1 5   ? 6.693   16.741  -7.968  1.00 25.83 ? 23  SER A CB  1 
ATOM   17   O  OG  . SER A 1 5   ? 6.933   18.097  -8.297  1.00 26.73 ? 23  SER A OG  1 
ATOM   18   N  N   . SER A 1 6   ? 8.045   13.594  -8.355  1.00 23.34 ? 24  SER A N   1 
ATOM   19   C  CA  . SER A 1 6   ? 7.868   12.182  -8.042  1.00 22.33 ? 24  SER A CA  1 
ATOM   20   C  C   . SER A 1 6   ? 8.945   11.707  -7.071  1.00 21.64 ? 24  SER A C   1 
ATOM   21   O  O   . SER A 1 6   ? 10.095  12.153  -7.131  1.00 21.45 ? 24  SER A O   1 
ATOM   22   C  CB  . SER A 1 6   ? 7.879   11.326  -9.316  1.00 22.22 ? 24  SER A CB  1 
ATOM   23   O  OG  . SER A 1 6   ? 9.194   11.187  -9.831  1.00 22.48 ? 24  SER A OG  1 
ATOM   24   N  N   . SER A 1 7   ? 8.561   10.819  -6.162  1.00 20.58 ? 25  SER A N   1 
ATOM   25   C  CA  . SER A 1 7   ? 9.528   10.138  -5.310  1.00 19.86 ? 25  SER A CA  1 
ATOM   26   C  C   . SER A 1 7   ? 9.044   8.737   -4.957  1.00 19.62 ? 25  SER A C   1 
ATOM   27   O  O   . SER A 1 7   ? 7.864   8.412   -5.115  1.00 18.93 ? 25  SER A O   1 
ATOM   28   C  CB  . SER A 1 7   ? 9.843   10.952  -4.049  1.00 19.65 ? 25  SER A CB  1 
ATOM   29   O  OG  . SER A 1 7   ? 8.724   11.068  -3.190  1.00 19.08 ? 25  SER A OG  1 
ATOM   30   N  N   . TYR A 1 8   ? 9.969   7.924   -4.465  1.00 19.79 ? 26  TYR A N   1 
ATOM   31   C  CA  . TYR A 1 8   ? 9.716   6.517   -4.213  1.00 20.49 ? 26  TYR A CA  1 
ATOM   32   C  C   . TYR A 1 8   ? 10.269  6.110   -2.852  1.00 20.80 ? 26  TYR A C   1 
ATOM   33   O  O   . TYR A 1 8   ? 11.439  6.359   -2.557  1.00 20.78 ? 26  TYR A O   1 
ATOM   34   C  CB  . TYR A 1 8   ? 10.336  5.676   -5.341  1.00 20.55 ? 26  TYR A CB  1 
ATOM   35   C  CG  . TYR A 1 8   ? 10.377  4.184   -5.088  1.00 21.22 ? 26  TYR A CG  1 
ATOM   36   C  CD1 . TYR A 1 8   ? 11.587  3.485   -5.143  1.00 22.05 ? 26  TYR A CD1 1 
ATOM   37   C  CD2 . TYR A 1 8   ? 9.214   3.470   -4.790  1.00 21.16 ? 26  TYR A CD2 1 
ATOM   38   C  CE1 . TYR A 1 8   ? 11.635  2.112   -4.909  1.00 21.85 ? 26  TYR A CE1 1 
ATOM   39   C  CE2 . TYR A 1 8   ? 9.251   2.100   -4.553  1.00 21.44 ? 26  TYR A CE2 1 
ATOM   40   C  CZ  . TYR A 1 8   ? 10.461  1.427   -4.615  1.00 21.61 ? 26  TYR A CZ  1 
ATOM   41   O  OH  . TYR A 1 8   ? 10.504  0.070   -4.385  1.00 21.68 ? 26  TYR A OH  1 
ATOM   42   N  N   . SER A 1 9   ? 9.411   5.496   -2.033  1.00 21.28 ? 27  SER A N   1 
ATOM   43   C  CA  . SER A 1 9   ? 9.781   4.957   -0.722  1.00 22.05 ? 27  SER A CA  1 
ATOM   44   C  C   . SER A 1 9   ? 9.690   3.430   -0.749  1.00 22.69 ? 27  SER A C   1 
ATOM   45   O  O   . SER A 1 9   ? 8.621   2.874   -1.001  1.00 22.17 ? 27  SER A O   1 
ATOM   46   C  CB  . SER A 1 9   ? 8.853   5.502   0.375   1.00 21.88 ? 27  SER A CB  1 
ATOM   47   O  OG  . SER A 1 9   ? 8.860   6.923   0.449   1.00 22.19 ? 27  SER A OG  1 
ATOM   48   N  N   . GLY A 1 10  ? 10.811  2.755   -0.494  1.00 23.57 ? 28  GLY A N   1 
ATOM   49   C  CA  . GLY A 1 10  ? 10.859  1.291   -0.509  1.00 24.39 ? 28  GLY A CA  1 
ATOM   50   C  C   . GLY A 1 10  ? 12.136  0.736   -1.128  1.00 25.19 ? 28  GLY A C   1 
ATOM   51   O  O   . GLY A 1 10  ? 13.080  1.488   -1.369  1.00 25.53 ? 28  GLY A O   1 
ATOM   52   N  N   . GLU A 1 11  ? 12.203  -0.575  -1.363  1.00 25.65 ? 29  GLU A N   1 
ATOM   53   C  CA  . GLU A 1 11  ? 11.178  -1.534  -0.960  1.00 26.45 ? 29  GLU A CA  1 
ATOM   54   C  C   . GLU A 1 11  ? 11.249  -1.852  0.526   1.00 25.89 ? 29  GLU A C   1 
ATOM   55   O  O   . GLU A 1 11  ? 12.336  -1.961  1.098   1.00 26.03 ? 29  GLU A O   1 
ATOM   56   C  CB  . GLU A 1 11  ? 11.311  -2.835  -1.758  1.00 26.37 ? 29  GLU A CB  1 
ATOM   57   C  CG  . GLU A 1 11  ? 10.242  -3.014  -2.820  1.00 27.86 ? 29  GLU A CG  1 
ATOM   58   C  CD  . GLU A 1 11  ? 10.498  -4.194  -3.746  1.00 28.40 ? 29  GLU A CD  1 
ATOM   59   O  OE1 . GLU A 1 11  ? 9.874   -4.234  -4.833  1.00 30.50 ? 29  GLU A OE1 1 
ATOM   60   O  OE2 . GLU A 1 11  ? 11.314  -5.080  -3.394  1.00 31.12 ? 29  GLU A OE2 1 
ATOM   61   N  N   . TYR A 1 12  ? 10.078  -1.994  1.137   1.00 25.39 ? 30  TYR A N   1 
ATOM   62   C  CA  . TYR A 1 12  ? 9.958   -2.439  2.516   1.00 25.06 ? 30  TYR A CA  1 
ATOM   63   C  C   . TYR A 1 12  ? 9.474   -3.886  2.534   1.00 25.23 ? 30  TYR A C   1 
ATOM   64   O  O   . TYR A 1 12  ? 8.352   -4.176  2.119   1.00 25.03 ? 30  TYR A O   1 
ATOM   65   C  CB  . TYR A 1 12  ? 8.983   -1.540  3.283   1.00 24.62 ? 30  TYR A CB  1 
ATOM   66   C  CG  . TYR A 1 12  ? 9.324   -0.066  3.232   1.00 24.09 ? 30  TYR A CG  1 
ATOM   67   C  CD1 . TYR A 1 12  ? 10.431  0.439   3.914   1.00 23.91 ? 30  TYR A CD1 1 
ATOM   68   C  CD2 . TYR A 1 12  ? 8.533   0.828   2.504   1.00 23.33 ? 30  TYR A CD2 1 
ATOM   69   C  CE1 . TYR A 1 12  ? 10.743  1.797   3.877   1.00 23.45 ? 30  TYR A CE1 1 
ATOM   70   C  CE2 . TYR A 1 12  ? 8.834   2.180   2.464   1.00 23.18 ? 30  TYR A CE2 1 
ATOM   71   C  CZ  . TYR A 1 12  ? 9.939   2.659   3.152   1.00 23.62 ? 30  TYR A CZ  1 
ATOM   72   O  OH  . TYR A 1 12  ? 10.234  4.001   3.111   1.00 23.12 ? 30  TYR A OH  1 
ATOM   73   N  N   . GLY A 1 13  ? 10.330  -4.787  3.013   1.00 25.47 ? 31  GLY A N   1 
ATOM   74   C  CA  . GLY A 1 13  ? 10.043  -6.224  3.007   1.00 26.06 ? 31  GLY A CA  1 
ATOM   75   C  C   . GLY A 1 13  ? 11.259  -7.040  2.613   1.00 26.49 ? 31  GLY A C   1 
ATOM   76   O  O   . GLY A 1 13  ? 12.388  -6.629  2.856   1.00 26.41 ? 31  GLY A O   1 
ATOM   77   N  N   . SER A 1 14  ? 11.035  -8.200  2.005   1.00 27.19 ? 32  SER A N   1 
ATOM   78   C  CA  . SER A 1 14  ? 12.142  -9.049  1.565   1.00 27.91 ? 32  SER A CA  1 
ATOM   79   C  C   . SER A 1 14  ? 12.080  -9.375  0.074   1.00 28.17 ? 32  SER A C   1 
ATOM   80   O  O   . SER A 1 14  ? 11.215  -8.864  -0.647  1.00 28.33 ? 32  SER A O   1 
ATOM   81   C  CB  . SER A 1 14  ? 12.230  -10.327 2.411   1.00 27.89 ? 32  SER A CB  1 
ATOM   82   O  OG  . SER A 1 14  ? 13.417  -11.049 2.122   1.00 28.82 ? 32  SER A OG  1 
ATOM   83   N  N   . GLY A 1 15  ? 13.002  -10.227 -0.377  1.00 28.34 ? 33  GLY A N   1 
ATOM   84   C  CA  . GLY A 1 15  ? 13.200  -10.498 -1.799  1.00 28.52 ? 33  GLY A CA  1 
ATOM   85   C  C   . GLY A 1 15  ? 12.465  -11.694 -2.366  1.00 28.65 ? 33  GLY A C   1 
ATOM   86   O  O   . GLY A 1 15  ? 12.783  -12.156 -3.465  1.00 28.86 ? 33  GLY A O   1 
ATOM   87   N  N   . GLY A 1 16  ? 11.481  -12.201 -1.628  1.00 28.54 ? 34  GLY A N   1 
ATOM   88   C  CA  . GLY A 1 16  ? 10.650  -13.292 -2.123  1.00 28.39 ? 34  GLY A CA  1 
ATOM   89   C  C   . GLY A 1 16  ? 9.621   -12.811 -3.130  1.00 28.31 ? 34  GLY A C   1 
ATOM   90   O  O   . GLY A 1 16  ? 9.435   -11.609 -3.317  1.00 28.26 ? 34  GLY A O   1 
ATOM   91   N  N   . GLY A 1 17  ? 8.956   -13.760 -3.779  1.00 28.49 ? 35  GLY A N   1 
ATOM   92   C  CA  . GLY A 1 17  ? 7.853   -13.463 -4.684  1.00 28.41 ? 35  GLY A CA  1 
ATOM   93   C  C   . GLY A 1 17  ? 8.259   -12.869 -6.019  1.00 28.53 ? 35  GLY A C   1 
ATOM   94   O  O   . GLY A 1 17  ? 9.438   -12.863 -6.382  1.00 28.85 ? 35  GLY A O   1 
ATOM   95   N  N   . LYS A 1 18  ? 7.259   -12.380 -6.745  1.00 28.23 ? 36  LYS A N   1 
ATOM   96   C  CA  . LYS A 1 18  ? 7.447   -11.718 -8.027  1.00 28.07 ? 36  LYS A CA  1 
ATOM   97   C  C   . LYS A 1 18  ? 7.053   -10.248 -7.896  1.00 27.34 ? 36  LYS A C   1 
ATOM   98   O  O   . LYS A 1 18  ? 6.065   -9.910  -7.235  1.00 26.59 ? 36  LYS A O   1 
ATOM   99   C  CB  . LYS A 1 18  ? 6.585   -12.395 -9.096  1.00 28.00 ? 36  LYS A CB  1 
ATOM   100  C  CG  . LYS A 1 18  ? 6.646   -11.752 -10.476 1.00 29.28 ? 36  LYS A CG  1 
ATOM   101  C  CD  . LYS A 1 18  ? 5.593   -12.332 -11.418 1.00 29.50 ? 36  LYS A CD  1 
ATOM   102  C  CE  . LYS A 1 18  ? 5.819   -11.851 -12.846 1.00 31.87 ? 36  LYS A CE  1 
ATOM   103  N  NZ  . LYS A 1 18  ? 4.978   -12.590 -13.825 1.00 32.54 ? 36  LYS A NZ  1 
ATOM   104  N  N   . ARG A 1 19  ? 7.826   -9.379  -8.538  1.00 26.54 ? 37  ARG A N   1 
ATOM   105  C  CA  . ARG A 1 19  ? 7.537   -7.953  -8.533  1.00 25.87 ? 37  ARG A CA  1 
ATOM   106  C  C   . ARG A 1 19  ? 6.187   -7.638  -9.179  1.00 24.93 ? 37  ARG A C   1 
ATOM   107  O  O   . ARG A 1 19  ? 5.787   -8.282  -10.150 1.00 24.85 ? 37  ARG A O   1 
ATOM   108  C  CB  . ARG A 1 19  ? 8.670   -7.168  -9.204  1.00 26.06 ? 37  ARG A CB  1 
ATOM   109  C  CG  . ARG A 1 19  ? 9.924   -7.067  -8.335  1.00 26.49 ? 37  ARG A CG  1 
ATOM   110  C  CD  . ARG A 1 19  ? 10.953  -6.091  -8.904  1.00 26.76 ? 37  ARG A CD  1 
ATOM   111  N  NE  . ARG A 1 19  ? 11.759  -6.682  -9.974  1.00 28.17 ? 37  ARG A NE  1 
ATOM   112  C  CZ  . ARG A 1 19  ? 12.822  -6.096  -10.525 1.00 29.67 ? 37  ARG A CZ  1 
ATOM   113  N  NH1 . ARG A 1 19  ? 13.211  -4.891  -10.114 1.00 29.82 ? 37  ARG A NH1 1 
ATOM   114  N  NH2 . ARG A 1 19  ? 13.495  -6.710  -11.492 1.00 28.96 ? 37  ARG A NH2 1 
ATOM   115  N  N   . PHE A 1 20  ? 5.474   -6.678  -8.589  1.00 23.77 ? 38  PHE A N   1 
ATOM   116  C  CA  . PHE A 1 20  ? 4.278   -6.093  -9.191  1.00 22.45 ? 38  PHE A CA  1 
ATOM   117  C  C   . PHE A 1 20  ? 4.390   -4.571  -9.136  1.00 21.84 ? 38  PHE A C   1 
ATOM   118  O  O   . PHE A 1 20  ? 5.164   -4.033  -8.345  1.00 21.83 ? 38  PHE A O   1 
ATOM   119  C  CB  . PHE A 1 20  ? 2.994   -6.581  -8.491  1.00 22.08 ? 38  PHE A CB  1 
ATOM   120  C  CG  . PHE A 1 20  ? 2.745   -5.950  -7.137  1.00 21.14 ? 38  PHE A CG  1 
ATOM   121  C  CD1 . PHE A 1 20  ? 2.038   -4.746  -7.028  1.00 21.29 ? 38  PHE A CD1 1 
ATOM   122  C  CD2 . PHE A 1 20  ? 3.198   -6.563  -5.976  1.00 19.93 ? 38  PHE A CD2 1 
ATOM   123  C  CE1 . PHE A 1 20  ? 1.803   -4.158  -5.781  1.00 20.04 ? 38  PHE A CE1 1 
ATOM   124  C  CE2 . PHE A 1 20  ? 2.965   -5.985  -4.716  1.00 20.46 ? 38  PHE A CE2 1 
ATOM   125  C  CZ  . PHE A 1 20  ? 2.271   -4.778  -4.622  1.00 20.82 ? 38  PHE A CZ  1 
ATOM   126  N  N   . SER A 1 21  ? 3.625   -3.884  -9.977  1.00 21.51 ? 39  SER A N   1 
ATOM   127  C  CA  . SER A 1 21  ? 3.577   -2.420  -9.963  1.00 21.22 ? 39  SER A CA  1 
ATOM   128  C  C   . SER A 1 21  ? 2.220   -1.914  -10.438 1.00 21.12 ? 39  SER A C   1 
ATOM   129  O  O   . SER A 1 21  ? 1.628   -2.494  -11.349 1.00 21.09 ? 39  SER A O   1 
ATOM   130  C  CB  . SER A 1 21  ? 4.696   -1.831  -10.828 1.00 21.27 ? 39  SER A CB  1 
ATOM   131  O  OG  . SER A 1 21  ? 4.573   -0.419  -10.925 1.00 21.44 ? 39  SER A OG  1 
ATOM   132  N  N   . HIS A 1 22  ? 1.726   -0.846  -9.806  1.00 20.62 ? 40  HIS A N   1 
ATOM   133  C  CA  . HIS A 1 22  ? 0.498   -0.184  -10.251 1.00 20.40 ? 40  HIS A CA  1 
ATOM   134  C  C   . HIS A 1 22  ? 0.782   1.103   -11.033 1.00 20.79 ? 40  HIS A C   1 
ATOM   135  O  O   . HIS A 1 22  ? -0.067  1.990   -11.103 1.00 20.48 ? 40  HIS A O   1 
ATOM   136  C  CB  . HIS A 1 22  ? -0.437  0.137   -9.078  1.00 19.98 ? 40  HIS A CB  1 
ATOM   137  C  CG  . HIS A 1 22  ? -0.944  -1.067  -8.347  1.00 18.66 ? 40  HIS A CG  1 
ATOM   138  N  ND1 . HIS A 1 22  ? -1.625  -0.975  -7.151  1.00 17.39 ? 40  HIS A ND1 1 
ATOM   139  C  CD2 . HIS A 1 22  ? -0.850  -2.388  -8.628  1.00 17.75 ? 40  HIS A CD2 1 
ATOM   140  C  CE1 . HIS A 1 22  ? -1.936  -2.188  -6.731  1.00 17.27 ? 40  HIS A CE1 1 
ATOM   141  N  NE2 . HIS A 1 22  ? -1.473  -3.063  -7.607  1.00 18.04 ? 40  HIS A NE2 1 
ATOM   142  N  N   . SER A 1 23  ? 1.974   1.197   -11.614 1.00 21.53 ? 41  SER A N   1 
ATOM   143  C  CA  . SER A 1 23  ? 2.380   2.384   -12.365 1.00 22.74 ? 41  SER A CA  1 
ATOM   144  C  C   . SER A 1 23  ? 1.357   2.766   -13.437 1.00 23.33 ? 41  SER A C   1 
ATOM   145  O  O   . SER A 1 23  ? 0.961   3.931   -13.544 1.00 23.56 ? 41  SER A O   1 
ATOM   146  C  CB  . SER A 1 23  ? 3.767   2.182   -12.983 1.00 22.62 ? 41  SER A CB  1 
ATOM   147  O  OG  . SER A 1 23  ? 4.262   3.404   -13.497 1.00 24.46 ? 41  SER A OG  1 
ATOM   148  N  N   . GLY A 1 24  ? 0.913   1.782   -14.215 1.00 24.03 ? 42  GLY A N   1 
ATOM   149  C  CA  . GLY A 1 24  ? -0.118  2.021   -15.228 1.00 24.94 ? 42  GLY A CA  1 
ATOM   150  C  C   . GLY A 1 24  ? -1.438  2.557   -14.686 1.00 25.25 ? 42  GLY A C   1 
ATOM   151  O  O   . GLY A 1 24  ? -2.155  3.280   -15.387 1.00 25.77 ? 42  GLY A O   1 
ATOM   152  N  N   . ASN A 1 25  ? -1.747  2.230   -13.431 1.00 25.34 ? 43  ASN A N   1 
ATOM   153  C  CA  . ASN A 1 25  ? -3.076  2.483   -12.859 1.00 25.25 ? 43  ASN A CA  1 
ATOM   154  C  C   . ASN A 1 25  ? -3.414  3.941   -12.503 1.00 25.21 ? 43  ASN A C   1 
ATOM   155  O  O   . ASN A 1 25  ? -4.590  4.294   -12.425 1.00 24.62 ? 43  ASN A O   1 
ATOM   156  C  CB  . ASN A 1 25  ? -3.324  1.581   -11.645 1.00 25.35 ? 43  ASN A CB  1 
ATOM   157  C  CG  . ASN A 1 25  ? -3.171  0.104   -11.969 1.00 25.91 ? 43  ASN A CG  1 
ATOM   158  O  OD1 . ASN A 1 25  ? -2.097  -0.347  -12.359 1.00 27.65 ? 43  ASN A OD1 1 
ATOM   159  N  ND2 . ASN A 1 25  ? -4.247  -0.656  -11.801 1.00 26.67 ? 43  ASN A ND2 1 
ATOM   160  N  N   . GLN A 1 26  ? -2.399  4.777   -12.285 1.00 25.35 ? 44  GLN A N   1 
ATOM   161  C  CA  . GLN A 1 26  ? -2.634  6.171   -11.866 1.00 25.69 ? 44  GLN A CA  1 
ATOM   162  C  C   . GLN A 1 26  ? -3.439  7.011   -12.878 1.00 25.78 ? 44  GLN A C   1 
ATOM   163  O  O   . GLN A 1 26  ? -4.110  7.973   -12.490 1.00 25.99 ? 44  GLN A O   1 
ATOM   164  C  CB  . GLN A 1 26  ? -1.326  6.866   -11.454 1.00 25.76 ? 44  GLN A CB  1 
ATOM   165  C  CG  . GLN A 1 26  ? -0.265  6.928   -12.535 1.00 26.28 ? 44  GLN A CG  1 
ATOM   166  C  CD  . GLN A 1 26  ? 1.133   7.173   -11.995 1.00 26.50 ? 44  GLN A CD  1 
ATOM   167  O  OE1 . GLN A 1 26  ? 1.328   7.932   -11.042 1.00 27.56 ? 44  GLN A OE1 1 
ATOM   168  N  NE2 . GLN A 1 26  ? 2.118   6.530   -12.611 1.00 25.70 ? 44  GLN A NE2 1 
ATOM   169  N  N   . LEU A 1 27  ? -3.390  6.627   -14.154 1.00 25.62 ? 45  LEU A N   1 
ATOM   170  C  CA  . LEU A 1 27  ? -4.211  7.250   -15.201 1.00 25.80 ? 45  LEU A CA  1 
ATOM   171  C  C   . LEU A 1 27  ? -5.719  7.061   -14.971 1.00 25.33 ? 45  LEU A C   1 
ATOM   172  O  O   . LEU A 1 27  ? -6.524  7.885   -15.417 1.00 25.70 ? 45  LEU A O   1 
ATOM   173  C  CB  . LEU A 1 27  ? -3.819  6.723   -16.592 1.00 26.10 ? 45  LEU A CB  1 
ATOM   174  C  CG  . LEU A 1 27  ? -2.378  6.942   -17.083 1.00 27.50 ? 45  LEU A CG  1 
ATOM   175  C  CD1 . LEU A 1 27  ? -2.036  5.960   -18.208 1.00 28.70 ? 45  LEU A CD1 1 
ATOM   176  C  CD2 . LEU A 1 27  ? -2.129  8.388   -17.525 1.00 28.48 ? 45  LEU A CD2 1 
ATOM   177  N  N   . ASP A 1 28  ? -6.093  5.986   -14.273 1.00 24.28 ? 46  ASP A N   1 
ATOM   178  C  CA  . ASP A 1 28  ? -7.495  5.730   -13.918 1.00 23.35 ? 46  ASP A CA  1 
ATOM   179  C  C   . ASP A 1 28  ? -8.037  6.752   -12.919 1.00 22.36 ? 46  ASP A C   1 
ATOM   180  O  O   . ASP A 1 28  ? -9.246  6.975   -12.838 1.00 22.14 ? 46  ASP A O   1 
ATOM   181  C  CB  . ASP A 1 28  ? -7.669  4.311   -13.364 1.00 23.52 ? 46  ASP A CB  1 
ATOM   182  C  CG  . ASP A 1 28  ? -7.517  3.236   -14.432 1.00 24.65 ? 46  ASP A CG  1 
ATOM   183  O  OD1 . ASP A 1 28  ? -7.827  3.515   -15.612 1.00 25.37 ? 46  ASP A OD1 1 
ATOM   184  O  OD2 . ASP A 1 28  ? -7.099  2.107   -14.087 1.00 24.96 ? 46  ASP A OD2 1 
ATOM   185  N  N   . GLY A 1 29  ? -7.135  7.353   -12.151 1.00 21.49 ? 47  GLY A N   1 
ATOM   186  C  CA  . GLY A 1 29  ? -7.497  8.420   -11.222 1.00 20.56 ? 47  GLY A CA  1 
ATOM   187  C  C   . GLY A 1 29  ? -6.737  8.333   -9.911  1.00 19.75 ? 47  GLY A C   1 
ATOM   188  O  O   . GLY A 1 29  ? -5.834  7.508   -9.766  1.00 19.42 ? 47  GLY A O   1 
ATOM   189  N  N   . PRO A 1 30  ? -7.112  9.173   -8.932  1.00 19.30 ? 48  PRO A N   1 
ATOM   190  C  CA  . PRO A 1 30  ? -6.465  9.082   -7.630  1.00 18.68 ? 48  PRO A CA  1 
ATOM   191  C  C   . PRO A 1 30  ? -6.923  7.822   -6.898  1.00 17.90 ? 48  PRO A C   1 
ATOM   192  O  O   . PRO A 1 30  ? -7.940  7.231   -7.264  1.00 17.51 ? 48  PRO A O   1 
ATOM   193  C  CB  . PRO A 1 30  ? -6.976  10.330  -6.907  1.00 18.79 ? 48  PRO A CB  1 
ATOM   194  C  CG  . PRO A 1 30  ? -8.313  10.578  -7.511  1.00 19.36 ? 48  PRO A CG  1 
ATOM   195  C  CD  . PRO A 1 30  ? -8.155  10.215  -8.958  1.00 19.36 ? 48  PRO A CD  1 
ATOM   196  N  N   . ILE A 1 31  ? -6.176  7.417   -5.877  1.00 17.43 ? 49  ILE A N   1 
ATOM   197  C  CA  . ILE A 1 31  ? -6.583  6.305   -5.032  1.00 16.75 ? 49  ILE A CA  1 
ATOM   198  C  C   . ILE A 1 31  ? -7.876  6.696   -4.310  1.00 16.30 ? 49  ILE A C   1 
ATOM   199  O  O   . ILE A 1 31  ? -7.954  7.777   -3.724  1.00 16.30 ? 49  ILE A O   1 
ATOM   200  C  CB  . ILE A 1 31  ? -5.469  5.917   -4.025  1.00 16.52 ? 49  ILE A CB  1 
ATOM   201  C  CG1 . ILE A 1 31  ? -4.242  5.380   -4.771  1.00 16.65 ? 49  ILE A CG1 1 
ATOM   202  C  CG2 . ILE A 1 31  ? -5.983  4.897   -3.021  1.00 16.55 ? 49  ILE A CG2 1 
ATOM   203  C  CD1 . ILE A 1 31  ? -2.936  5.422   -3.973  1.00 16.70 ? 49  ILE A CD1 1 
ATOM   204  N  N   . THR A 1 32  ? -8.881  5.825   -4.378  1.00 15.98 ? 50  THR A N   1 
ATOM   205  C  CA  . THR A 1 32  ? -10.193 6.078   -3.775  1.00 15.81 ? 50  THR A CA  1 
ATOM   206  C  C   . THR A 1 32  ? -10.592 5.028   -2.739  1.00 15.65 ? 50  THR A C   1 
ATOM   207  O  O   . THR A 1 32  ? -11.525 5.242   -1.956  1.00 15.71 ? 50  THR A O   1 
ATOM   208  C  CB  . THR A 1 32  ? -11.311 6.133   -4.836  1.00 16.03 ? 50  THR A CB  1 
ATOM   209  O  OG1 . THR A 1 32  ? -11.267 4.942   -5.636  1.00 15.83 ? 50  THR A OG1 1 
ATOM   210  C  CG2 . THR A 1 32  ? -11.164 7.366   -5.733  1.00 16.03 ? 50  THR A CG2 1 
ATOM   211  N  N   . ALA A 1 33  ? -9.903  3.890   -2.748  1.00 15.34 ? 51  ALA A N   1 
ATOM   212  C  CA  . ALA A 1 33  ? -10.217 2.796   -1.834  1.00 15.04 ? 51  ALA A CA  1 
ATOM   213  C  C   . ALA A 1 33  ? -9.073  1.800   -1.722  1.00 14.98 ? 51  ALA A C   1 
ATOM   214  O  O   . ALA A 1 33  ? -8.209  1.719   -2.601  1.00 15.10 ? 51  ALA A O   1 
ATOM   215  C  CB  . ALA A 1 33  ? -11.506 2.080   -2.261  1.00 14.97 ? 51  ALA A CB  1 
ATOM   216  N  N   . LEU A 1 34  ? -9.079  1.033   -0.638  1.00 14.81 ? 52  LEU A N   1 
ATOM   217  C  CA  . LEU A 1 34  ? -8.044  0.032   -0.411  1.00 14.65 ? 52  LEU A CA  1 
ATOM   218  C  C   . LEU A 1 34  ? -8.652  -1.305  -0.020  1.00 14.55 ? 52  LEU A C   1 
ATOM   219  O  O   . LEU A 1 34  ? -9.610  -1.356  0.755   1.00 15.16 ? 52  LEU A O   1 
ATOM   220  C  CB  . LEU A 1 34  ? -7.075  0.503   0.679   1.00 15.03 ? 52  LEU A CB  1 
ATOM   221  C  CG  . LEU A 1 34  ? -6.382  1.860   0.511   1.00 14.30 ? 52  LEU A CG  1 
ATOM   222  C  CD1 . LEU A 1 34  ? -5.884  2.363   1.851   1.00 15.21 ? 52  LEU A CD1 1 
ATOM   223  C  CD2 . LEU A 1 34  ? -5.241  1.784   -0.510  1.00 14.71 ? 52  LEU A CD2 1 
ATOM   224  N  N   . ARG A 1 35  ? -8.103  -2.382  -0.579  1.00 14.24 ? 53  ARG A N   1 
ATOM   225  C  CA  . ARG A 1 35  ? -8.389  -3.735  -0.113  1.00 13.80 ? 53  ARG A CA  1 
ATOM   226  C  C   . ARG A 1 35  ? -7.100  -4.386  0.356   1.00 13.44 ? 53  ARG A C   1 
ATOM   227  O  O   . ARG A 1 35  ? -6.076  -4.339  -0.342  1.00 13.47 ? 53  ARG A O   1 
ATOM   228  C  CB  . ARG A 1 35  ? -9.032  -4.584  -1.210  1.00 13.54 ? 53  ARG A CB  1 
ATOM   229  C  CG  . ARG A 1 35  ? -10.514 -4.332  -1.415  1.00 13.85 ? 53  ARG A CG  1 
ATOM   230  C  CD  . ARG A 1 35  ? -10.970 -5.041  -2.673  1.00 13.80 ? 53  ARG A CD  1 
ATOM   231  N  NE  . ARG A 1 35  ? -12.375 -4.808  -3.004  1.00 14.62 ? 53  ARG A NE  1 
ATOM   232  C  CZ  . ARG A 1 35  ? -12.936 -5.193  -4.149  1.00 14.61 ? 53  ARG A CZ  1 
ATOM   233  N  NH1 . ARG A 1 35  ? -12.213 -5.833  -5.067  1.00 14.31 ? 53  ARG A NH1 1 
ATOM   234  N  NH2 . ARG A 1 35  ? -14.220 -4.945  -4.375  1.00 14.23 ? 53  ARG A NH2 1 
ATOM   235  N  N   . VAL A 1 36  ? -7.155  -4.986  1.541   1.00 13.33 ? 54  VAL A N   1 
ATOM   236  C  CA  . VAL A 1 36  ? -6.003  -5.670  2.127   1.00 13.33 ? 54  VAL A CA  1 
ATOM   237  C  C   . VAL A 1 36  ? -6.480  -6.985  2.730   1.00 13.64 ? 54  VAL A C   1 
ATOM   238  O  O   . VAL A 1 36  ? -7.323  -6.985  3.632   1.00 13.57 ? 54  VAL A O   1 
ATOM   239  C  CB  . VAL A 1 36  ? -5.310  -4.830  3.238   1.00 13.49 ? 54  VAL A CB  1 
ATOM   240  C  CG1 . VAL A 1 36  ? -4.025  -5.513  3.699   1.00 12.77 ? 54  VAL A CG1 1 
ATOM   241  C  CG2 . VAL A 1 36  ? -5.006  -3.410  2.762   1.00 12.88 ? 54  VAL A CG2 1 
ATOM   242  N  N   . ARG A 1 37  ? -5.969  -8.097  2.210   1.00 13.54 ? 55  ARG A N   1 
ATOM   243  C  CA  . ARG A 1 37  ? -6.269  -9.406  2.785   1.00 14.12 ? 55  ARG A CA  1 
ATOM   244  C  C   . ARG A 1 37  ? -5.257  -9.685  3.896   1.00 14.30 ? 55  ARG A C   1 
ATOM   245  O  O   . ARG A 1 37  ? -4.056  -9.503  3.710   1.00 13.72 ? 55  ARG A O   1 
ATOM   246  C  CB  . ARG A 1 37  ? -6.272  -10.505 1.716   1.00 13.88 ? 55  ARG A CB  1 
ATOM   247  C  CG  . ARG A 1 37  ? -6.798  -11.848 2.226   1.00 14.73 ? 55  ARG A CG  1 
ATOM   248  C  CD  . ARG A 1 37  ? -6.877  -12.930 1.140   1.00 14.51 ? 55  ARG A CD  1 
ATOM   249  N  NE  . ARG A 1 37  ? -7.739  -12.545 0.020   1.00 15.46 ? 55  ARG A NE  1 
ATOM   250  C  CZ  . ARG A 1 37  ? -9.072  -12.595 0.018   1.00 16.47 ? 55  ARG A CZ  1 
ATOM   251  N  NH1 . ARG A 1 37  ? -9.755  -13.016 1.084   1.00 16.70 ? 55  ARG A NH1 1 
ATOM   252  N  NH2 . ARG A 1 37  ? -9.731  -12.215 -1.070  1.00 16.97 ? 55  ARG A NH2 1 
ATOM   253  N  N   . VAL A 1 38  ? -5.763  -10.111 5.051   1.00 14.98 ? 56  VAL A N   1 
ATOM   254  C  CA  . VAL A 1 38  ? -4.969  -10.235 6.271   1.00 15.74 ? 56  VAL A CA  1 
ATOM   255  C  C   . VAL A 1 38  ? -5.212  -11.574 6.973   1.00 16.33 ? 56  VAL A C   1 
ATOM   256  O  O   . VAL A 1 38  ? -6.348  -12.049 7.052   1.00 16.47 ? 56  VAL A O   1 
ATOM   257  C  CB  . VAL A 1 38  ? -5.293  -9.078  7.264   1.00 15.48 ? 56  VAL A CB  1 
ATOM   258  C  CG1 . VAL A 1 38  ? -4.534  -9.244  8.582   1.00 16.36 ? 56  VAL A CG1 1 
ATOM   259  C  CG2 . VAL A 1 38  ? -4.970  -7.724  6.643   1.00 15.41 ? 56  VAL A CG2 1 
ATOM   260  N  N   . ASN A 1 39  ? -4.146  -12.185 7.479   1.00 17.02 ? 57  ASN A N   1 
ATOM   261  C  CA  . ASN A 1 39  ? -4.308  -13.317 8.393   1.00 17.61 ? 57  ASN A CA  1 
ATOM   262  C  C   . ASN A 1 39  ? -3.653  -13.057 9.747   1.00 18.28 ? 57  ASN A C   1 
ATOM   263  O  O   . ASN A 1 39  ? -3.359  -11.907 10.085  1.00 18.40 ? 57  ASN A O   1 
ATOM   264  C  CB  . ASN A 1 39  ? -3.919  -14.667 7.751   1.00 17.41 ? 57  ASN A CB  1 
ATOM   265  C  CG  . ASN A 1 39  ? -2.431  -14.786 7.417   1.00 17.39 ? 57  ASN A CG  1 
ATOM   266  O  OD1 . ASN A 1 39  ? -1.576  -14.104 7.983   1.00 18.48 ? 57  ASN A OD1 1 
ATOM   267  N  ND2 . ASN A 1 39  ? -2.122  -15.684 6.490   1.00 16.74 ? 57  ASN A ND2 1 
ATOM   268  N  N   . THR A 1 40  ? -3.438  -14.118 10.524  1.00 18.97 ? 58  THR A N   1 
ATOM   269  C  CA  . THR A 1 40  ? -2.889  -14.001 11.877  1.00 19.47 ? 58  THR A CA  1 
ATOM   270  C  C   . THR A 1 40  ? -1.538  -13.279 11.912  1.00 19.43 ? 58  THR A C   1 
ATOM   271  O  O   . THR A 1 40  ? -1.251  -12.523 12.844  1.00 19.25 ? 58  THR A O   1 
ATOM   272  C  CB  . THR A 1 40  ? -2.779  -15.400 12.537  1.00 19.63 ? 58  THR A CB  1 
ATOM   273  O  OG1 . THR A 1 40  ? -4.080  -16.000 12.581  1.00 21.09 ? 58  THR A OG1 1 
ATOM   274  C  CG2 . THR A 1 40  ? -2.224  -15.315 13.952  1.00 20.09 ? 58  THR A CG2 1 
ATOM   275  N  N   . TYR A 1 41  ? -0.715  -13.497 10.891  1.00 19.28 ? 59  TYR A N   1 
ATOM   276  C  CA  . TYR A 1 41  ? 0.647   -12.983 10.914  1.00 19.52 ? 59  TYR A CA  1 
ATOM   277  C  C   . TYR A 1 41  ? 1.015   -11.996 9.810   1.00 19.29 ? 59  TYR A C   1 
ATOM   278  O  O   . TYR A 1 41  ? 1.953   -11.215 9.977   1.00 19.03 ? 59  TYR A O   1 
ATOM   279  C  CB  . TYR A 1 41  ? 1.641   -14.144 10.902  1.00 20.33 ? 59  TYR A CB  1 
ATOM   280  C  CG  . TYR A 1 41  ? 1.542   -15.044 12.115  1.00 21.49 ? 59  TYR A CG  1 
ATOM   281  C  CD1 . TYR A 1 41  ? 1.825   -14.559 13.392  1.00 22.03 ? 59  TYR A CD1 1 
ATOM   282  C  CD2 . TYR A 1 41  ? 1.168   -16.378 11.986  1.00 22.80 ? 59  TYR A CD2 1 
ATOM   283  C  CE1 . TYR A 1 41  ? 1.736   -15.380 14.508  1.00 22.11 ? 59  TYR A CE1 1 
ATOM   284  C  CE2 . TYR A 1 41  ? 1.085   -17.206 13.097  1.00 23.64 ? 59  TYR A CE2 1 
ATOM   285  C  CZ  . TYR A 1 41  ? 1.371   -16.702 14.356  1.00 22.52 ? 59  TYR A CZ  1 
ATOM   286  O  OH  . TYR A 1 41  ? 1.283   -17.525 15.466  1.00 22.45 ? 59  TYR A OH  1 
ATOM   287  N  N   . TYR A 1 42  ? 0.301   -12.042 8.686   1.00 18.39 ? 60  TYR A N   1 
ATOM   288  C  CA  . TYR A 1 42  ? 0.761   -11.354 7.477   1.00 18.20 ? 60  TYR A CA  1 
ATOM   289  C  C   . TYR A 1 42  ? -0.287  -10.536 6.744   1.00 16.96 ? 60  TYR A C   1 
ATOM   290  O  O   . TYR A 1 42  ? -1.492  -10.736 6.926   1.00 16.74 ? 60  TYR A O   1 
ATOM   291  C  CB  . TYR A 1 42  ? 1.319   -12.368 6.473   1.00 18.72 ? 60  TYR A CB  1 
ATOM   292  C  CG  . TYR A 1 42  ? 2.424   -13.238 6.992   1.00 20.16 ? 60  TYR A CG  1 
ATOM   293  C  CD1 . TYR A 1 42  ? 3.638   -12.686 7.397   1.00 21.44 ? 60  TYR A CD1 1 
ATOM   294  C  CD2 . TYR A 1 42  ? 2.267   -14.619 7.064   1.00 20.80 ? 60  TYR A CD2 1 
ATOM   295  C  CE1 . TYR A 1 42  ? 4.655   -13.481 7.874   1.00 22.28 ? 60  TYR A CE1 1 
ATOM   296  C  CE2 . TYR A 1 42  ? 3.288   -15.428 7.530   1.00 22.28 ? 60  TYR A CE2 1 
ATOM   297  C  CZ  . TYR A 1 42  ? 4.477   -14.851 7.935   1.00 22.09 ? 60  TYR A CZ  1 
ATOM   298  O  OH  . TYR A 1 42  ? 5.498   -15.643 8.402   1.00 22.66 ? 60  TYR A OH  1 
ATOM   299  N  N   . ILE A 1 43  ? 0.209   -9.621  5.906   1.00 15.92 ? 61  ILE A N   1 
ATOM   300  C  CA  . ILE A 1 43  ? -0.558  -9.055  4.798   1.00 14.91 ? 61  ILE A CA  1 
ATOM   301  C  C   . ILE A 1 43  ? -0.469  -10.060 3.646   1.00 14.53 ? 61  ILE A C   1 
ATOM   302  O  O   . ILE A 1 43  ? 0.609   -10.295 3.088   1.00 14.37 ? 61  ILE A O   1 
ATOM   303  C  CB  . ILE A 1 43  ? -0.025  -7.654  4.342   1.00 14.75 ? 61  ILE A CB  1 
ATOM   304  C  CG1 . ILE A 1 43  ? 0.059   -6.667  5.514   1.00 15.04 ? 61  ILE A CG1 1 
ATOM   305  C  CG2 . ILE A 1 43  ? -0.876  -7.080  3.188   1.00 13.31 ? 61  ILE A CG2 1 
ATOM   306  C  CD1 . ILE A 1 43  ? -1.271  -6.329  6.187   1.00 15.75 ? 61  ILE A CD1 1 
ATOM   307  N  N   . VAL A 1 44  ? -1.613  -10.651 3.313   1.00 14.16 ? 62  VAL A N   1 
ATOM   308  C  CA  . VAL A 1 44  ? -1.725  -11.740 2.339   1.00 13.69 ? 62  VAL A CA  1 
ATOM   309  C  C   . VAL A 1 44  ? -1.899  -11.231 0.903   1.00 13.52 ? 62  VAL A C   1 
ATOM   310  O  O   . VAL A 1 44  ? -1.425  -11.855 -0.051  1.00 13.23 ? 62  VAL A O   1 
ATOM   311  C  CB  . VAL A 1 44  ? -2.933  -12.665 2.699   1.00 13.61 ? 62  VAL A CB  1 
ATOM   312  C  CG1 . VAL A 1 44  ? -3.094  -13.789 1.699   1.00 13.19 ? 62  VAL A CG1 1 
ATOM   313  C  CG2 . VAL A 1 44  ? -2.776  -13.225 4.111   1.00 14.53 ? 62  VAL A CG2 1 
ATOM   314  N  N   . GLY A 1 45  ? -2.590  -10.105 0.758   1.00 13.23 ? 63  GLY A N   1 
ATOM   315  C  CA  . GLY A 1 45  ? -2.924  -9.583  -0.557  1.00 13.22 ? 63  GLY A CA  1 
ATOM   316  C  C   . GLY A 1 45  ? -3.281  -8.114  -0.531  1.00 13.49 ? 63  GLY A C   1 
ATOM   317  O  O   . GLY A 1 45  ? -3.546  -7.546  0.531   1.00 13.33 ? 63  GLY A O   1 
ATOM   318  N  N   . LEU A 1 46  ? -3.270  -7.499  -1.711  1.00 13.88 ? 64  LEU A N   1 
ATOM   319  C  CA  . LEU A 1 46  ? -3.512  -6.069  -1.846  1.00 14.20 ? 64  LEU A CA  1 
ATOM   320  C  C   . LEU A 1 46  ? -4.255  -5.770  -3.133  1.00 14.20 ? 64  LEU A C   1 
ATOM   321  O  O   . LEU A 1 46  ? -3.996  -6.373  -4.185  1.00 14.02 ? 64  LEU A O   1 
ATOM   322  C  CB  . LEU A 1 46  ? -2.190  -5.288  -1.845  1.00 14.53 ? 64  LEU A CB  1 
ATOM   323  C  CG  . LEU A 1 46  ? -1.375  -5.116  -0.565  1.00 14.94 ? 64  LEU A CG  1 
ATOM   324  C  CD1 . LEU A 1 46  ? -0.015  -4.531  -0.900  1.00 15.32 ? 64  LEU A CD1 1 
ATOM   325  C  CD2 . LEU A 1 46  ? -2.107  -4.243  0.441   1.00 15.46 ? 64  LEU A CD2 1 
ATOM   326  N  N   . GLN A 1 47  ? -5.174  -4.823  -3.039  1.00 14.29 ? 65  GLN A N   1 
ATOM   327  C  CA  . GLN A 1 47  ? -5.849  -4.281  -4.207  1.00 14.16 ? 65  GLN A CA  1 
ATOM   328  C  C   . GLN A 1 47  ? -6.075  -2.802  -3.943  1.00 13.88 ? 65  GLN A C   1 
ATOM   329  O  O   . GLN A 1 47  ? -6.390  -2.413  -2.817  1.00 13.60 ? 65  GLN A O   1 
ATOM   330  C  CB  . GLN A 1 47  ? -7.178  -4.996  -4.405  1.00 14.49 ? 65  GLN A CB  1 
ATOM   331  C  CG  . GLN A 1 47  ? -7.555  -5.202  -5.843  1.00 15.45 ? 65  GLN A CG  1 
ATOM   332  C  CD  . GLN A 1 47  ? -8.729  -6.150  -6.017  1.00 16.05 ? 65  GLN A CD  1 
ATOM   333  O  OE1 . GLN A 1 47  ? -9.344  -6.600  -5.041  1.00 16.03 ? 65  GLN A OE1 1 
ATOM   334  N  NE2 . GLN A 1 47  ? -9.049  -6.456  -7.270  1.00 16.42 ? 65  GLN A NE2 1 
ATOM   335  N  N   . VAL A 1 48  ? -5.908  -1.980  -4.975  1.00 13.56 ? 66  VAL A N   1 
ATOM   336  C  CA  . VAL A 1 48  ? -6.083  -0.533  -4.834  1.00 13.07 ? 66  VAL A CA  1 
ATOM   337  C  C   . VAL A 1 48  ? -7.020  -0.011  -5.918  1.00 13.24 ? 66  VAL A C   1 
ATOM   338  O  O   . VAL A 1 48  ? -6.923  -0.413  -7.077  1.00 12.79 ? 66  VAL A O   1 
ATOM   339  C  CB  . VAL A 1 48  ? -4.724  0.218   -4.867  1.00 12.89 ? 66  VAL A CB  1 
ATOM   340  C  CG1 . VAL A 1 48  ? -4.930  1.717   -4.681  1.00 12.30 ? 66  VAL A CG1 1 
ATOM   341  C  CG2 . VAL A 1 48  ? -3.774  -0.327  -3.788  1.00 12.87 ? 66  VAL A CG2 1 
ATOM   342  N  N   . ARG A 1 49  ? -7.934  0.872   -5.526  1.00 13.27 ? 67  ARG A N   1 
ATOM   343  C  CA  . ARG A 1 49  ? -8.901  1.440   -6.453  1.00 13.99 ? 67  ARG A CA  1 
ATOM   344  C  C   . ARG A 1 49  ? -8.386  2.793   -6.917  1.00 14.24 ? 67  ARG A C   1 
ATOM   345  O  O   . ARG A 1 49  ? -8.204  3.706   -6.104  1.00 14.03 ? 67  ARG A O   1 
ATOM   346  C  CB  . ARG A 1 49  ? -10.271 1.573   -5.783  1.00 13.51 ? 67  ARG A CB  1 
ATOM   347  C  CG  . ARG A 1 49  ? -11.454 1.772   -6.727  1.00 14.51 ? 67  ARG A CG  1 
ATOM   348  C  CD  . ARG A 1 49  ? -12.764 1.780   -5.925  1.00 14.78 ? 67  ARG A CD  1 
ATOM   349  N  NE  . ARG A 1 49  ? -13.964 1.833   -6.765  1.00 17.07 ? 67  ARG A NE  1 
ATOM   350  C  CZ  . ARG A 1 49  ? -14.738 2.904   -6.921  1.00 19.21 ? 67  ARG A CZ  1 
ATOM   351  N  NH1 . ARG A 1 49  ? -14.452 4.049   -6.307  1.00 20.17 ? 67  ARG A NH1 1 
ATOM   352  N  NH2 . ARG A 1 49  ? -15.806 2.833   -7.700  1.00 19.77 ? 67  ARG A NH2 1 
ATOM   353  N  N   . TYR A 1 50  ? -8.117  2.893   -8.221  1.00 14.67 ? 68  TYR A N   1 
ATOM   354  C  CA  . TYR A 1 50  ? -7.634  4.116   -8.840  1.00 14.75 ? 68  TYR A CA  1 
ATOM   355  C  C   . TYR A 1 50  ? -8.802  4.720   -9.615  1.00 15.89 ? 68  TYR A C   1 
ATOM   356  O  O   . TYR A 1 50  ? -9.290  4.125   -10.585 1.00 15.76 ? 68  TYR A O   1 
ATOM   357  C  CB  . TYR A 1 50  ? -6.425  3.825   -9.748  1.00 14.65 ? 68  TYR A CB  1 
ATOM   358  C  CG  . TYR A 1 50  ? -5.228  3.267   -8.991  1.00 13.74 ? 68  TYR A CG  1 
ATOM   359  C  CD1 . TYR A 1 50  ? -4.266  4.116   -8.442  1.00 14.44 ? 68  TYR A CD1 1 
ATOM   360  C  CD2 . TYR A 1 50  ? -5.084  1.893   -8.790  1.00 13.73 ? 68  TYR A CD2 1 
ATOM   361  C  CE1 . TYR A 1 50  ? -3.172  3.608   -7.734  1.00 12.81 ? 68  TYR A CE1 1 
ATOM   362  C  CE2 . TYR A 1 50  ? -4.004  1.376   -8.092  1.00 12.36 ? 68  TYR A CE2 1 
ATOM   363  C  CZ  . TYR A 1 50  ? -3.053  2.237   -7.562  1.00 13.72 ? 68  TYR A CZ  1 
ATOM   364  O  OH  . TYR A 1 50  ? -1.989  1.729   -6.855  1.00 12.72 ? 68  TYR A OH  1 
ATOM   365  N  N   . GLY A 1 51  ? -9.261  5.888   -9.169  1.00 16.04 ? 69  GLY A N   1 
ATOM   366  C  CA  . GLY A 1 51  ? -10.544 6.423   -9.610  1.00 17.11 ? 69  GLY A CA  1 
ATOM   367  C  C   . GLY A 1 51  ? -11.629 5.404   -9.301  1.00 17.61 ? 69  GLY A C   1 
ATOM   368  O  O   . GLY A 1 51  ? -11.756 4.961   -8.168  1.00 17.71 ? 69  GLY A O   1 
ATOM   369  N  N   . LYS A 1 52  ? -12.391 5.008   -10.316 1.00 18.17 ? 70  LYS A N   1 
ATOM   370  C  CA  . LYS A 1 52  ? -13.483 4.043   -10.126 1.00 18.78 ? 70  LYS A CA  1 
ATOM   371  C  C   . LYS A 1 52  ? -13.067 2.613   -10.492 1.00 18.25 ? 70  LYS A C   1 
ATOM   372  O  O   . LYS A 1 52  ? -13.912 1.723   -10.589 1.00 19.09 ? 70  LYS A O   1 
ATOM   373  C  CB  . LYS A 1 52  ? -14.731 4.475   -10.922 1.00 18.82 ? 70  LYS A CB  1 
ATOM   374  C  CG  . LYS A 1 52  ? -15.456 5.702   -10.350 1.00 20.07 ? 70  LYS A CG  1 
ATOM   375  C  CD  . LYS A 1 52  ? -16.565 6.217   -11.286 1.00 20.36 ? 70  LYS A CD  1 
ATOM   376  C  CE  . LYS A 1 52  ? -16.921 7.672   -10.965 1.00 22.94 ? 70  LYS A CE  1 
ATOM   377  N  NZ  . LYS A 1 52  ? -17.806 8.326   -12.000 1.00 26.23 ? 70  LYS A NZ  1 
ATOM   378  N  N   . VAL A 1 53  ? -11.766 2.390   -10.669 1.00 17.75 ? 71  VAL A N   1 
ATOM   379  C  CA  . VAL A 1 53  ? -11.256 1.120   -11.196 1.00 17.18 ? 71  VAL A CA  1 
ATOM   380  C  C   . VAL A 1 53  ? -10.264 0.427   -10.252 1.00 16.75 ? 71  VAL A C   1 
ATOM   381  O  O   . VAL A 1 53  ? -9.187  0.962   -9.966  1.00 16.67 ? 71  VAL A O   1 
ATOM   382  C  CB  . VAL A 1 53  ? -10.551 1.312   -12.569 1.00 17.32 ? 71  VAL A CB  1 
ATOM   383  C  CG1 . VAL A 1 53  ? -10.144 -0.027  -13.148 1.00 17.06 ? 71  VAL A CG1 1 
ATOM   384  C  CG2 . VAL A 1 53  ? -11.437 2.089   -13.562 1.00 17.37 ? 71  VAL A CG2 1 
ATOM   385  N  N   . TRP A 1 54  ? -10.612 -0.782  -9.811  1.00 16.32 ? 72  TRP A N   1 
ATOM   386  C  CA  . TRP A 1 54  ? -9.720  -1.597  -8.975  1.00 15.78 ? 72  TRP A CA  1 
ATOM   387  C  C   . TRP A 1 54  ? -8.552  -2.171  -9.765  1.00 16.22 ? 72  TRP A C   1 
ATOM   388  O  O   . TRP A 1 54  ? -8.720  -2.589  -10.909 1.00 15.95 ? 72  TRP A O   1 
ATOM   389  C  CB  . TRP A 1 54  ? -10.479 -2.762  -8.348  1.00 15.09 ? 72  TRP A CB  1 
ATOM   390  C  CG  . TRP A 1 54  ? -11.376 -2.381  -7.215  1.00 14.25 ? 72  TRP A CG  1 
ATOM   391  C  CD1 . TRP A 1 54  ? -12.728 -2.277  -7.251  1.00 12.96 ? 72  TRP A CD1 1 
ATOM   392  C  CD2 . TRP A 1 54  ? -10.981 -2.061  -5.875  1.00 14.06 ? 72  TRP A CD2 1 
ATOM   393  N  NE1 . TRP A 1 54  ? -13.209 -1.904  -6.020  1.00 13.28 ? 72  TRP A NE1 1 
ATOM   394  C  CE2 . TRP A 1 54  ? -12.156 -1.769  -5.154  1.00 13.51 ? 72  TRP A CE2 1 
ATOM   395  C  CE3 . TRP A 1 54  ? -9.746  -1.985  -5.216  1.00 13.73 ? 72  TRP A CE3 1 
ATOM   396  C  CZ2 . TRP A 1 54  ? -12.138 -1.410  -3.799  1.00 14.15 ? 72  TRP A CZ2 1 
ATOM   397  C  CZ3 . TRP A 1 54  ? -9.726  -1.631  -3.872  1.00 13.38 ? 72  TRP A CZ3 1 
ATOM   398  C  CH2 . TRP A 1 54  ? -10.915 -1.346  -3.178  1.00 13.65 ? 72  TRP A CH2 1 
ATOM   399  N  N   . SER A 1 55  ? -7.379  -2.215  -9.135  1.00 16.13 ? 73  SER A N   1 
ATOM   400  C  CA  . SER A 1 55  ? -6.212  -2.886  -9.706  1.00 16.60 ? 73  SER A CA  1 
ATOM   401  C  C   . SER A 1 55  ? -6.443  -4.400  -9.739  1.00 16.77 ? 73  SER A C   1 
ATOM   402  O  O   . SER A 1 55  ? -7.345  -4.901  -9.071  1.00 16.64 ? 73  SER A O   1 
ATOM   403  C  CB  . SER A 1 55  ? -4.968  -2.572  -8.876  1.00 16.52 ? 73  SER A CB  1 
ATOM   404  O  OG  . SER A 1 55  ? -5.115  -3.066  -7.554  1.00 15.02 ? 73  SER A OG  1 
ATOM   405  N  N   . ASP A 1 56  ? -5.651  -5.125  -10.530 1.00 17.21 ? 74  ASP A N   1 
ATOM   406  C  CA  . ASP A 1 56  ? -5.707  -6.590  -10.503 1.00 18.04 ? 74  ASP A CA  1 
ATOM   407  C  C   . ASP A 1 56  ? -5.188  -7.049  -9.150  1.00 17.73 ? 74  ASP A C   1 
ATOM   408  O  O   . ASP A 1 56  ? -4.163  -6.568  -8.682  1.00 18.02 ? 74  ASP A O   1 
ATOM   409  C  CB  . ASP A 1 56  ? -4.862  -7.208  -11.619 1.00 18.58 ? 74  ASP A CB  1 
ATOM   410  C  CG  . ASP A 1 56  ? -5.156  -8.693  -11.838 1.00 20.16 ? 74  ASP A CG  1 
ATOM   411  O  OD1 . ASP A 1 56  ? -6.136  -9.232  -11.267 1.00 21.14 ? 74  ASP A OD1 1 
ATOM   412  O  OD2 . ASP A 1 56  ? -4.393  -9.329  -12.597 1.00 21.65 ? 74  ASP A OD2 1 
ATOM   413  N  N   . TYR A 1 57  ? -5.908  -7.969  -8.521  1.00 17.59 ? 75  TYR A N   1 
ATOM   414  C  CA  . TYR A 1 57  ? -5.558  -8.417  -7.182  1.00 17.40 ? 75  TYR A CA  1 
ATOM   415  C  C   . TYR A 1 57  ? -4.176  -9.069  -7.155  1.00 17.22 ? 75  TYR A C   1 
ATOM   416  O  O   . TYR A 1 57  ? -3.841  -9.878  -8.026  1.00 17.34 ? 75  TYR A O   1 
ATOM   417  C  CB  . TYR A 1 57  ? -6.636  -9.365  -6.638  1.00 17.08 ? 75  TYR A CB  1 
ATOM   418  C  CG  . TYR A 1 57  ? -6.315  -9.951  -5.277  1.00 16.87 ? 75  TYR A CG  1 
ATOM   419  C  CD1 . TYR A 1 57  ? -6.732  -9.316  -4.105  1.00 17.07 ? 75  TYR A CD1 1 
ATOM   420  C  CD2 . TYR A 1 57  ? -5.605  -11.147 -5.162  1.00 17.30 ? 75  TYR A CD2 1 
ATOM   421  C  CE1 . TYR A 1 57  ? -6.435  -9.854  -2.846  1.00 16.23 ? 75  TYR A CE1 1 
ATOM   422  C  CE2 . TYR A 1 57  ? -5.302  -11.692 -3.914  1.00 16.25 ? 75  TYR A CE2 1 
ATOM   423  C  CZ  . TYR A 1 57  ? -5.731  -11.044 -2.765  1.00 16.85 ? 75  TYR A CZ  1 
ATOM   424  O  OH  . TYR A 1 57  ? -5.436  -11.581 -1.540  1.00 16.40 ? 75  TYR A OH  1 
ATOM   425  N  N   . VAL A 1 58  ? -3.369  -8.698  -6.166  1.00 17.23 ? 76  VAL A N   1 
ATOM   426  C  CA  . VAL A 1 58  ? -2.061  -9.328  -5.977  1.00 17.19 ? 76  VAL A CA  1 
ATOM   427  C  C   . VAL A 1 58  ? -1.976  -9.958  -4.597  1.00 17.23 ? 76  VAL A C   1 
ATOM   428  O  O   . VAL A 1 58  ? -2.524  -9.430  -3.627  1.00 17.26 ? 76  VAL A O   1 
ATOM   429  C  CB  . VAL A 1 58  ? -0.846  -8.361  -6.195  1.00 17.33 ? 76  VAL A CB  1 
ATOM   430  C  CG1 . VAL A 1 58  ? -0.699  -7.974  -7.670  1.00 17.05 ? 76  VAL A CG1 1 
ATOM   431  C  CG2 . VAL A 1 58  ? -0.928  -7.123  -5.284  1.00 16.92 ? 76  VAL A CG2 1 
ATOM   432  N  N   . GLY A 1 59  ? -1.276  -11.082 -4.522  1.00 17.17 ? 77  GLY A N   1 
ATOM   433  C  CA  . GLY A 1 59  ? -1.103  -11.796 -3.270  1.00 17.30 ? 77  GLY A CA  1 
ATOM   434  C  C   . GLY A 1 59  ? -1.840  -13.112 -3.289  1.00 17.43 ? 77  GLY A C   1 
ATOM   435  O  O   . GLY A 1 59  ? -2.203  -13.615 -4.354  1.00 17.01 ? 77  GLY A O   1 
ATOM   436  N  N   . GLY A 1 60  ? -2.072  -13.662 -2.101  1.00 17.45 ? 78  GLY A N   1 
ATOM   437  C  CA  . GLY A 1 60  ? -2.661  -14.982 -1.976  1.00 17.66 ? 78  GLY A CA  1 
ATOM   438  C  C   . GLY A 1 60  ? -4.068  -14.959 -1.436  1.00 17.93 ? 78  GLY A C   1 
ATOM   439  O  O   . GLY A 1 60  ? -4.724  -13.912 -1.397  1.00 17.78 ? 78  GLY A O   1 
ATOM   440  N  N   . ARG A 1 61  ? -4.521  -16.121 -0.990  1.00 17.90 ? 79  ARG A N   1 
ATOM   441  C  CA  . ARG A 1 61  ? -5.922  -16.303 -0.653  1.00 18.30 ? 79  ARG A CA  1 
ATOM   442  C  C   . ARG A 1 61  ? -6.177  -16.701 0.801   1.00 17.66 ? 79  ARG A C   1 
ATOM   443  O  O   . ARG A 1 61  ? -7.329  -16.766 1.240   1.00 17.48 ? 79  ARG A O   1 
ATOM   444  C  CB  . ARG A 1 61  ? -6.538  -17.309 -1.627  1.00 18.96 ? 79  ARG A CB  1 
ATOM   445  C  CG  . ARG A 1 61  ? -6.489  -16.844 -3.094  1.00 21.24 ? 79  ARG A CG  1 
ATOM   446  C  CD  . ARG A 1 61  ? -6.673  -18.000 -4.063  1.00 24.91 ? 79  ARG A CD  1 
ATOM   447  N  NE  . ARG A 1 61  ? -7.680  -18.944 -3.586  1.00 27.13 ? 79  ARG A NE  1 
ATOM   448  C  CZ  . ARG A 1 61  ? -7.804  -20.198 -4.011  1.00 28.88 ? 79  ARG A CZ  1 
ATOM   449  N  NH1 . ARG A 1 61  ? -6.988  -20.684 -4.940  1.00 29.45 ? 79  ARG A NH1 1 
ATOM   450  N  NH2 . ARG A 1 61  ? -8.751  -20.971 -3.496  1.00 29.04 ? 79  ARG A NH2 1 
ATOM   451  N  N   . ASN A 1 62  ? -5.103  -16.949 1.546   1.00 17.24 ? 80  ASN A N   1 
ATOM   452  C  CA  . ASN A 1 62  ? -5.207  -17.435 2.918   1.00 17.34 ? 80  ASN A CA  1 
ATOM   453  C  C   . ASN A 1 62  ? -5.392  -16.312 3.945   1.00 17.35 ? 80  ASN A C   1 
ATOM   454  O  O   . ASN A 1 62  ? -4.557  -16.125 4.834   1.00 17.37 ? 80  ASN A O   1 
ATOM   455  C  CB  . ASN A 1 62  ? -3.998  -18.312 3.273   1.00 17.24 ? 80  ASN A CB  1 
ATOM   456  C  CG  . ASN A 1 62  ? -4.182  -19.069 4.574   1.00 17.34 ? 80  ASN A CG  1 
ATOM   457  O  OD1 . ASN A 1 62  ? -5.303  -19.393 4.962   1.00 17.66 ? 80  ASN A OD1 1 
ATOM   458  N  ND2 . ASN A 1 62  ? -3.075  -19.353 5.259   1.00 17.36 ? 80  ASN A ND2 1 
ATOM   459  N  N   . GLY A 1 63  ? -6.488  -15.572 3.819   1.00 17.15 ? 81  GLY A N   1 
ATOM   460  C  CA  . GLY A 1 63  ? -6.786  -14.491 4.755   1.00 17.28 ? 81  GLY A CA  1 
ATOM   461  C  C   . GLY A 1 63  ? -8.141  -13.837 4.553   1.00 17.68 ? 81  GLY A C   1 
ATOM   462  O  O   . GLY A 1 63  ? -8.838  -14.107 3.570   1.00 17.15 ? 81  GLY A O   1 
ATOM   463  N  N   . ASP A 1 64  ? -8.513  -12.971 5.495   1.00 18.02 ? 82  ASP A N   1 
ATOM   464  C  CA  . ASP A 1 64  ? -9.773  -12.243 5.415   1.00 18.61 ? 82  ASP A CA  1 
ATOM   465  C  C   . ASP A 1 64  ? -9.608  -10.887 4.744   1.00 18.56 ? 82  ASP A C   1 
ATOM   466  O  O   . ASP A 1 64  ? -8.666  -10.142 5.040   1.00 17.67 ? 82  ASP A O   1 
ATOM   467  C  CB  . ASP A 1 64  ? -10.373 -12.066 6.803   1.00 19.11 ? 82  ASP A CB  1 
ATOM   468  C  CG  . ASP A 1 64  ? -10.929 -13.355 7.355   1.00 21.73 ? 82  ASP A CG  1 
ATOM   469  O  OD1 . ASP A 1 64  ? -11.976 -13.820 6.844   1.00 24.10 ? 82  ASP A OD1 1 
ATOM   470  O  OD2 . ASP A 1 64  ? -10.313 -13.901 8.298   1.00 26.04 ? 82  ASP A OD2 1 
ATOM   471  N  N   . LEU A 1 65  ? -10.543 -10.573 3.848   1.00 18.63 ? 83  LEU A N   1 
ATOM   472  C  CA  . LEU A 1 65  ? -10.493 -9.327  3.098   1.00 18.95 ? 83  LEU A CA  1 
ATOM   473  C  C   . LEU A 1 65  ? -11.042 -8.158  3.905   1.00 19.06 ? 83  LEU A C   1 
ATOM   474  O  O   . LEU A 1 65  ? -12.176 -8.195  4.401   1.00 19.25 ? 83  LEU A O   1 
ATOM   475  C  CB  . LEU A 1 65  ? -11.250 -9.453  1.772   1.00 18.99 ? 83  LEU A CB  1 
ATOM   476  C  CG  . LEU A 1 65  ? -11.008 -8.294  0.799   1.00 19.35 ? 83  LEU A CG  1 
ATOM   477  C  CD1 . LEU A 1 65  ? -9.755  -8.534  -0.042  1.00 19.78 ? 83  LEU A CD1 1 
ATOM   478  C  CD2 . LEU A 1 65  ? -12.220 -8.087  -0.082  1.00 21.00 ? 83  LEU A CD2 1 
ATOM   479  N  N   . GLU A 1 66  ? -10.218 -7.124  4.027   1.00 19.15 ? 84  GLU A N   1 
ATOM   480  C  CA  . GLU A 1 66  ? -10.600 -5.886  4.693   1.00 19.40 ? 84  GLU A CA  1 
ATOM   481  C  C   . GLU A 1 66  ? -10.596 -4.748  3.673   1.00 19.16 ? 84  GLU A C   1 
ATOM   482  O  O   . GLU A 1 66  ? -9.718  -4.675  2.805   1.00 19.08 ? 84  GLU A O   1 
ATOM   483  C  CB  . GLU A 1 66  ? -9.658  -5.611  5.872   1.00 19.34 ? 84  GLU A CB  1 
ATOM   484  C  CG  . GLU A 1 66  ? -9.796  -6.672  6.986   1.00 19.93 ? 84  GLU A CG  1 
ATOM   485  C  CD  . GLU A 1 66  ? -8.672  -6.650  8.007   1.00 20.50 ? 84  GLU A CD  1 
ATOM   486  O  OE1 . GLU A 1 66  ? -7.919  -5.657  8.075   1.00 22.47 ? 84  GLU A OE1 1 
ATOM   487  O  OE2 . GLU A 1 66  ? -8.543  -7.643  8.752   1.00 23.07 ? 84  GLU A OE2 1 
ATOM   488  N  N   . GLU A 1 67  ? -11.593 -3.878  3.764   1.00 19.02 ? 85  GLU A N   1 
ATOM   489  C  CA  . GLU A 1 67  ? -11.806 -2.861  2.741   1.00 19.14 ? 85  GLU A CA  1 
ATOM   490  C  C   . GLU A 1 67  ? -12.166 -1.511  3.344   1.00 18.94 ? 85  GLU A C   1 
ATOM   491  O  O   . GLU A 1 67  ? -13.028 -1.422  4.215   1.00 19.26 ? 85  GLU A O   1 
ATOM   492  C  CB  . GLU A 1 67  ? -12.890 -3.326  1.770   1.00 19.19 ? 85  GLU A CB  1 
ATOM   493  C  CG  . GLU A 1 67  ? -13.123 -2.406  0.582   1.00 20.12 ? 85  GLU A CG  1 
ATOM   494  C  CD  . GLU A 1 67  ? -14.270 -2.875  -0.278  1.00 22.13 ? 85  GLU A CD  1 
ATOM   495  O  OE1 . GLU A 1 67  ? -15.428 -2.844  0.197   1.00 22.73 ? 85  GLU A OE1 1 
ATOM   496  O  OE2 . GLU A 1 67  ? -14.016 -3.284  -1.427  1.00 23.29 ? 85  GLU A OE2 1 
ATOM   497  N  N   . ILE A 1 68  ? -11.494 -0.465  2.879   1.00 18.78 ? 86  ILE A N   1 
ATOM   498  C  CA  . ILE A 1 68  ? -11.780 0.900   3.315   1.00 18.54 ? 86  ILE A CA  1 
ATOM   499  C  C   . ILE A 1 68  ? -11.834 1.830   2.108   1.00 18.40 ? 86  ILE A C   1 
ATOM   500  O  O   . ILE A 1 68  ? -10.917 1.840   1.274   1.00 17.44 ? 86  ILE A O   1 
ATOM   501  C  CB  . ILE A 1 68  ? -10.735 1.444   4.325   1.00 18.62 ? 86  ILE A CB  1 
ATOM   502  C  CG1 . ILE A 1 68  ? -10.625 0.528   5.556   1.00 19.23 ? 86  ILE A CG1 1 
ATOM   503  C  CG2 . ILE A 1 68  ? -11.105 2.878   4.756   1.00 19.34 ? 86  ILE A CG2 1 
ATOM   504  C  CD1 . ILE A 1 68  ? -9.652  1.017   6.639   1.00 19.00 ? 86  ILE A CD1 1 
ATOM   505  N  N   . PHE A 1 69  ? -12.918 2.596   2.027   1.00 18.07 ? 87  PHE A N   1 
ATOM   506  C  CA  . PHE A 1 69  ? -13.051 3.641   1.026   1.00 18.58 ? 87  PHE A CA  1 
ATOM   507  C  C   . PHE A 1 69  ? -12.567 4.973   1.567   1.00 18.53 ? 87  PHE A C   1 
ATOM   508  O  O   . PHE A 1 69  ? -12.832 5.329   2.721   1.00 18.39 ? 87  PHE A O   1 
ATOM   509  C  CB  . PHE A 1 69  ? -14.499 3.761   0.556   1.00 18.65 ? 87  PHE A CB  1 
ATOM   510  C  CG  . PHE A 1 69  ? -14.851 2.798   -0.534  1.00 19.62 ? 87  PHE A CG  1 
ATOM   511  C  CD1 . PHE A 1 69  ? -14.833 3.202   -1.864  1.00 20.30 ? 87  PHE A CD1 1 
ATOM   512  C  CD2 . PHE A 1 69  ? -15.191 1.481   -0.237  1.00 19.74 ? 87  PHE A CD2 1 
ATOM   513  C  CE1 . PHE A 1 69  ? -15.149 2.310   -2.883  1.00 21.25 ? 87  PHE A CE1 1 
ATOM   514  C  CE2 . PHE A 1 69  ? -15.506 0.581   -1.250  1.00 21.26 ? 87  PHE A CE2 1 
ATOM   515  C  CZ  . PHE A 1 69  ? -15.480 0.992   -2.570  1.00 21.01 ? 87  PHE A CZ  1 
ATOM   516  N  N   . LEU A 1 70  ? -11.853 5.705   0.721   1.00 18.71 ? 88  LEU A N   1 
ATOM   517  C  CA  . LEU A 1 70  ? -11.415 7.053   1.057   1.00 19.00 ? 88  LEU A CA  1 
ATOM   518  C  C   . LEU A 1 70  ? -12.538 8.037   0.757   1.00 19.30 ? 88  LEU A C   1 
ATOM   519  O  O   . LEU A 1 70  ? -13.409 7.763   -0.078  1.00 19.14 ? 88  LEU A O   1 
ATOM   520  C  CB  . LEU A 1 70  ? -10.148 7.418   0.271   1.00 18.79 ? 88  LEU A CB  1 
ATOM   521  C  CG  . LEU A 1 70  ? -8.780  7.004   0.827   1.00 19.49 ? 88  LEU A CG  1 
ATOM   522  C  CD1 . LEU A 1 70  ? -8.710  5.530   1.198   1.00 19.65 ? 88  LEU A CD1 1 
ATOM   523  C  CD2 . LEU A 1 70  ? -7.663  7.356   -0.150  1.00 18.46 ? 88  LEU A CD2 1 
ATOM   524  N  N   . HIS A 1 71  ? -12.532 9.170   1.456   1.00 19.59 ? 89  HIS A N   1 
ATOM   525  C  CA  . HIS A 1 71  ? -13.501 10.232  1.192   1.00 19.94 ? 89  HIS A CA  1 
ATOM   526  C  C   . HIS A 1 71  ? -13.100 10.984  -0.079  1.00 19.68 ? 89  HIS A C   1 
ATOM   527  O  O   . HIS A 1 71  ? -11.920 11.010  -0.438  1.00 19.46 ? 89  HIS A O   1 
ATOM   528  C  CB  . HIS A 1 71  ? -13.603 11.212  2.372   1.00 20.05 ? 89  HIS A CB  1 
ATOM   529  C  CG  . HIS A 1 71  ? -13.928 10.563  3.685   1.00 21.40 ? 89  HIS A CG  1 
ATOM   530  N  ND1 . HIS A 1 71  ? -14.623 9.376   3.785   1.00 23.83 ? 89  HIS A ND1 1 
ATOM   531  C  CD2 . HIS A 1 71  ? -13.668 10.952  4.956   1.00 22.73 ? 89  HIS A CD2 1 
ATOM   532  C  CE1 . HIS A 1 71  ? -14.765 9.054   5.058   1.00 22.52 ? 89  HIS A CE1 1 
ATOM   533  N  NE2 . HIS A 1 71  ? -14.193 9.993   5.791   1.00 23.48 ? 89  HIS A NE2 1 
ATOM   534  N  N   . PRO A 1 72  ? -14.081 11.585  -0.777  1.00 19.81 ? 90  PRO A N   1 
ATOM   535  C  CA  . PRO A 1 72  ? -13.726 12.433  -1.914  1.00 19.66 ? 90  PRO A CA  1 
ATOM   536  C  C   . PRO A 1 72  ? -12.654 13.445  -1.515  1.00 19.36 ? 90  PRO A C   1 
ATOM   537  O  O   . PRO A 1 72  ? -12.803 14.132  -0.510  1.00 19.55 ? 90  PRO A O   1 
ATOM   538  C  CB  . PRO A 1 72  ? -15.044 13.143  -2.240  1.00 19.62 ? 90  PRO A CB  1 
ATOM   539  C  CG  . PRO A 1 72  ? -16.098 12.178  -1.809  1.00 19.95 ? 90  PRO A CG  1 
ATOM   540  C  CD  . PRO A 1 72  ? -15.542 11.515  -0.570  1.00 19.86 ? 90  PRO A CD  1 
ATOM   541  N  N   . GLY A 1 73  ? -11.567 13.496  -2.275  1.00 19.25 ? 91  GLY A N   1 
ATOM   542  C  CA  . GLY A 1 73  ? -10.487 14.459  -2.034  1.00 19.13 ? 91  GLY A CA  1 
ATOM   543  C  C   . GLY A 1 73  ? -9.562  14.136  -0.872  1.00 18.84 ? 91  GLY A C   1 
ATOM   544  O  O   . GLY A 1 73  ? -8.740  14.968  -0.468  1.00 19.00 ? 91  GLY A O   1 
ATOM   545  N  N   . GLU A 1 74  ? -9.703  12.933  -0.324  1.00 18.36 ? 92  GLU A N   1 
ATOM   546  C  CA  . GLU A 1 74  ? -8.816  12.460  0.727   1.00 17.84 ? 92  GLU A CA  1 
ATOM   547  C  C   . GLU A 1 74  ? -7.634  11.743  0.084   1.00 17.57 ? 92  GLU A C   1 
ATOM   548  O  O   . GLU A 1 74  ? -7.816  10.878  -0.779  1.00 17.57 ? 92  GLU A O   1 
ATOM   549  C  CB  . GLU A 1 74  ? -9.574  11.538  1.689   1.00 17.87 ? 92  GLU A CB  1 
ATOM   550  C  CG  . GLU A 1 74  ? -8.731  10.958  2.807   1.00 17.55 ? 92  GLU A CG  1 
ATOM   551  C  CD  . GLU A 1 74  ? -9.523  10.061  3.734   1.00 17.42 ? 92  GLU A CD  1 
ATOM   552  O  OE1 . GLU A 1 74  ? -10.413 9.334   3.247   1.00 16.26 ? 92  GLU A OE1 1 
ATOM   553  O  OE2 . GLU A 1 74  ? -9.247  10.075  4.955   1.00 18.06 ? 92  GLU A OE2 1 
ATOM   554  N  N   . SER A 1 75  ? -6.427  12.129  0.495   1.00 17.16 ? 93  SER A N   1 
ATOM   555  C  CA  . SER A 1 75  ? -5.186  11.575  -0.049  1.00 17.05 ? 93  SER A CA  1 
ATOM   556  C  C   . SER A 1 75  ? -4.307  10.994  1.055   1.00 16.42 ? 93  SER A C   1 
ATOM   557  O  O   . SER A 1 75  ? -4.335  11.464  2.197   1.00 16.42 ? 93  SER A O   1 
ATOM   558  C  CB  . SER A 1 75  ? -4.393  12.654  -0.791  1.00 17.21 ? 93  SER A CB  1 
ATOM   559  O  OG  . SER A 1 75  ? -5.174  13.322  -1.764  1.00 18.88 ? 93  SER A OG  1 
ATOM   560  N  N   . VAL A 1 76  ? -3.524  9.975   0.709   1.00 15.55 ? 94  VAL A N   1 
ATOM   561  C  CA  . VAL A 1 76  ? -2.567  9.384   1.643   1.00 15.24 ? 94  VAL A CA  1 
ATOM   562  C  C   . VAL A 1 76  ? -1.276  10.198  1.599   1.00 15.30 ? 94  VAL A C   1 
ATOM   563  O  O   . VAL A 1 76  ? -0.726  10.461  0.522   1.00 14.88 ? 94  VAL A O   1 
ATOM   564  C  CB  . VAL A 1 76  ? -2.308  7.888   1.335   1.00 15.21 ? 94  VAL A CB  1 
ATOM   565  C  CG1 . VAL A 1 76  ? -1.202  7.322   2.220   1.00 14.78 ? 94  VAL A CG1 1 
ATOM   566  C  CG2 . VAL A 1 76  ? -3.594  7.081   1.504   1.00 14.67 ? 94  VAL A CG2 1 
ATOM   567  N  N   . ILE A 1 77  ? -0.809  10.595  2.780   1.00 15.36 ? 95  ILE A N   1 
ATOM   568  C  CA  . ILE A 1 77  ? 0.303   11.532  2.907   1.00 16.15 ? 95  ILE A CA  1 
ATOM   569  C  C   . ILE A 1 77  ? 1.464   10.952  3.725   1.00 16.05 ? 95  ILE A C   1 
ATOM   570  O  O   . ILE A 1 77  ? 2.514   11.575  3.858   1.00 15.71 ? 95  ILE A O   1 
ATOM   571  C  CB  . ILE A 1 77  ? -0.170  12.900  3.498   1.00 16.13 ? 95  ILE A CB  1 
ATOM   572  C  CG1 . ILE A 1 77  ? -0.859  12.706  4.856   1.00 16.05 ? 95  ILE A CG1 1 
ATOM   573  C  CG2 . ILE A 1 77  ? -1.085  13.636  2.495   1.00 16.34 ? 95  ILE A CG2 1 
ATOM   574  C  CD1 . ILE A 1 77  ? -1.018  13.989  5.664   1.00 16.84 ? 95  ILE A CD1 1 
ATOM   575  N  N   . GLN A 1 78  ? 1.261   9.745   4.253   1.00 16.38 ? 96  GLN A N   1 
ATOM   576  C  CA  . GLN A 1 78  ? 2.258   9.047   5.061   1.00 16.71 ? 96  GLN A CA  1 
ATOM   577  C  C   . GLN A 1 78  ? 1.859   7.573   5.129   1.00 16.26 ? 96  GLN A C   1 
ATOM   578  O  O   . GLN A 1 78  ? 0.681   7.251   5.296   1.00 16.04 ? 96  GLN A O   1 
ATOM   579  C  CB  . GLN A 1 78  ? 2.310   9.660   6.469   1.00 16.91 ? 96  GLN A CB  1 
ATOM   580  C  CG  . GLN A 1 78  ? 3.309   9.043   7.446   1.00 17.98 ? 96  GLN A CG  1 
ATOM   581  C  CD  . GLN A 1 78  ? 3.240   9.680   8.834   1.00 18.24 ? 96  GLN A CD  1 
ATOM   582  O  OE1 . GLN A 1 78  ? 2.266   10.357  9.181   1.00 19.78 ? 96  GLN A OE1 1 
ATOM   583  N  NE2 . GLN A 1 78  ? 4.279   9.467   9.631   1.00 20.14 ? 96  GLN A NE2 1 
ATOM   584  N  N   . VAL A 1 79  ? 2.830   6.681   4.969   1.00 15.78 ? 97  VAL A N   1 
ATOM   585  C  CA  . VAL A 1 79  ? 2.571   5.245   5.124   1.00 15.51 ? 97  VAL A CA  1 
ATOM   586  C  C   . VAL A 1 79  ? 3.573   4.654   6.104   1.00 15.73 ? 97  VAL A C   1 
ATOM   587  O  O   . VAL A 1 79  ? 4.780   4.777   5.906   1.00 15.69 ? 97  VAL A O   1 
ATOM   588  C  CB  . VAL A 1 79  ? 2.636   4.470   3.776   1.00 15.23 ? 97  VAL A CB  1 
ATOM   589  C  CG1 . VAL A 1 79  ? 2.385   2.963   3.992   1.00 14.88 ? 97  VAL A CG1 1 
ATOM   590  C  CG2 . VAL A 1 79  ? 1.633   5.025   2.768   1.00 15.24 ? 97  VAL A CG2 1 
ATOM   591  N  N   . SER A 1 80  ? 3.072   4.027   7.169   1.00 15.92 ? 98  SER A N   1 
ATOM   592  C  CA  . SER A 1 80  ? 3.938   3.253   8.055   1.00 16.12 ? 98  SER A CA  1 
ATOM   593  C  C   . SER A 1 80  ? 3.558   1.779   7.994   1.00 16.54 ? 98  SER A C   1 
ATOM   594  O  O   . SER A 1 80  ? 2.510   1.418   7.444   1.00 16.13 ? 98  SER A O   1 
ATOM   595  C  CB  . SER A 1 80  ? 3.895   3.782   9.494   1.00 16.19 ? 98  SER A CB  1 
ATOM   596  O  OG  . SER A 1 80  ? 2.646   3.529   10.116  1.00 16.44 ? 98  SER A OG  1 
ATOM   597  N  N   . GLY A 1 81  ? 4.418   0.930   8.542   1.00 16.99 ? 99  GLY A N   1 
ATOM   598  C  CA  . GLY A 1 81  ? 4.135   -0.489  8.590   1.00 17.98 ? 99  GLY A CA  1 
ATOM   599  C  C   . GLY A 1 81  ? 5.212   -1.304  9.266   1.00 18.99 ? 99  GLY A C   1 
ATOM   600  O  O   . GLY A 1 81  ? 6.152   -0.756  9.857   1.00 18.67 ? 99  GLY A O   1 
ATOM   601  N  N   . LYS A 1 82  ? 5.056   -2.621  9.177   1.00 19.70 ? 100 LYS A N   1 
ATOM   602  C  CA  . LYS A 1 82  ? 5.993   -3.578  9.755   1.00 21.00 ? 100 LYS A CA  1 
ATOM   603  C  C   . LYS A 1 82  ? 6.136   -4.783  8.840   1.00 21.54 ? 100 LYS A C   1 
ATOM   604  O  O   . LYS A 1 82  ? 5.200   -5.135  8.124   1.00 21.75 ? 100 LYS A O   1 
ATOM   605  C  CB  . LYS A 1 82  ? 5.530   -4.025  11.145  1.00 21.02 ? 100 LYS A CB  1 
ATOM   606  C  CG  . LYS A 1 82  ? 5.318   -2.883  12.117  1.00 22.69 ? 100 LYS A CG  1 
ATOM   607  C  CD  . LYS A 1 82  ? 5.667   -3.255  13.540  1.00 24.91 ? 100 LYS A CD  1 
ATOM   608  C  CE  . LYS A 1 82  ? 5.732   -2.006  14.406  1.00 26.85 ? 100 LYS A CE  1 
ATOM   609  N  NZ  . LYS A 1 82  ? 4.404   -1.318  14.488  1.00 27.65 ? 100 LYS A NZ  1 
ATOM   610  N  N   . TYR A 1 83  ? 7.311   -5.407  8.866   1.00 22.40 ? 101 TYR A N   1 
ATOM   611  C  CA  . TYR A 1 83  ? 7.605   -6.562  8.022   1.00 23.27 ? 101 TYR A CA  1 
ATOM   612  C  C   . TYR A 1 83  ? 8.658   -7.492  8.642   1.00 24.07 ? 101 TYR A C   1 
ATOM   613  O  O   . TYR A 1 83  ? 9.377   -7.106  9.568   1.00 24.08 ? 101 TYR A O   1 
ATOM   614  C  CB  . TYR A 1 83  ? 8.065   -6.104  6.631   1.00 23.13 ? 101 TYR A CB  1 
ATOM   615  C  CG  . TYR A 1 83  ? 9.358   -5.307  6.624   1.00 23.31 ? 101 TYR A CG  1 
ATOM   616  C  CD1 . TYR A 1 83  ? 10.598  -5.950  6.556   1.00 23.36 ? 101 TYR A CD1 1 
ATOM   617  C  CD2 . TYR A 1 83  ? 9.339   -3.912  6.676   1.00 22.92 ? 101 TYR A CD2 1 
ATOM   618  C  CE1 . TYR A 1 83  ? 11.783  -5.228  6.551   1.00 23.22 ? 101 TYR A CE1 1 
ATOM   619  C  CE2 . TYR A 1 83  ? 10.522  -3.180  6.671   1.00 23.27 ? 101 TYR A CE2 1 
ATOM   620  C  CZ  . TYR A 1 83  ? 11.736  -3.845  6.604   1.00 23.18 ? 101 TYR A CZ  1 
ATOM   621  O  OH  . TYR A 1 83  ? 12.906  -3.130  6.594   1.00 23.68 ? 101 TYR A OH  1 
ATOM   622  N  N   . LYS A 1 84  ? 8.735   -8.713  8.113   1.00 25.00 ? 102 LYS A N   1 
ATOM   623  C  CA  . LYS A 1 84  ? 9.815   -9.662  8.417   1.00 26.10 ? 102 LYS A CA  1 
ATOM   624  C  C   . LYS A 1 84  ? 10.452  -10.114 7.104   1.00 26.25 ? 102 LYS A C   1 
ATOM   625  O  O   . LYS A 1 84  ? 11.204  -9.367  6.479   1.00 27.01 ? 102 LYS A O   1 
ATOM   626  C  CB  . LYS A 1 84  ? 9.290   -10.867 9.208   1.00 26.26 ? 102 LYS A CB  1 
ATOM   627  C  CG  . LYS A 1 84  ? 8.076   -11.572 8.581   1.00 27.73 ? 102 LYS A CG  1 
ATOM   628  C  CD  . LYS A 1 84  ? 7.969   -13.024 9.019   1.00 29.47 ? 102 LYS A CD  1 
ATOM   629  C  CE  . LYS A 1 84  ? 8.514   -13.987 7.987   1.00 30.31 ? 102 LYS A CE  1 
ATOM   630  N  NZ  . LYS A 1 84  ? 8.568   -15.408 8.478   1.00 32.36 ? 102 LYS A NZ  1 
ATOM   631  N  N   . TRP A 1 85  ? 10.152  -11.343 6.699   1.00 26.37 ? 103 TRP A N   1 
ATOM   632  C  CA  . TRP A 1 85  ? 10.425  -11.806 5.348   1.00 26.10 ? 103 TRP A CA  1 
ATOM   633  C  C   . TRP A 1 85  ? 9.243   -11.408 4.475   1.00 25.18 ? 103 TRP A C   1 
ATOM   634  O  O   . TRP A 1 85  ? 9.377   -11.280 3.256   1.00 25.25 ? 103 TRP A O   1 
ATOM   635  C  CB  . TRP A 1 85  ? 10.647  -13.324 5.331   1.00 27.05 ? 103 TRP A CB  1 
ATOM   636  C  CG  . TRP A 1 85  ? 11.816  -13.730 6.177   1.00 27.91 ? 103 TRP A CG  1 
ATOM   637  C  CD1 . TRP A 1 85  ? 11.780  -14.195 7.463   1.00 29.00 ? 103 TRP A CD1 1 
ATOM   638  C  CD2 . TRP A 1 85  ? 13.200  -13.668 5.811   1.00 28.75 ? 103 TRP A CD2 1 
ATOM   639  N  NE1 . TRP A 1 85  ? 13.056  -14.439 7.915   1.00 29.51 ? 103 TRP A NE1 1 
ATOM   640  C  CE2 . TRP A 1 85  ? 13.946  -14.127 6.920   1.00 29.11 ? 103 TRP A CE2 1 
ATOM   641  C  CE3 . TRP A 1 85  ? 13.882  -13.284 4.646   1.00 28.93 ? 103 TRP A CE3 1 
ATOM   642  C  CZ2 . TRP A 1 85  ? 15.344  -14.208 6.902   1.00 29.17 ? 103 TRP A CZ2 1 
ATOM   643  C  CZ3 . TRP A 1 85  ? 15.268  -13.365 4.629   1.00 29.08 ? 103 TRP A CZ3 1 
ATOM   644  C  CH2 . TRP A 1 85  ? 15.985  -13.824 5.754   1.00 28.88 ? 103 TRP A CH2 1 
ATOM   645  N  N   . TYR A 1 86  ? 8.095   -11.205 5.126   1.00 24.07 ? 104 TYR A N   1 
ATOM   646  C  CA  . TYR A 1 86  ? 6.864   -10.763 4.471   1.00 22.90 ? 104 TYR A CA  1 
ATOM   647  C  C   . TYR A 1 86  ? 6.241   -9.564  5.200   1.00 22.14 ? 104 TYR A C   1 
ATOM   648  O  O   . TYR A 1 86  ? 6.535   -9.310  6.374   1.00 22.01 ? 104 TYR A O   1 
ATOM   649  C  CB  . TYR A 1 86  ? 5.851   -11.913 4.382   1.00 22.87 ? 104 TYR A CB  1 
ATOM   650  C  CG  . TYR A 1 86  ? 6.462   -13.252 4.012   1.00 22.49 ? 104 TYR A CG  1 
ATOM   651  C  CD1 . TYR A 1 86  ? 6.894   -13.510 2.714   1.00 22.15 ? 104 TYR A CD1 1 
ATOM   652  C  CD2 . TYR A 1 86  ? 6.611   -14.258 4.969   1.00 22.57 ? 104 TYR A CD2 1 
ATOM   653  C  CE1 . TYR A 1 86  ? 7.462   -14.738 2.374   1.00 22.51 ? 104 TYR A CE1 1 
ATOM   654  C  CE2 . TYR A 1 86  ? 7.172   -15.494 4.638   1.00 22.17 ? 104 TYR A CE2 1 
ATOM   655  C  CZ  . TYR A 1 86  ? 7.598   -15.723 3.342   1.00 22.67 ? 104 TYR A CZ  1 
ATOM   656  O  OH  . TYR A 1 86  ? 8.156   -16.939 3.002   1.00 23.64 ? 104 TYR A OH  1 
ATOM   657  N  N   . LEU A 1 87  ? 5.375   -8.841  4.496   1.00 20.93 ? 105 LEU A N   1 
ATOM   658  C  CA  . LEU A 1 87  ? 4.699   -7.671  5.049   1.00 20.14 ? 105 LEU A CA  1 
ATOM   659  C  C   . LEU A 1 87  ? 3.676   -8.080  6.108   1.00 19.73 ? 105 LEU A C   1 
ATOM   660  O  O   . LEU A 1 87  ? 2.928   -9.038  5.912   1.00 19.73 ? 105 LEU A O   1 
ATOM   661  C  CB  . LEU A 1 87  ? 4.021   -6.883  3.920   1.00 19.88 ? 105 LEU A CB  1 
ATOM   662  C  CG  . LEU A 1 87  ? 3.500   -5.468  4.196   1.00 19.73 ? 105 LEU A CG  1 
ATOM   663  C  CD1 . LEU A 1 87  ? 4.619   -4.503  4.585   1.00 16.38 ? 105 LEU A CD1 1 
ATOM   664  C  CD2 . LEU A 1 87  ? 2.761   -4.961  2.967   1.00 19.92 ? 105 LEU A CD2 1 
ATOM   665  N  N   . LYS A 1 88  ? 3.646   -7.351  7.224   1.00 19.19 ? 106 LYS A N   1 
ATOM   666  C  CA  . LYS A 1 88  ? 2.806   -7.719  8.361   1.00 19.09 ? 106 LYS A CA  1 
ATOM   667  C  C   . LYS A 1 88  ? 1.767   -6.664  8.763   1.00 18.66 ? 106 LYS A C   1 
ATOM   668  O  O   . LYS A 1 88  ? 0.658   -7.006  9.201   1.00 18.50 ? 106 LYS A O   1 
ATOM   669  C  CB  . LYS A 1 88  ? 3.681   -8.083  9.565   1.00 19.49 ? 106 LYS A CB  1 
ATOM   670  C  CG  . LYS A 1 88  ? 4.632   -9.250  9.300   1.00 19.64 ? 106 LYS A CG  1 
ATOM   671  C  CD  . LYS A 1 88  ? 5.565   -9.515  10.483  1.00 19.98 ? 106 LYS A CD  1 
ATOM   672  C  CE  . LYS A 1 88  ? 4.800   -9.973  11.718  1.00 22.38 ? 106 LYS A CE  1 
ATOM   673  N  NZ  . LYS A 1 88  ? 4.155   -11.309 11.515  1.00 23.00 ? 106 LYS A NZ  1 
ATOM   674  N  N   . LYS A 1 89  ? 2.136   -5.390  8.636   1.00 17.52 ? 107 LYS A N   1 
ATOM   675  C  CA  . LYS A 1 89  ? 1.244   -4.296  8.983   1.00 16.91 ? 107 LYS A CA  1 
ATOM   676  C  C   . LYS A 1 89  ? 1.401   -3.130  8.010   1.00 16.03 ? 107 LYS A C   1 
ATOM   677  O  O   . LYS A 1 89  ? 2.492   -2.888  7.493   1.00 15.38 ? 107 LYS A O   1 
ATOM   678  C  CB  . LYS A 1 89  ? 1.493   -3.817  10.419  1.00 16.97 ? 107 LYS A CB  1 
ATOM   679  C  CG  . LYS A 1 89  ? 0.373   -2.930  10.960  1.00 17.74 ? 107 LYS A CG  1 
ATOM   680  C  CD  . LYS A 1 89  ? 0.650   -2.402  12.358  1.00 17.84 ? 107 LYS A CD  1 
ATOM   681  C  CE  . LYS A 1 89  ? -0.500  -1.520  12.816  1.00 19.39 ? 107 LYS A CE  1 
ATOM   682  N  NZ  . LYS A 1 89  ? -0.422  -1.158  14.269  1.00 20.70 ? 107 LYS A NZ  1 
ATOM   683  N  N   . LEU A 1 90  ? 0.296   -2.431  7.761   1.00 15.32 ? 108 LEU A N   1 
ATOM   684  C  CA  . LEU A 1 90  ? 0.300   -1.187  6.995   1.00 15.04 ? 108 LEU A CA  1 
ATOM   685  C  C   . LEU A 1 90  ? -0.635  -0.193  7.655   1.00 15.10 ? 108 LEU A C   1 
ATOM   686  O  O   . LEU A 1 90  ? -1.737  -0.554  8.080   1.00 15.02 ? 108 LEU A O   1 
ATOM   687  C  CB  . LEU A 1 90  ? -0.178  -1.422  5.561   1.00 15.14 ? 108 LEU A CB  1 
ATOM   688  C  CG  . LEU A 1 90  ? 0.708   -2.156  4.554   1.00 14.78 ? 108 LEU A CG  1 
ATOM   689  C  CD1 . LEU A 1 90  ? -0.120  -2.537  3.342   1.00 14.30 ? 108 LEU A CD1 1 
ATOM   690  C  CD2 . LEU A 1 90  ? 1.923   -1.308  4.147   1.00 14.63 ? 108 LEU A CD2 1 
ATOM   691  N  N   . VAL A 1 91  ? -0.189  1.054   7.745   1.00 14.75 ? 109 VAL A N   1 
ATOM   692  C  CA  . VAL A 1 91  ? -1.040  2.146   8.188   1.00 14.74 ? 109 VAL A CA  1 
ATOM   693  C  C   . VAL A 1 91  ? -0.925  3.286   7.183   1.00 14.79 ? 109 VAL A C   1 
ATOM   694  O  O   . VAL A 1 91  ? 0.163   3.833   6.965   1.00 15.04 ? 109 VAL A O   1 
ATOM   695  C  CB  . VAL A 1 91  ? -0.685  2.650   9.617   1.00 14.66 ? 109 VAL A CB  1 
ATOM   696  C  CG1 . VAL A 1 91  ? -1.716  3.670   10.094  1.00 14.54 ? 109 VAL A CG1 1 
ATOM   697  C  CG2 . VAL A 1 91  ? -0.592  1.487   10.612  1.00 14.77 ? 109 VAL A CG2 1 
ATOM   698  N  N   . PHE A 1 92  ? -2.053  3.619   6.562   1.00 14.68 ? 110 PHE A N   1 
ATOM   699  C  CA  . PHE A 1 92  ? -2.127  4.705   5.597   1.00 14.74 ? 110 PHE A CA  1 
ATOM   700  C  C   . PHE A 1 92  ? -2.677  5.918   6.325   1.00 14.99 ? 110 PHE A C   1 
ATOM   701  O  O   . PHE A 1 92  ? -3.801  5.880   6.830   1.00 15.07 ? 110 PHE A O   1 
ATOM   702  C  CB  . PHE A 1 92  ? -3.057  4.332   4.436   1.00 14.64 ? 110 PHE A CB  1 
ATOM   703  C  CG  . PHE A 1 92  ? -2.600  3.135   3.643   1.00 14.57 ? 110 PHE A CG  1 
ATOM   704  C  CD1 . PHE A 1 92  ? -1.839  3.301   2.488   1.00 13.16 ? 110 PHE A CD1 1 
ATOM   705  C  CD2 . PHE A 1 92  ? -2.943  1.843   4.042   1.00 14.45 ? 110 PHE A CD2 1 
ATOM   706  C  CE1 . PHE A 1 92  ? -1.416  2.202   1.747   1.00 14.19 ? 110 PHE A CE1 1 
ATOM   707  C  CE2 . PHE A 1 92  ? -2.523  0.732   3.306   1.00 14.94 ? 110 PHE A CE2 1 
ATOM   708  C  CZ  . PHE A 1 92  ? -1.756  0.912   2.157   1.00 14.65 ? 110 PHE A CZ  1 
ATOM   709  N  N   . VAL A 1 93  ? -1.874  6.978   6.399   1.00 14.87 ? 111 VAL A N   1 
ATOM   710  C  CA  . VAL A 1 93  ? -2.271  8.211   7.073   1.00 15.02 ? 111 VAL A CA  1 
ATOM   711  C  C   . VAL A 1 93  ? -2.721  9.205   6.009   1.00 15.22 ? 111 VAL A C   1 
ATOM   712  O  O   . VAL A 1 93  ? -2.000  9.458   5.038   1.00 14.80 ? 111 VAL A O   1 
ATOM   713  C  CB  . VAL A 1 93  ? -1.112  8.819   7.914   1.00 15.05 ? 111 VAL A CB  1 
ATOM   714  C  CG1 . VAL A 1 93  ? -1.590  10.036  8.704   1.00 14.57 ? 111 VAL A CG1 1 
ATOM   715  C  CG2 . VAL A 1 93  ? -0.505  7.764   8.850   1.00 14.60 ? 111 VAL A CG2 1 
ATOM   716  N  N   . THR A 1 94  ? -3.912  9.768   6.194   1.00 15.45 ? 112 THR A N   1 
ATOM   717  C  CA  . THR A 1 94  ? -4.500  10.659  5.195   1.00 16.02 ? 112 THR A CA  1 
ATOM   718  C  C   . THR A 1 94  ? -4.447  12.131  5.606   1.00 16.82 ? 112 THR A C   1 
ATOM   719  O  O   . THR A 1 94  ? -4.207  12.454  6.769   1.00 17.20 ? 112 THR A O   1 
ATOM   720  C  CB  . THR A 1 94  ? -5.961  10.269  4.847   1.00 15.79 ? 112 THR A CB  1 
ATOM   721  O  OG1 . THR A 1 94  ? -6.860  10.818  5.819   1.00 15.35 ? 112 THR A OG1 1 
ATOM   722  C  CG2 . THR A 1 94  ? -6.134  8.743   4.774   1.00 15.86 ? 112 THR A CG2 1 
ATOM   723  N  N   . ASP A 1 95  ? -4.684  13.019  4.644   1.00 17.77 ? 113 ASP A N   1 
ATOM   724  C  CA  . ASP A 1 95  ? -4.734  14.457  4.910   1.00 18.95 ? 113 ASP A CA  1 
ATOM   725  C  C   . ASP A 1 95  ? -6.063  14.903  5.546   1.00 19.50 ? 113 ASP A C   1 
ATOM   726  O  O   . ASP A 1 95  ? -6.281  16.098  5.788   1.00 20.06 ? 113 ASP A O   1 
ATOM   727  C  CB  . ASP A 1 95  ? -4.418  15.262  3.637   1.00 18.82 ? 113 ASP A CB  1 
ATOM   728  C  CG  . ASP A 1 95  ? -5.339  14.931  2.472   1.00 19.69 ? 113 ASP A CG  1 
ATOM   729  O  OD1 . ASP A 1 95  ? -6.290  14.130  2.628   1.00 19.26 ? 113 ASP A OD1 1 
ATOM   730  O  OD2 . ASP A 1 95  ? -5.110  15.493  1.379   1.00 20.90 ? 113 ASP A OD2 1 
ATOM   731  N  N   . LYS A 1 96  ? -6.946  13.940  5.803   1.00 19.81 ? 114 LYS A N   1 
ATOM   732  C  CA  . LYS A 1 96  ? -8.156  14.193  6.586   1.00 20.29 ? 114 LYS A CA  1 
ATOM   733  C  C   . LYS A 1 96  ? -7.987  13.687  8.023   1.00 19.88 ? 114 LYS A C   1 
ATOM   734  O  O   . LYS A 1 96  ? -8.950  13.606  8.785   1.00 20.33 ? 114 LYS A O   1 
ATOM   735  C  CB  . LYS A 1 96  ? -9.391  13.569  5.918   1.00 20.47 ? 114 LYS A CB  1 
ATOM   736  C  CG  . LYS A 1 96  ? -9.706  14.113  4.521   1.00 22.85 ? 114 LYS A CG  1 
ATOM   737  C  CD  . LYS A 1 96  ? -9.899  15.633  4.507   1.00 25.32 ? 114 LYS A CD  1 
ATOM   738  C  CE  . LYS A 1 96  ? -9.927  16.180  3.076   1.00 27.46 ? 114 LYS A CE  1 
ATOM   739  N  NZ  . LYS A 1 96  ? -11.187 15.818  2.352   1.00 28.86 ? 114 LYS A NZ  1 
ATOM   740  N  N   . GLY A 1 97  ? -6.748  13.351  8.375   1.00 19.45 ? 115 GLY A N   1 
ATOM   741  C  CA  . GLY A 1 97  ? -6.388  12.932  9.725   1.00 18.89 ? 115 GLY A CA  1 
ATOM   742  C  C   . GLY A 1 97  ? -6.787  11.519  10.099  1.00 18.45 ? 115 GLY A C   1 
ATOM   743  O  O   . GLY A 1 97  ? -6.832  11.190  11.281  1.00 18.10 ? 115 GLY A O   1 
ATOM   744  N  N   . ARG A 1 98  ? -7.075  10.680  9.100   1.00 18.21 ? 116 ARG A N   1 
ATOM   745  C  CA  . ARG A 1 98  ? -7.433  9.280   9.350   1.00 18.08 ? 116 ARG A CA  1 
ATOM   746  C  C   . ARG A 1 98  ? -6.219  8.358   9.272   1.00 18.36 ? 116 ARG A C   1 
ATOM   747  O  O   . ARG A 1 98  ? -5.311  8.561   8.451   1.00 18.40 ? 116 ARG A O   1 
ATOM   748  C  CB  . ARG A 1 98  ? -8.526  8.785   8.387   1.00 17.99 ? 116 ARG A CB  1 
ATOM   749  C  CG  . ARG A 1 98  ? -9.838  9.573   8.433   1.00 17.77 ? 116 ARG A CG  1 
ATOM   750  C  CD  . ARG A 1 98  ? -11.016 8.717   7.979   1.00 17.50 ? 116 ARG A CD  1 
ATOM   751  N  NE  . ARG A 1 98  ? -10.970 8.385   6.553   1.00 16.09 ? 116 ARG A NE  1 
ATOM   752  C  CZ  . ARG A 1 98  ? -11.651 7.391   5.991   1.00 16.58 ? 116 ARG A CZ  1 
ATOM   753  N  NH1 . ARG A 1 98  ? -12.435 6.608   6.729   1.00 16.62 ? 116 ARG A NH1 1 
ATOM   754  N  NH2 . ARG A 1 98  ? -11.552 7.175   4.685   1.00 15.78 ? 116 ARG A NH2 1 
ATOM   755  N  N   . TYR A 1 99  ? -6.221  7.343   10.131  1.00 18.49 ? 117 TYR A N   1 
ATOM   756  C  CA  . TYR A 1 99  ? -5.160  6.346   10.183  1.00 18.60 ? 117 TYR A CA  1 
ATOM   757  C  C   . TYR A 1 99  ? -5.775  5.002   9.817   1.00 18.38 ? 117 TYR A C   1 
ATOM   758  O  O   . TYR A 1 99  ? -6.460  4.364   10.632  1.00 17.93 ? 117 TYR A O   1 
ATOM   759  C  CB  . TYR A 1 99  ? -4.522  6.302   11.576  1.00 19.07 ? 117 TYR A CB  1 
ATOM   760  C  CG  . TYR A 1 99  ? -3.743  7.553   11.924  1.00 19.98 ? 117 TYR A CG  1 
ATOM   761  C  CD1 . TYR A 1 99  ? -2.354  7.528   12.008  1.00 21.12 ? 117 TYR A CD1 1 
ATOM   762  C  CD2 . TYR A 1 99  ? -4.396  8.762   12.157  1.00 20.41 ? 117 TYR A CD2 1 
ATOM   763  C  CE1 . TYR A 1 99  ? -1.633  8.681   12.316  1.00 21.28 ? 117 TYR A CE1 1 
ATOM   764  C  CE2 . TYR A 1 99  ? -3.689  9.912   12.463  1.00 21.18 ? 117 TYR A CE2 1 
ATOM   765  C  CZ  . TYR A 1 99  ? -2.313  9.865   12.541  1.00 20.82 ? 117 TYR A CZ  1 
ATOM   766  O  OH  . TYR A 1 99  ? -1.623  11.010  12.852  1.00 21.64 ? 117 TYR A OH  1 
ATOM   767  N  N   . LEU A 1 100 ? -5.553  4.598   8.570   1.00 18.22 ? 118 LEU A N   1 
ATOM   768  C  CA  . LEU A 1 100 ? -6.162  3.392   8.031   1.00 18.10 ? 118 LEU A CA  1 
ATOM   769  C  C   . LEU A 1 100 ? -5.225  2.199   8.207   1.00 18.41 ? 118 LEU A C   1 
ATOM   770  O  O   . LEU A 1 100 ? -4.271  2.003   7.437   1.00 18.04 ? 118 LEU A O   1 
ATOM   771  C  CB  . LEU A 1 100 ? -6.578  3.602   6.568   1.00 18.03 ? 118 LEU A CB  1 
ATOM   772  C  CG  . LEU A 1 100 ? -7.394  4.870   6.278   1.00 17.88 ? 118 LEU A CG  1 
ATOM   773  C  CD1 . LEU A 1 100 ? -7.689  5.000   4.790   1.00 17.76 ? 118 LEU A CD1 1 
ATOM   774  C  CD2 . LEU A 1 100 ? -8.692  4.931   7.109   1.00 17.33 ? 118 LEU A CD2 1 
ATOM   775  N  N   . SER A 1 101 ? -5.515  1.402   9.234   1.00 18.46 ? 119 SER A N   1 
ATOM   776  C  CA  . SER A 1 101 ? -4.595  0.381   9.709   1.00 18.91 ? 119 SER A CA  1 
ATOM   777  C  C   . SER A 1 101 ? -5.024  -1.030  9.315   1.00 19.15 ? 119 SER A C   1 
ATOM   778  O  O   . SER A 1 101 ? -6.207  -1.374  9.400   1.00 19.23 ? 119 SER A O   1 
ATOM   779  C  CB  . SER A 1 101 ? -4.444  0.487   11.230  1.00 18.83 ? 119 SER A CB  1 
ATOM   780  O  OG  . SER A 1 101 ? -3.447  -0.397  11.705  1.00 20.41 ? 119 SER A OG  1 
ATOM   781  N  N   . PHE A 1 102 ? -4.049  -1.830  8.889   1.00 19.37 ? 120 PHE A N   1 
ATOM   782  C  CA  . PHE A 1 102 ? -4.263  -3.221  8.489   1.00 19.87 ? 120 PHE A CA  1 
ATOM   783  C  C   . PHE A 1 102 ? -3.140  -4.104  9.018   1.00 20.56 ? 120 PHE A C   1 
ATOM   784  O  O   . PHE A 1 102 ? -1.955  -3.818  8.799   1.00 20.43 ? 120 PHE A O   1 
ATOM   785  C  CB  . PHE A 1 102 ? -4.322  -3.366  6.961   1.00 19.45 ? 120 PHE A CB  1 
ATOM   786  C  CG  . PHE A 1 102 ? -5.331  -2.469  6.288   1.00 19.52 ? 120 PHE A CG  1 
ATOM   787  C  CD1 . PHE A 1 102 ? -6.640  -2.904  6.075   1.00 19.25 ? 120 PHE A CD1 1 
ATOM   788  C  CD2 . PHE A 1 102 ? -4.968  -1.199  5.845   1.00 18.70 ? 120 PHE A CD2 1 
ATOM   789  C  CE1 . PHE A 1 102 ? -7.571  -2.083  5.445   1.00 18.53 ? 120 PHE A CE1 1 
ATOM   790  C  CE2 . PHE A 1 102 ? -5.890  -0.370  5.219   1.00 18.37 ? 120 PHE A CE2 1 
ATOM   791  C  CZ  . PHE A 1 102 ? -7.195  -0.814  5.016   1.00 18.76 ? 120 PHE A CZ  1 
ATOM   792  N  N   . GLY A 1 103 ? -3.511  -5.178  9.707   1.00 21.30 ? 121 GLY A N   1 
ATOM   793  C  CA  . GLY A 1 103 ? -2.549  -6.192  10.123  1.00 22.61 ? 121 GLY A CA  1 
ATOM   794  C  C   . GLY A 1 103 ? -2.132  -6.129  11.579  1.00 23.64 ? 121 GLY A C   1 
ATOM   795  O  O   . GLY A 1 103 ? -2.745  -5.428  12.384  1.00 23.67 ? 121 GLY A O   1 
ATOM   796  N  N   . LYS A 1 104 ? -1.065  -6.852  11.898  1.00 24.88 ? 122 LYS A N   1 
ATOM   797  C  CA  . LYS A 1 104 ? -0.651  -7.081  13.278  1.00 26.36 ? 122 LYS A CA  1 
ATOM   798  C  C   . LYS A 1 104 ? 0.649   -6.347  13.631  1.00 26.68 ? 122 LYS A C   1 
ATOM   799  O  O   . LYS A 1 104 ? 1.603   -6.338  12.851  1.00 26.64 ? 122 LYS A O   1 
ATOM   800  C  CB  . LYS A 1 104 ? -0.517  -8.587  13.541  1.00 26.59 ? 122 LYS A CB  1 
ATOM   801  C  CG  . LYS A 1 104 ? -1.777  -9.420  13.226  1.00 28.64 ? 122 LYS A CG  1 
ATOM   802  C  CD  . LYS A 1 104 ? -2.702  -9.556  14.428  1.00 31.08 ? 122 LYS A CD  1 
ATOM   803  C  CE  . LYS A 1 104 ? -3.676  -10.725 14.271  1.00 32.58 ? 122 LYS A CE  1 
ATOM   804  N  NZ  . LYS A 1 104 ? -4.887  -10.366 13.470  1.00 33.76 ? 122 LYS A NZ  1 
ATOM   805  N  N   . ASP A 1 105 ? 0.662   -5.740  14.818  1.00 27.49 ? 123 ASP A N   1 
ATOM   806  C  CA  . ASP A 1 105 ? 1.774   -4.921  15.306  1.00 28.18 ? 123 ASP A CA  1 
ATOM   807  C  C   . ASP A 1 105 ? 2.981   -5.772  15.714  1.00 28.16 ? 123 ASP A C   1 
ATOM   808  O  O   . ASP A 1 105 ? 3.162   -6.092  16.895  1.00 28.73 ? 123 ASP A O   1 
ATOM   809  C  CB  . ASP A 1 105 ? 1.294   -4.058  16.489  1.00 28.83 ? 123 ASP A CB  1 
ATOM   810  C  CG  . ASP A 1 105 ? 2.322   -3.028  16.934  1.00 30.46 ? 123 ASP A CG  1 
ATOM   811  O  OD1 . ASP A 1 105 ? 3.364   -2.878  16.263  1.00 32.95 ? 123 ASP A OD1 1 
ATOM   812  O  OD2 . ASP A 1 105 ? 2.086   -2.358  17.967  1.00 32.10 ? 123 ASP A OD2 1 
ATOM   813  N  N   . SER A 1 106 ? 3.804   -6.131  14.733  1.00 27.73 ? 124 SER A N   1 
ATOM   814  C  CA  . SER A 1 106 ? 4.958   -6.995  14.960  1.00 27.47 ? 124 SER A CA  1 
ATOM   815  C  C   . SER A 1 106 ? 5.954   -6.932  13.801  1.00 26.93 ? 124 SER A C   1 
ATOM   816  O  O   . SER A 1 106 ? 5.561   -6.879  12.637  1.00 26.82 ? 124 SER A O   1 
ATOM   817  C  CB  . SER A 1 106 ? 4.498   -8.442  15.177  1.00 27.72 ? 124 SER A CB  1 
ATOM   818  O  OG  . SER A 1 106 ? 5.588   -9.289  15.512  1.00 29.18 ? 124 SER A OG  1 
ATOM   819  N  N   . GLY A 1 107 ? 7.245   -6.941  14.131  1.00 26.32 ? 125 GLY A N   1 
ATOM   820  C  CA  . GLY A 1 107 ? 8.305   -6.969  13.122  1.00 25.49 ? 125 GLY A CA  1 
ATOM   821  C  C   . GLY A 1 107 ? 9.055   -5.655  12.980  1.00 24.78 ? 125 GLY A C   1 
ATOM   822  O  O   . GLY A 1 107 ? 8.899   -4.753  13.805  1.00 25.05 ? 125 GLY A O   1 
ATOM   823  N  N   . THR A 1 108 ? 9.872   -5.565  11.931  1.00 24.11 ? 126 THR A N   1 
ATOM   824  C  CA  . THR A 1 108 ? 10.655  -4.369  11.622  1.00 23.54 ? 126 THR A CA  1 
ATOM   825  C  C   . THR A 1 108 ? 9.741   -3.229  11.169  1.00 22.95 ? 126 THR A C   1 
ATOM   826  O  O   . THR A 1 108 ? 9.006   -3.382  10.189  1.00 22.58 ? 126 THR A O   1 
ATOM   827  C  CB  . THR A 1 108 ? 11.673  -4.656  10.489  1.00 23.70 ? 126 THR A CB  1 
ATOM   828  O  OG1 . THR A 1 108 ? 12.437  -5.829  10.803  1.00 24.79 ? 126 THR A OG1 1 
ATOM   829  C  CG2 . THR A 1 108 ? 12.613  -3.478  10.290  1.00 23.17 ? 126 THR A CG2 1 
ATOM   830  N  N   . SER A 1 109 ? 9.798   -2.088  11.863  1.00 22.12 ? 127 SER A N   1 
ATOM   831  C  CA  . SER A 1 109 ? 8.966   -0.937  11.490  1.00 21.32 ? 127 SER A CA  1 
ATOM   832  C  C   . SER A 1 109 ? 9.579   -0.067  10.388  1.00 20.40 ? 127 SER A C   1 
ATOM   833  O  O   . SER A 1 109 ? 10.801  0.018   10.241  1.00 20.28 ? 127 SER A O   1 
ATOM   834  C  CB  . SER A 1 109 ? 8.549   -0.096  12.713  1.00 21.46 ? 127 SER A CB  1 
ATOM   835  O  OG  . SER A 1 109 ? 9.641   0.578   13.314  1.00 23.22 ? 127 SER A OG  1 
ATOM   836  N  N   . PHE A 1 110 ? 8.711   0.544   9.590   1.00 19.24 ? 128 PHE A N   1 
ATOM   837  C  CA  . PHE A 1 110 ? 9.132   1.535   8.602   1.00 18.45 ? 128 PHE A CA  1 
ATOM   838  C  C   . PHE A 1 110 ? 8.157   2.692   8.590   1.00 18.07 ? 128 PHE A C   1 
ATOM   839  O  O   . PHE A 1 110 ? 7.020   2.561   9.048   1.00 17.67 ? 128 PHE A O   1 
ATOM   840  C  CB  . PHE A 1 110 ? 9.301   0.925   7.197   1.00 18.38 ? 128 PHE A CB  1 
ATOM   841  C  CG  . PHE A 1 110 ? 7.999   0.605   6.491   1.00 17.99 ? 128 PHE A CG  1 
ATOM   842  C  CD1 . PHE A 1 110 ? 7.334   1.582   5.741   1.00 16.41 ? 128 PHE A CD1 1 
ATOM   843  C  CD2 . PHE A 1 110 ? 7.451   -0.671  6.563   1.00 17.24 ? 128 PHE A CD2 1 
ATOM   844  C  CE1 . PHE A 1 110 ? 6.137   1.293   5.088   1.00 16.81 ? 128 PHE A CE1 1 
ATOM   845  C  CE2 . PHE A 1 110 ? 6.252   -0.975  5.904   1.00 16.87 ? 128 PHE A CE2 1 
ATOM   846  C  CZ  . PHE A 1 110 ? 5.595   0.009   5.170   1.00 17.64 ? 128 PHE A CZ  1 
ATOM   847  N  N   . ASN A 1 111 ? 8.616   3.825   8.067   1.00 17.72 ? 129 ASN A N   1 
ATOM   848  C  CA  . ASN A 1 111 ? 7.806   5.026   7.972   1.00 17.46 ? 129 ASN A CA  1 
ATOM   849  C  C   . ASN A 1 111 ? 8.183   5.799   6.704   1.00 17.19 ? 129 ASN A C   1 
ATOM   850  O  O   . ASN A 1 111 ? 9.283   6.351   6.592   1.00 17.06 ? 129 ASN A O   1 
ATOM   851  C  CB  . ASN A 1 111 ? 7.955   5.878   9.243   1.00 17.85 ? 129 ASN A CB  1 
ATOM   852  C  CG  . ASN A 1 111 ? 6.949   7.014   9.315   1.00 18.45 ? 129 ASN A CG  1 
ATOM   853  O  OD1 . ASN A 1 111 ? 7.050   7.994   8.583   1.00 20.99 ? 129 ASN A OD1 1 
ATOM   854  N  ND2 . ASN A 1 111 ? 5.990   6.898   10.220  1.00 20.95 ? 129 ASN A ND2 1 
ATOM   855  N  N   . ALA A 1 112 ? 7.263   5.794   5.742   1.00 16.27 ? 130 ALA A N   1 
ATOM   856  C  CA  . ALA A 1 112 ? 7.474   6.421   4.449   1.00 16.22 ? 130 ALA A CA  1 
ATOM   857  C  C   . ALA A 1 112 ? 6.729   7.749   4.347   1.00 15.88 ? 130 ALA A C   1 
ATOM   858  O  O   . ALA A 1 112 ? 5.515   7.807   4.567   1.00 15.61 ? 130 ALA A O   1 
ATOM   859  C  CB  . ALA A 1 112 ? 7.040   5.470   3.333   1.00 16.11 ? 130 ALA A CB  1 
ATOM   860  N  N   . VAL A 1 113 ? 7.471   8.816   4.048   1.00 15.93 ? 131 VAL A N   1 
ATOM   861  C  CA  . VAL A 1 113 ? 6.886   10.124  3.730   1.00 15.87 ? 131 VAL A CA  1 
ATOM   862  C  C   . VAL A 1 113 ? 7.418   10.655  2.382   1.00 15.97 ? 131 VAL A C   1 
ATOM   863  O  O   . VAL A 1 113 ? 8.520   10.292  1.957   1.00 15.50 ? 131 VAL A O   1 
ATOM   864  C  CB  . VAL A 1 113 ? 7.054   11.181  4.879   1.00 16.25 ? 131 VAL A CB  1 
ATOM   865  C  CG1 . VAL A 1 113 ? 6.346   10.719  6.173   1.00 15.70 ? 131 VAL A CG1 1 
ATOM   866  C  CG2 . VAL A 1 113 ? 8.520   11.511  5.143   1.00 16.78 ? 131 VAL A CG2 1 
ATOM   867  N  N   . PRO A 1 114 ? 6.625   11.494  1.690   1.00 15.87 ? 132 PRO A N   1 
ATOM   868  C  CA  . PRO A 1 114 ? 7.074   11.999  0.391   1.00 15.98 ? 132 PRO A CA  1 
ATOM   869  C  C   . PRO A 1 114 ? 8.250   12.983  0.476   1.00 16.28 ? 132 PRO A C   1 
ATOM   870  O  O   . PRO A 1 114 ? 8.325   13.782  1.411   1.00 16.32 ? 132 PRO A O   1 
ATOM   871  C  CB  . PRO A 1 114 ? 5.826   12.695  -0.168  1.00 15.81 ? 132 PRO A CB  1 
ATOM   872  C  CG  . PRO A 1 114 ? 5.023   13.068  1.023   1.00 15.55 ? 132 PRO A CG  1 
ATOM   873  C  CD  . PRO A 1 114 ? 5.281   11.996  2.046   1.00 15.88 ? 132 PRO A CD  1 
ATOM   874  N  N   . LEU A 1 115 ? 9.145   12.912  -0.508  1.00 16.47 ? 133 LEU A N   1 
ATOM   875  C  CA  . LEU A 1 115 ? 10.330  13.771  -0.576  1.00 17.13 ? 133 LEU A CA  1 
ATOM   876  C  C   . LEU A 1 115 ? 9.979   15.215  -0.930  1.00 16.98 ? 133 LEU A C   1 
ATOM   877  O  O   . LEU A 1 115 ? 10.419  16.152  -0.260  1.00 16.57 ? 133 LEU A O   1 
ATOM   878  C  CB  . LEU A 1 115 ? 11.306  13.227  -1.630  1.00 17.41 ? 133 LEU A CB  1 
ATOM   879  C  CG  . LEU A 1 115 ? 12.819  13.483  -1.599  1.00 18.97 ? 133 LEU A CG  1 
ATOM   880  C  CD1 . LEU A 1 115 ? 13.398  13.226  -2.985  1.00 20.53 ? 133 LEU A CD1 1 
ATOM   881  C  CD2 . LEU A 1 115 ? 13.229  14.865  -1.117  1.00 20.30 ? 133 LEU A CD2 1 
ATOM   882  N  N   . HIS A 1 116 ? 9.187   15.379  -1.987  1.00 16.97 ? 134 HIS A N   1 
ATOM   883  C  CA  . HIS A 1 116 ? 8.954   16.689  -2.591  1.00 16.89 ? 134 HIS A CA  1 
ATOM   884  C  C   . HIS A 1 116 ? 7.695   17.388  -2.075  1.00 16.79 ? 134 HIS A C   1 
ATOM   885  O  O   . HIS A 1 116 ? 6.811   16.732  -1.508  1.00 16.68 ? 134 HIS A O   1 
ATOM   886  C  CB  . HIS A 1 116 ? 8.954   16.562  -4.116  1.00 17.38 ? 134 HIS A CB  1 
ATOM   887  C  CG  . HIS A 1 116 ? 10.237  16.026  -4.671  1.00 18.51 ? 134 HIS A CG  1 
ATOM   888  N  ND1 . HIS A 1 116 ? 11.442  16.681  -4.527  1.00 20.75 ? 134 HIS A ND1 1 
ATOM   889  C  CD2 . HIS A 1 116 ? 10.507  14.894  -5.362  1.00 19.76 ? 134 HIS A CD2 1 
ATOM   890  C  CE1 . HIS A 1 116 ? 12.397  15.980  -5.111  1.00 20.88 ? 134 HIS A CE1 1 
ATOM   891  N  NE2 . HIS A 1 116 ? 11.855  14.890  -5.624  1.00 20.59 ? 134 HIS A NE2 1 
ATOM   892  N  N   . PRO A 1 117 ? 7.623   18.731  -2.233  1.00 16.25 ? 135 PRO A N   1 
ATOM   893  C  CA  . PRO A 1 117 ? 6.479   19.493  -1.723  1.00 15.98 ? 135 PRO A CA  1 
ATOM   894  C  C   . PRO A 1 117 ? 5.129   19.090  -2.305  1.00 16.07 ? 135 PRO A C   1 
ATOM   895  O  O   . PRO A 1 117 ? 5.016   18.828  -3.503  1.00 15.75 ? 135 PRO A O   1 
ATOM   896  C  CB  . PRO A 1 117 ? 6.810   20.940  -2.119  1.00 15.93 ? 135 PRO A CB  1 
ATOM   897  C  CG  . PRO A 1 117 ? 8.277   20.965  -2.277  1.00 15.89 ? 135 PRO A CG  1 
ATOM   898  C  CD  . PRO A 1 117 ? 8.629   19.618  -2.843  1.00 16.10 ? 135 PRO A CD  1 
ATOM   899  N  N   . ASN A 1 118 ? 4.121   19.033  -1.435  1.00 16.06 ? 136 ASN A N   1 
ATOM   900  C  CA  . ASN A 1 118 ? 2.724   18.914  -1.846  1.00 16.13 ? 136 ASN A CA  1 
ATOM   901  C  C   . ASN A 1 118 ? 2.446   17.687  -2.720  1.00 16.06 ? 136 ASN A C   1 
ATOM   902  O  O   . ASN A 1 118 ? 1.727   17.772  -3.723  1.00 16.38 ? 136 ASN A O   1 
ATOM   903  C  CB  . ASN A 1 118 ? 2.274   20.207  -2.552  1.00 16.38 ? 136 ASN A CB  1 
ATOM   904  C  CG  . ASN A 1 118 ? 2.671   21.464  -1.785  1.00 16.49 ? 136 ASN A CG  1 
ATOM   905  O  OD1 . ASN A 1 118 ? 3.292   22.378  -2.337  1.00 19.33 ? 136 ASN A OD1 1 
ATOM   906  N  ND2 . ASN A 1 118 ? 2.330   21.507  -0.510  1.00 15.84 ? 136 ASN A ND2 1 
ATOM   907  N  N   . THR A 1 119 ? 3.024   16.554  -2.341  1.00 15.48 ? 137 THR A N   1 
ATOM   908  C  CA  . THR A 1 119 ? 2.810   15.313  -3.077  1.00 15.32 ? 137 THR A CA  1 
ATOM   909  C  C   . THR A 1 119 ? 2.118   14.289  -2.196  1.00 15.37 ? 137 THR A C   1 
ATOM   910  O  O   . THR A 1 119 ? 2.201   14.353  -0.967  1.00 15.39 ? 137 THR A O   1 
ATOM   911  C  CB  . THR A 1 119 ? 4.111   14.731  -3.697  1.00 15.18 ? 137 THR A CB  1 
ATOM   912  O  OG1 . THR A 1 119 ? 5.087   14.492  -2.681  1.00 15.74 ? 137 THR A OG1 1 
ATOM   913  C  CG2 . THR A 1 119 ? 4.688   15.683  -4.757  1.00 14.80 ? 137 THR A CG2 1 
ATOM   914  N  N   . VAL A 1 120 ? 1.406   13.369  -2.836  1.00 14.96 ? 138 VAL A N   1 
ATOM   915  C  CA  . VAL A 1 120 ? 0.618   12.368  -2.129  1.00 14.80 ? 138 VAL A CA  1 
ATOM   916  C  C   . VAL A 1 120 ? 0.871   11.005  -2.756  1.00 14.69 ? 138 VAL A C   1 
ATOM   917  O  O   . VAL A 1 120 ? 1.557   10.906  -3.777  1.00 14.56 ? 138 VAL A O   1 
ATOM   918  C  CB  . VAL A 1 120 ? -0.901  12.693  -2.156  1.00 15.03 ? 138 VAL A CB  1 
ATOM   919  C  CG1 . VAL A 1 120 ? -1.194  14.032  -1.471  1.00 15.61 ? 138 VAL A CG1 1 
ATOM   920  C  CG2 . VAL A 1 120 ? -1.450  12.669  -3.584  1.00 14.11 ? 138 VAL A CG2 1 
ATOM   921  N  N   . LEU A 1 121 ? 0.325   9.960   -2.143  1.00 14.34 ? 139 LEU A N   1 
ATOM   922  C  CA  . LEU A 1 121 ? 0.470   8.614   -2.674  1.00 14.33 ? 139 LEU A CA  1 
ATOM   923  C  C   . LEU A 1 121 ? -0.329  8.481   -3.971  1.00 14.35 ? 139 LEU A C   1 
ATOM   924  O  O   . LEU A 1 121 ? -1.557  8.646   -3.978  1.00 14.60 ? 139 LEU A O   1 
ATOM   925  C  CB  . LEU A 1 121 ? 0.015   7.562   -1.649  1.00 14.09 ? 139 LEU A CB  1 
ATOM   926  C  CG  . LEU A 1 121 ? 0.294   6.104   -2.027  1.00 14.27 ? 139 LEU A CG  1 
ATOM   927  C  CD1 . LEU A 1 121 ? 1.800   5.832   -2.097  1.00 13.48 ? 139 LEU A CD1 1 
ATOM   928  C  CD2 . LEU A 1 121 ? -0.390  5.146   -1.076  1.00 14.42 ? 139 LEU A CD2 1 
ATOM   929  N  N   . ARG A 1 122 ? 0.375   8.194   -5.062  1.00 14.20 ? 140 ARG A N   1 
ATOM   930  C  CA  . ARG A 1 122 ? -0.262  8.028   -6.367  1.00 14.38 ? 140 ARG A CA  1 
ATOM   931  C  C   . ARG A 1 122 ? -0.392  6.576   -6.817  1.00 14.24 ? 140 ARG A C   1 
ATOM   932  O  O   . ARG A 1 122 ? -1.335  6.227   -7.530  1.00 14.30 ? 140 ARG A O   1 
ATOM   933  C  CB  . ARG A 1 122 ? 0.443   8.871   -7.431  1.00 14.52 ? 140 ARG A CB  1 
ATOM   934  C  CG  . ARG A 1 122 ? 0.170   10.368  -7.290  1.00 14.94 ? 140 ARG A CG  1 
ATOM   935  C  CD  . ARG A 1 122 ? -1.314  10.659  -7.134  1.00 15.45 ? 140 ARG A CD  1 
ATOM   936  N  NE  . ARG A 1 122 ? -1.601  12.091  -7.106  1.00 17.72 ? 140 ARG A NE  1 
ATOM   937  C  CZ  . ARG A 1 122 ? -2.718  12.628  -6.617  1.00 18.38 ? 140 ARG A CZ  1 
ATOM   938  N  NH1 . ARG A 1 122 ? -3.673  11.863  -6.097  1.00 18.37 ? 140 ARG A NH1 1 
ATOM   939  N  NH2 . ARG A 1 122 ? -2.880  13.943  -6.650  1.00 20.06 ? 140 ARG A NH2 1 
ATOM   940  N  N   . PHE A 1 123 ? 0.548   5.734   -6.399  1.00 14.05 ? 141 PHE A N   1 
ATOM   941  C  CA  . PHE A 1 123 ? 0.427   4.293   -6.627  1.00 13.88 ? 141 PHE A CA  1 
ATOM   942  C  C   . PHE A 1 123 ? 1.410   3.494   -5.791  1.00 13.82 ? 141 PHE A C   1 
ATOM   943  O  O   . PHE A 1 123 ? 2.345   4.047   -5.213  1.00 13.67 ? 141 PHE A O   1 
ATOM   944  C  CB  . PHE A 1 123 ? 0.543   3.931   -8.122  1.00 13.62 ? 141 PHE A CB  1 
ATOM   945  C  CG  . PHE A 1 123 ? 1.925   4.099   -8.703  1.00 13.56 ? 141 PHE A CG  1 
ATOM   946  C  CD1 . PHE A 1 123 ? 2.795   3.016   -8.783  1.00 13.29 ? 141 PHE A CD1 1 
ATOM   947  C  CD2 . PHE A 1 123 ? 2.340   5.329   -9.208  1.00 13.62 ? 141 PHE A CD2 1 
ATOM   948  C  CE1 . PHE A 1 123 ? 4.071   3.155   -9.343  1.00 13.14 ? 141 PHE A CE1 1 
ATOM   949  C  CE2 . PHE A 1 123 ? 3.616   5.481   -9.763  1.00 14.14 ? 141 PHE A CE2 1 
ATOM   950  C  CZ  . PHE A 1 123 ? 4.479   4.394   -9.830  1.00 13.62 ? 141 PHE A CZ  1 
ATOM   951  N  N   . ILE A 1 124 ? 1.180   2.186   -5.731  1.00 13.65 ? 142 ILE A N   1 
ATOM   952  C  CA  . ILE A 1 124 ? 2.072   1.287   -5.016  1.00 13.92 ? 142 ILE A CA  1 
ATOM   953  C  C   . ILE A 1 124 ? 2.711   0.267   -5.958  1.00 13.97 ? 142 ILE A C   1 
ATOM   954  O  O   . ILE A 1 124 ? 2.226   0.021   -7.064  1.00 14.06 ? 142 ILE A O   1 
ATOM   955  C  CB  . ILE A 1 124 ? 1.360   0.548   -3.841  1.00 13.85 ? 142 ILE A CB  1 
ATOM   956  C  CG1 . ILE A 1 124 ? 0.305   -0.437  -4.364  1.00 13.88 ? 142 ILE A CG1 1 
ATOM   957  C  CG2 . ILE A 1 124 ? 0.783   1.554   -2.833  1.00 13.00 ? 142 ILE A CG2 1 
ATOM   958  C  CD1 . ILE A 1 124 ? -0.128  -1.499  -3.349  1.00 14.26 ? 142 ILE A CD1 1 
ATOM   959  N  N   . SER A 1 125 ? 3.814   -0.307  -5.506  1.00 14.46 ? 143 SER A N   1 
ATOM   960  C  CA  . SER A 1 125 ? 4.423   -1.442  -6.167  1.00 15.05 ? 143 SER A CA  1 
ATOM   961  C  C   . SER A 1 125 ? 4.900   -2.381  -5.064  1.00 15.46 ? 143 SER A C   1 
ATOM   962  O  O   . SER A 1 125 ? 4.610   -2.152  -3.888  1.00 15.02 ? 143 SER A O   1 
ATOM   963  C  CB  . SER A 1 125 ? 5.581   -0.985  -7.057  1.00 15.19 ? 143 SER A CB  1 
ATOM   964  O  OG  . SER A 1 125 ? 6.568   -0.316  -6.295  1.00 15.82 ? 143 SER A OG  1 
ATOM   965  N  N   . GLY A 1 126 ? 5.613   -3.437  -5.437  1.00 16.04 ? 144 GLY A N   1 
ATOM   966  C  CA  . GLY A 1 126 ? 6.185   -4.352  -4.453  1.00 16.93 ? 144 GLY A CA  1 
ATOM   967  C  C   . GLY A 1 126 ? 6.407   -5.728  -5.030  1.00 17.79 ? 144 GLY A C   1 
ATOM   968  O  O   . GLY A 1 126 ? 6.552   -5.880  -6.247  1.00 17.98 ? 144 GLY A O   1 
ATOM   969  N  N   . ARG A 1 127 ? 6.437   -6.724  -4.144  1.00 18.43 ? 145 ARG A N   1 
ATOM   970  C  CA  . ARG A 1 127 ? 6.616   -8.123  -4.514  1.00 19.26 ? 145 ARG A CA  1 
ATOM   971  C  C   . ARG A 1 127 ? 5.510   -8.955  -3.875  1.00 18.87 ? 145 ARG A C   1 
ATOM   972  O  O   . ARG A 1 127 ? 5.095   -8.670  -2.748  1.00 18.88 ? 145 ARG A O   1 
ATOM   973  C  CB  . ARG A 1 127 ? 7.974   -8.641  -4.029  1.00 19.10 ? 145 ARG A CB  1 
ATOM   974  C  CG  . ARG A 1 127 ? 9.174   -7.733  -4.338  1.00 21.16 ? 145 ARG A CG  1 
ATOM   975  C  CD  . ARG A 1 127 ? 10.500  -8.473  -4.172  1.00 21.29 ? 145 ARG A CD  1 
ATOM   976  N  NE  . ARG A 1 127 ? 10.587  -9.583  -5.121  1.00 27.38 ? 145 ARG A NE  1 
ATOM   977  C  CZ  . ARG A 1 127 ? 11.391  -9.626  -6.181  1.00 29.16 ? 145 ARG A CZ  1 
ATOM   978  N  NH1 . ARG A 1 127 ? 12.225  -8.629  -6.443  1.00 30.44 ? 145 ARG A NH1 1 
ATOM   979  N  NH2 . ARG A 1 127 ? 11.368  -10.687 -6.975  1.00 30.57 ? 145 ARG A NH2 1 
ATOM   980  N  N   . SER A 1 128 ? 5.042   -9.987  -4.574  1.00 18.59 ? 146 SER A N   1 
ATOM   981  C  CA  . SER A 1 128 ? 4.009   -10.865 -4.014  1.00 18.60 ? 146 SER A CA  1 
ATOM   982  C  C   . SER A 1 128 ? 4.087   -12.313 -4.503  1.00 18.52 ? 146 SER A C   1 
ATOM   983  O  O   . SER A 1 128 ? 4.728   -12.609 -5.516  1.00 18.45 ? 146 SER A O   1 
ATOM   984  C  CB  . SER A 1 128 ? 2.606   -10.296 -4.267  1.00 18.21 ? 146 SER A CB  1 
ATOM   985  O  OG  . SER A 1 128 ? 2.198   -10.520 -5.600  1.00 18.85 ? 146 SER A OG  1 
ATOM   986  N  N   . GLY A 1 129 ? 3.424   -13.195 -3.758  1.00 18.09 ? 147 GLY A N   1 
ATOM   987  C  CA  . GLY A 1 129 ? 3.273   -14.610 -4.107  1.00 17.94 ? 147 GLY A CA  1 
ATOM   988  C  C   . GLY A 1 129 ? 1.991   -15.097 -3.458  1.00 17.89 ? 147 GLY A C   1 
ATOM   989  O  O   . GLY A 1 129 ? 0.898   -14.690 -3.854  1.00 17.49 ? 147 GLY A O   1 
ATOM   990  N  N   . SER A 1 130 ? 2.122   -15.954 -2.449  1.00 17.75 ? 148 SER A N   1 
ATOM   991  C  CA  . SER A 1 130 ? 0.978   -16.342 -1.621  1.00 17.45 ? 148 SER A CA  1 
ATOM   992  C  C   . SER A 1 130 ? 0.690   -15.268 -0.561  1.00 16.88 ? 148 SER A C   1 
ATOM   993  O  O   . SER A 1 130 ? -0.381  -15.262 0.053   1.00 16.49 ? 148 SER A O   1 
ATOM   994  C  CB  . SER A 1 130 ? 1.201   -17.719 -0.981  1.00 18.05 ? 148 SER A CB  1 
ATOM   995  O  OG  . SER A 1 130 ? 2.354   -17.723 -0.151  1.00 20.09 ? 148 SER A OG  1 
ATOM   996  N  N   . LEU A 1 131 ? 1.654   -14.362 -0.376  1.00 16.21 ? 149 LEU A N   1 
ATOM   997  C  CA  . LEU A 1 131 ? 1.550   -13.220 0.538   1.00 15.72 ? 149 LEU A CA  1 
ATOM   998  C  C   . LEU A 1 131 ? 2.104   -11.972 -0.142  1.00 15.50 ? 149 LEU A C   1 
ATOM   999  O  O   . LEU A 1 131 ? 2.528   -12.025 -1.295  1.00 15.22 ? 149 LEU A O   1 
ATOM   1000 C  CB  . LEU A 1 131 ? 2.358   -13.485 1.816   1.00 15.60 ? 149 LEU A CB  1 
ATOM   1001 C  CG  . LEU A 1 131 ? 2.135   -14.805 2.569   1.00 15.97 ? 149 LEU A CG  1 
ATOM   1002 C  CD1 . LEU A 1 131 ? 3.243   -15.035 3.587   1.00 16.40 ? 149 LEU A CD1 1 
ATOM   1003 C  CD2 . LEU A 1 131 ? 0.763   -14.859 3.224   1.00 15.75 ? 149 LEU A CD2 1 
ATOM   1004 N  N   . ILE A 1 132 ? 2.115   -10.853 0.577   1.00 15.33 ? 150 ILE A N   1 
ATOM   1005 C  CA  . ILE A 1 132 ? 2.843   -9.676  0.120   1.00 15.21 ? 150 ILE A CA  1 
ATOM   1006 C  C   . ILE A 1 132 ? 4.254   -9.717  0.717   1.00 15.58 ? 150 ILE A C   1 
ATOM   1007 O  O   . ILE A 1 132 ? 4.435   -9.551  1.922   1.00 15.89 ? 150 ILE A O   1 
ATOM   1008 C  CB  . ILE A 1 132 ? 2.120   -8.343  0.475   1.00 15.13 ? 150 ILE A CB  1 
ATOM   1009 C  CG1 . ILE A 1 132 ? 0.690   -8.310  -0.101  1.00 14.17 ? 150 ILE A CG1 1 
ATOM   1010 C  CG2 . ILE A 1 132 ? 2.960   -7.126  0.006   1.00 14.70 ? 150 ILE A CG2 1 
ATOM   1011 C  CD1 . ILE A 1 132 ? 0.581   -8.549  -1.618  1.00 14.27 ? 150 ILE A CD1 1 
ATOM   1012 N  N   . ASP A 1 133 ? 5.243   -9.956  -0.137  1.00 15.98 ? 151 ASP A N   1 
ATOM   1013 C  CA  . ASP A 1 133 ? 6.643   -10.046 0.287   1.00 16.26 ? 151 ASP A CA  1 
ATOM   1014 C  C   . ASP A 1 133 ? 7.259   -8.685  0.590   1.00 16.20 ? 151 ASP A C   1 
ATOM   1015 O  O   . ASP A 1 133 ? 8.075   -8.557  1.504   1.00 16.63 ? 151 ASP A O   1 
ATOM   1016 C  CB  . ASP A 1 133 ? 7.480   -10.741 -0.786  1.00 16.58 ? 151 ASP A CB  1 
ATOM   1017 C  CG  . ASP A 1 133 ? 7.074   -12.182 -1.006  1.00 18.50 ? 151 ASP A CG  1 
ATOM   1018 O  OD1 . ASP A 1 133 ? 7.750   -13.081 -0.449  1.00 20.48 ? 151 ASP A OD1 1 
ATOM   1019 O  OD2 . ASP A 1 133 ? 6.091   -12.421 -1.738  1.00 19.13 ? 151 ASP A OD2 1 
ATOM   1020 N  N   . ALA A 1 134 ? 6.875   -7.676  -0.192  1.00 15.77 ? 152 ALA A N   1 
ATOM   1021 C  CA  . ALA A 1 134 ? 7.433   -6.334  -0.071  1.00 15.55 ? 152 ALA A CA  1 
ATOM   1022 C  C   . ALA A 1 134 ? 6.468   -5.305  -0.648  1.00 15.49 ? 152 ALA A C   1 
ATOM   1023 O  O   . ALA A 1 134 ? 5.610   -5.639  -1.471  1.00 15.41 ? 152 ALA A O   1 
ATOM   1024 C  CB  . ALA A 1 134 ? 8.799   -6.244  -0.784  1.00 15.48 ? 152 ALA A CB  1 
ATOM   1025 N  N   . ILE A 1 135 ? 6.622   -4.056  -0.212  1.00 15.45 ? 153 ILE A N   1 
ATOM   1026 C  CA  . ILE A 1 135 ? 5.806   -2.952  -0.706  1.00 15.23 ? 153 ILE A CA  1 
ATOM   1027 C  C   . ILE A 1 135 ? 6.671   -1.709  -0.932  1.00 14.95 ? 153 ILE A C   1 
ATOM   1028 O  O   . ILE A 1 135 ? 7.622   -1.448  -0.191  1.00 14.58 ? 153 ILE A O   1 
ATOM   1029 C  CB  . ILE A 1 135 ? 4.605   -2.642  0.249   1.00 15.18 ? 153 ILE A CB  1 
ATOM   1030 C  CG1 . ILE A 1 135 ? 3.578   -1.727  -0.439  1.00 15.89 ? 153 ILE A CG1 1 
ATOM   1031 C  CG2 . ILE A 1 135 ? 5.092   -2.075  1.596   1.00 15.84 ? 153 ILE A CG2 1 
ATOM   1032 C  CD1 . ILE A 1 135 ? 2.205   -1.666  0.241   1.00 15.16 ? 153 ILE A CD1 1 
ATOM   1033 N  N   . GLY A 1 136 ? 6.336   -0.972  -1.982  1.00 15.01 ? 154 GLY A N   1 
ATOM   1034 C  CA  . GLY A 1 136 ? 6.976   0.300   -2.291  1.00 14.60 ? 154 GLY A CA  1 
ATOM   1035 C  C   . GLY A 1 136 ? 5.904   1.341   -2.540  1.00 14.53 ? 154 GLY A C   1 
ATOM   1036 O  O   . GLY A 1 136 ? 4.842   1.026   -3.077  1.00 14.32 ? 154 GLY A O   1 
ATOM   1037 N  N   . LEU A 1 137 ? 6.186   2.584   -2.150  1.00 14.30 ? 155 LEU A N   1 
ATOM   1038 C  CA  . LEU A 1 137 ? 5.206   3.657   -2.209  1.00 14.46 ? 155 LEU A CA  1 
ATOM   1039 C  C   . LEU A 1 137 ? 5.696   4.721   -3.172  1.00 14.48 ? 155 LEU A C   1 
ATOM   1040 O  O   . LEU A 1 137 ? 6.837   5.160   -3.072  1.00 14.42 ? 155 LEU A O   1 
ATOM   1041 C  CB  . LEU A 1 137 ? 4.977   4.276   -0.815  1.00 14.70 ? 155 LEU A CB  1 
ATOM   1042 C  CG  . LEU A 1 137 ? 4.434   3.482   0.389   1.00 15.13 ? 155 LEU A CG  1 
ATOM   1043 C  CD1 . LEU A 1 137 ? 3.238   2.593   0.021   1.00 15.26 ? 155 LEU A CD1 1 
ATOM   1044 C  CD2 . LEU A 1 137 ? 5.511   2.663   1.075   1.00 16.58 ? 155 LEU A CD2 1 
ATOM   1045 N  N   . HIS A 1 138 ? 4.835   5.125   -4.101  1.00 14.27 ? 156 HIS A N   1 
ATOM   1046 C  CA  . HIS A 1 138 ? 5.201   6.127   -5.100  1.00 14.27 ? 156 HIS A CA  1 
ATOM   1047 C  C   . HIS A 1 138 ? 4.389   7.401   -4.929  1.00 13.98 ? 156 HIS A C   1 
ATOM   1048 O  O   . HIS A 1 138 ? 3.159   7.377   -4.988  1.00 13.80 ? 156 HIS A O   1 
ATOM   1049 C  CB  . HIS A 1 138 ? 5.030   5.568   -6.513  1.00 14.09 ? 156 HIS A CB  1 
ATOM   1050 C  CG  . HIS A 1 138 ? 5.838   4.335   -6.775  1.00 14.34 ? 156 HIS A CG  1 
ATOM   1051 N  ND1 . HIS A 1 138 ? 7.007   4.354   -7.503  1.00 13.85 ? 156 HIS A ND1 1 
ATOM   1052 C  CD2 . HIS A 1 138 ? 5.647   3.047   -6.401  1.00 13.30 ? 156 HIS A CD2 1 
ATOM   1053 C  CE1 . HIS A 1 138 ? 7.500   3.129   -7.575  1.00 14.33 ? 156 HIS A CE1 1 
ATOM   1054 N  NE2 . HIS A 1 138 ? 6.693   2.317   -6.912  1.00 13.71 ? 156 HIS A NE2 1 
ATOM   1055 N  N   . TRP A 1 139 ? 5.108   8.500   -4.714  1.00 13.89 ? 157 TRP A N   1 
ATOM   1056 C  CA  . TRP A 1 139 ? 4.534   9.801   -4.401  1.00 13.87 ? 157 TRP A CA  1 
ATOM   1057 C  C   . TRP A 1 139 ? 4.625   10.699  -5.617  1.00 14.18 ? 157 TRP A C   1 
ATOM   1058 O  O   . TRP A 1 139 ? 5.607   10.639  -6.346  1.00 13.63 ? 157 TRP A O   1 
ATOM   1059 C  CB  . TRP A 1 139 ? 5.320   10.464  -3.267  1.00 13.88 ? 157 TRP A CB  1 
ATOM   1060 C  CG  . TRP A 1 139 ? 5.568   9.565   -2.087  1.00 14.02 ? 157 TRP A CG  1 
ATOM   1061 C  CD1 . TRP A 1 139 ? 6.685   8.814   -1.846  1.00 14.09 ? 157 TRP A CD1 1 
ATOM   1062 C  CD2 . TRP A 1 139 ? 4.675   9.323   -0.993  1.00 13.65 ? 157 TRP A CD2 1 
ATOM   1063 N  NE1 . TRP A 1 139 ? 6.542   8.118   -0.665  1.00 13.42 ? 157 TRP A NE1 1 
ATOM   1064 C  CE2 . TRP A 1 139 ? 5.318   8.412   -0.121  1.00 13.85 ? 157 TRP A CE2 1 
ATOM   1065 C  CE3 . TRP A 1 139 ? 3.396   9.790   -0.661  1.00 13.04 ? 157 TRP A CE3 1 
ATOM   1066 C  CZ2 . TRP A 1 139 ? 4.724   7.958   1.066   1.00 14.06 ? 157 TRP A CZ2 1 
ATOM   1067 C  CZ3 . TRP A 1 139 ? 2.802   9.337   0.514   1.00 13.93 ? 157 TRP A CZ3 1 
ATOM   1068 C  CH2 . TRP A 1 139 ? 3.470   8.428   1.365   1.00 14.04 ? 157 TRP A CH2 1 
ATOM   1069 N  N   . ASP A 1 140 ? 3.616   11.541  -5.816  1.00 14.73 ? 158 ASP A N   1 
ATOM   1070 C  CA  . ASP A 1 140 ? 3.637   12.530  -6.898  1.00 15.91 ? 158 ASP A CA  1 
ATOM   1071 C  C   . ASP A 1 140 ? 2.585   13.605  -6.647  1.00 16.31 ? 158 ASP A C   1 
ATOM   1072 O  O   . ASP A 1 140 ? 1.789   13.505  -5.707  1.00 16.36 ? 158 ASP A O   1 
ATOM   1073 C  CB  . ASP A 1 140 ? 3.405   11.856  -8.264  1.00 15.60 ? 158 ASP A CB  1 
ATOM   1074 C  CG  . ASP A 1 140 ? 4.225   12.492  -9.395  1.00 16.83 ? 158 ASP A CG  1 
ATOM   1075 O  OD1 . ASP A 1 140 ? 4.621   13.675  -9.289  1.00 17.20 ? 158 ASP A OD1 1 
ATOM   1076 O  OD2 . ASP A 1 140 ? 4.468   11.800  -10.408 1.00 16.14 ? 158 ASP A OD2 1 
ATOM   1077 N  N   . VAL A 1 141 ? 2.588   14.634  -7.489  1.00 16.94 ? 159 VAL A N   1 
ATOM   1078 C  CA  . VAL A 1 141 ? 1.589   15.702  -7.421  1.00 17.62 ? 159 VAL A CA  1 
ATOM   1079 C  C   . VAL A 1 141 ? 0.168   15.154  -7.565  1.00 18.08 ? 159 VAL A C   1 
ATOM   1080 O  O   . VAL A 1 141 ? -0.058  14.192  -8.305  1.00 18.55 ? 159 VAL A O   1 
ATOM   1081 C  CB  . VAL A 1 141 ? 1.855   16.795  -8.485  1.00 17.83 ? 159 VAL A CB  1 
ATOM   1082 C  CG1 . VAL A 1 141 ? 2.976   17.693  -8.042  1.00 18.04 ? 159 VAL A CG1 1 
ATOM   1083 C  CG2 . VAL A 1 141 ? 2.184   16.174  -9.838  1.00 18.36 ? 159 VAL A CG2 1 
ATOM   1084 O  OXT . VAL A 1 141 ? -0.781  15.631  -6.930  1.00 18.22 ? 159 VAL A OXT 1 
HETATM 1085 C  C2  . BGC B 2 .   ? 6.328   -18.024 -3.586  1.00 30.12 ? 1   BGC B C2  1 
HETATM 1086 C  C3  . BGC B 2 .   ? 7.445   -17.296 -2.834  1.00 29.86 ? 1   BGC B C3  1 
HETATM 1087 C  C4  . BGC B 2 .   ? 6.898   -16.115 -2.028  1.00 28.07 ? 1   BGC B C4  1 
HETATM 1088 C  C5  . BGC B 2 .   ? 5.737   -16.600 -1.152  1.00 26.59 ? 1   BGC B C5  1 
HETATM 1089 C  C6  . BGC B 2 .   ? 5.126   -15.499 -0.286  1.00 24.98 ? 1   BGC B C6  1 
HETATM 1090 C  C1  . BGC B 2 .   ? 5.170   -18.366 -2.649  1.00 29.24 ? 1   BGC B C1  1 
HETATM 1091 O  O1  . BGC B 2 .   ? 4.087   -18.907 -3.413  1.00 31.35 ? 1   BGC B O1  1 
HETATM 1092 O  O2  . BGC B 2 .   ? 6.836   -19.223 -4.179  1.00 30.11 ? 1   BGC B O2  1 
HETATM 1093 O  O3  . BGC B 2 .   ? 8.441   -16.843 -3.758  1.00 34.21 ? 1   BGC B O3  1 
HETATM 1094 O  O4  . BGC B 2 .   ? 7.934   -15.551 -1.217  1.00 27.05 ? 1   BGC B O4  1 
HETATM 1095 O  O5  . BGC B 2 .   ? 4.726   -17.183 -1.983  1.00 27.22 ? 1   BGC B O5  1 
HETATM 1096 O  O6  . BGC B 2 .   ? 4.508   -14.497 -1.100  1.00 22.11 ? 1   BGC B O6  1 
HETATM 1097 C  C2  . BGC B 2 .   ? 10.052  -17.202 -5.244  1.00 42.93 ? 2   BGC B C2  1 
HETATM 1098 C  C3  . BGC B 2 .   ? 11.507  -17.555 -5.541  1.00 43.80 ? 2   BGC B C3  1 
HETATM 1099 C  C4  . BGC B 2 .   ? 12.459  -17.124 -4.422  1.00 44.37 ? 2   BGC B C4  1 
HETATM 1100 C  C5  . BGC B 2 .   ? 11.921  -17.413 -3.015  1.00 44.22 ? 2   BGC B C5  1 
HETATM 1101 C  C6  . BGC B 2 .   ? 12.733  -16.672 -1.960  1.00 45.15 ? 2   BGC B C6  1 
HETATM 1102 C  C1  . BGC B 2 .   ? 9.669   -17.599 -3.821  1.00 41.21 ? 2   BGC B C1  1 
HETATM 1103 O  O2  . BGC B 2 .   ? 9.208   -17.880 -6.179  1.00 43.14 ? 2   BGC B O2  1 
HETATM 1104 O  O3  . BGC B 2 .   ? 11.903  -16.923 -6.767  1.00 44.16 ? 2   BGC B O3  1 
HETATM 1105 O  O4  . BGC B 2 .   ? 13.703  -17.807 -4.614  1.00 45.24 ? 2   BGC B O4  1 
HETATM 1106 O  O5  . BGC B 2 .   ? 10.560  -16.992 -2.881  1.00 43.32 ? 2   BGC B O5  1 
HETATM 1107 O  O6  . BGC B 2 .   ? 13.703  -17.554 -1.385  1.00 46.47 ? 2   BGC B O6  1 
HETATM 1108 CL CL  . CL  C 3 .   ? 9.528   3.449   11.779  1.00 20.46 ? 703 CL  A CL  1 
HETATM 1109 CL CL  . CL  D 3 .   ? -10.355 3.792   11.452  1.00 65.23 ? 704 CL  A CL  1 
HETATM 1110 O  O   . HOH E 4 .   ? 6.028   19.224  -5.813  1.00 19.34 ? 801 HOH A O   1 
HETATM 1111 O  O   . HOH E 4 .   ? 3.929   22.565  -5.154  0.50 22.20 ? 802 HOH A O   1 
HETATM 1112 O  O   . HOH E 4 .   ? 6.195   23.864  -5.192  1.00 25.97 ? 803 HOH A O   1 
HETATM 1113 O  O   . HOH E 4 .   ? 7.566   13.412  -3.677  1.00 16.06 ? 804 HOH A O   1 
HETATM 1114 O  O   . HOH E 4 .   ? 5.700   8.714   -8.170  1.00 18.79 ? 805 HOH A O   1 
HETATM 1115 O  O   . HOH E 4 .   ? 7.657   6.855   -8.521  1.00 21.55 ? 806 HOH A O   1 
HETATM 1116 O  O   . HOH E 4 .   ? 12.967  9.063   -4.680  1.00 22.31 ? 807 HOH A O   1 
HETATM 1117 O  O   . HOH E 4 .   ? 9.850   9.568   -0.925  1.00 23.74 ? 808 HOH A O   1 
HETATM 1118 O  O   . HOH E 4 .   ? 4.266   9.265   -10.349 1.00 23.41 ? 809 HOH A O   1 
HETATM 1119 O  O   . HOH E 4 .   ? 10.331  4.438   -9.119  1.00 25.19 ? 810 HOH A O   1 
HETATM 1120 O  O   . HOH E 4 .   ? 13.311  3.351   -8.538  1.00 22.28 ? 811 HOH A O   1 
HETATM 1121 O  O   . HOH E 4 .   ? 10.099  7.821   2.709   1.00 29.61 ? 812 HOH A O   1 
HETATM 1122 O  O   . HOH E 4 .   ? 12.515  9.042   -1.025  1.00 37.72 ? 813 HOH A O   1 
HETATM 1123 O  O   . HOH E 4 .   ? 8.470   -1.487  -5.012  1.00 22.15 ? 814 HOH A O   1 
HETATM 1124 O  O   . HOH E 4 .   ? 13.326  -3.657  -7.214  1.00 30.51 ? 815 HOH A O   1 
HETATM 1125 O  O   . HOH E 4 .   ? -5.701  3.176   13.272  1.00 32.82 ? 816 HOH A O   1 
HETATM 1126 O  O   . HOH E 4 .   ? 6.920   0.659   -10.311 1.00 14.63 ? 817 HOH A O   1 
HETATM 1127 O  O   . HOH E 4 .   ? 11.876  3.805   7.808   1.00 6.90  ? 818 HOH A O   1 
HETATM 1128 O  O   . HOH E 4 .   ? 9.852   -12.512 0.922   1.00 31.60 ? 819 HOH A O   1 
HETATM 1129 O  O   . HOH E 4 .   ? 9.185   -17.087 0.539   1.00 25.94 ? 820 HOH A O   1 
HETATM 1130 O  O   . HOH E 4 .   ? 6.429   -16.308 -6.928  1.00 38.13 ? 821 HOH A O   1 
HETATM 1131 O  O   . HOH E 4 .   ? 3.325   -9.931  -8.003  1.00 23.30 ? 822 HOH A O   1 
HETATM 1132 O  O   . HOH E 4 .   ? 0.806   -12.689 -6.213  1.00 23.95 ? 823 HOH A O   1 
HETATM 1133 O  O   . HOH E 4 .   ? 10.197  -10.029 -10.351 1.00 29.27 ? 824 HOH A O   1 
HETATM 1134 O  O   . HOH E 4 .   ? -1.850  -5.276  -9.742  1.00 19.00 ? 825 HOH A O   1 
HETATM 1135 O  O   . HOH E 4 .   ? 2.504   -5.604  -12.054 1.00 29.67 ? 826 HOH A O   1 
HETATM 1136 O  O   . HOH E 4 .   ? -3.414  -5.161  -6.678  1.00 19.71 ? 827 HOH A O   1 
HETATM 1137 O  O   . HOH E 4 .   ? 8.479   3.177   -11.163 1.00 16.38 ? 828 HOH A O   1 
HETATM 1138 O  O   . HOH E 4 .   ? -6.912  0.552   -11.692 1.00 23.28 ? 829 HOH A O   1 
HETATM 1139 O  O   . HOH E 4 .   ? -3.459  -3.783  -12.132 1.00 27.58 ? 830 HOH A O   1 
HETATM 1140 O  O   . HOH E 4 .   ? -3.281  7.752   -8.265  1.00 18.51 ? 831 HOH A O   1 
HETATM 1141 O  O   . HOH E 4 .   ? -3.792  9.076   -5.483  1.00 15.63 ? 832 HOH A O   1 
HETATM 1142 O  O   . HOH E 4 .   ? -3.388  9.179   -1.905  1.00 13.60 ? 833 HOH A O   1 
HETATM 1143 O  O   . HOH E 4 .   ? -6.083  9.651   -3.095  1.00 18.89 ? 834 HOH A O   1 
HETATM 1144 O  O   . HOH E 4 .   ? -5.795  12.211  -3.897  1.00 19.70 ? 835 HOH A O   1 
HETATM 1145 O  O   . HOH E 4 .   ? -9.356  10.870  -12.587 1.00 23.74 ? 836 HOH A O   1 
HETATM 1146 O  O   . HOH E 4 .   ? -7.423  12.175  -15.560 1.00 43.84 ? 837 HOH A O   1 
HETATM 1147 O  O   . HOH E 4 .   ? -11.919 6.013   -13.254 1.00 27.84 ? 838 HOH A O   1 
HETATM 1148 O  O   . HOH E 4 .   ? -7.687  13.753  -5.036  1.00 36.60 ? 839 HOH A O   1 
HETATM 1149 O  O   . HOH E 4 .   ? -9.818  9.729   -2.438  1.00 25.37 ? 840 HOH A O   1 
HETATM 1150 O  O   . HOH E 4 .   ? -10.521 11.647  -4.254  1.00 26.91 ? 841 HOH A O   1 
HETATM 1151 O  O   . HOH E 4 .   ? 15.638  -7.628  1.222   1.00 41.44 ? 842 HOH A O   1 
HETATM 1152 O  O   . HOH E 4 .   ? -6.370  -5.740  10.250  1.00 16.23 ? 843 HOH A O   1 
HETATM 1153 O  O   . HOH E 4 .   ? -1.993  -17.103 1.057   1.00 17.49 ? 844 HOH A O   1 
HETATM 1154 O  O   . HOH E 4 .   ? -0.466  -18.181 4.600   1.00 31.04 ? 845 HOH A O   1 
HETATM 1155 O  O   . HOH E 4 .   ? -9.215  -14.772 -4.680  1.00 30.84 ? 846 HOH A O   1 
HETATM 1156 O  O   . HOH E 4 .   ? -16.367 1.403   -11.154 1.00 25.72 ? 847 HOH A O   1 
HETATM 1157 O  O   . HOH E 4 .   ? -10.950 -4.063  -11.694 1.00 26.64 ? 848 HOH A O   1 
HETATM 1158 O  O   . HOH E 4 .   ? -7.364  -2.662  -13.179 1.00 23.94 ? 849 HOH A O   1 
HETATM 1159 O  O   . HOH E 4 .   ? -9.899  -16.177 -0.347  1.00 31.13 ? 850 HOH A O   1 
HETATM 1160 O  O   . HOH E 4 .   ? -15.321 1.986   3.957   1.00 22.00 ? 851 HOH A O   1 
HETATM 1161 O  O   . HOH E 4 .   ? -14.308 5.097   5.049   1.00 18.83 ? 852 HOH A O   1 
HETATM 1162 O  O   . HOH E 4 .   ? -6.137  15.471  -0.876  1.00 21.52 ? 853 HOH A O   1 
HETATM 1163 O  O   . HOH E 4 .   ? 2.795   0.803   11.581  1.00 21.46 ? 854 HOH A O   1 
HETATM 1164 O  O   . HOH E 4 .   ? 5.378   0.798   11.934  1.00 29.61 ? 855 HOH A O   1 
HETATM 1165 O  O   . HOH E 4 .   ? 5.175   3.142   13.328  1.00 33.82 ? 856 HOH A O   1 
HETATM 1166 O  O   . HOH E 4 .   ? 15.268  -1.096  11.128  1.00 32.59 ? 857 HOH A O   1 
HETATM 1167 O  O   . HOH E 4 .   ? 13.249  -4.515  14.647  1.00 28.62 ? 858 HOH A O   1 
HETATM 1168 O  O   . HOH E 4 .   ? -2.410  0.909   14.166  1.00 33.42 ? 859 HOH A O   1 
HETATM 1169 O  O   . HOH E 4 .   ? -8.053  1.757   10.659  1.00 19.72 ? 860 HOH A O   1 
HETATM 1170 O  O   . HOH E 4 .   ? -2.569  13.608  8.703   1.00 29.25 ? 861 HOH A O   1 
HETATM 1171 O  O   . HOH E 4 .   ? 13.746  -7.375  8.983   1.00 38.20 ? 862 HOH A O   1 
HETATM 1172 O  O   . HOH E 4 .   ? 5.599   14.369  5.485   1.00 21.31 ? 863 HOH A O   1 
HETATM 1173 O  O   . HOH E 4 .   ? -3.056  -18.672 -1.369  1.00 26.44 ? 864 HOH A O   1 
HETATM 1174 O  O   . HOH E 4 .   ? -2.732  3.591   13.927  1.00 30.34 ? 865 HOH A O   1 
HETATM 1175 O  O   . HOH E 4 .   ? -2.368  16.776  7.028   1.00 41.24 ? 866 HOH A O   1 
HETATM 1176 O  O   . HOH E 4 .   ? -12.527 12.094  8.474   1.00 47.22 ? 867 HOH A O   1 
HETATM 1177 O  O   . HOH E 4 .   ? 8.706   -7.273  16.827  1.00 35.85 ? 868 HOH A O   1 
HETATM 1178 O  O   . HOH E 4 .   ? 9.083   -10.748 13.583  1.00 41.02 ? 869 HOH A O   1 
HETATM 1179 O  O   . HOH E 4 .   ? 11.971  -1.870  14.043  1.00 28.73 ? 870 HOH A O   1 
HETATM 1180 O  O   . HOH E 4 .   ? 11.849  5.116   4.836   1.00 31.43 ? 871 HOH A O   1 
HETATM 1181 O  O   . HOH E 4 .   ? 2.736   -17.690 -5.470  1.00 38.90 ? 872 HOH A O   1 
HETATM 1182 O  O   . HOH E 4 .   ? 0.803   12.596  -10.396 1.00 20.25 ? 873 HOH A O   1 
HETATM 1183 O  O   . HOH E 4 .   ? 11.614  -14.661 1.957   1.00 33.55 ? 874 HOH A O   1 
HETATM 1184 O  O   . HOH E 4 .   ? 10.144  7.054   -9.111  1.00 33.08 ? 875 HOH A O   1 
HETATM 1185 O  O   . HOH E 4 .   ? 8.643   -4.174  -7.125  1.00 41.28 ? 876 HOH A O   1 
HETATM 1186 O  O   . HOH E 4 .   ? 12.868  0.497   8.348   1.00 36.78 ? 877 HOH A O   1 
HETATM 1187 O  O   . HOH E 4 .   ? 13.711  -4.905  0.445   1.00 34.45 ? 878 HOH A O   1 
HETATM 1188 O  O   . HOH E 4 .   ? 14.573  -5.434  2.933   1.00 32.65 ? 879 HOH A O   1 
HETATM 1189 O  O   . HOH E 4 .   ? 0.007   -7.212  -11.105 1.00 41.06 ? 880 HOH A O   1 
HETATM 1190 O  O   . HOH E 4 .   ? 8.130   -2.381  -9.391  1.00 31.77 ? 881 HOH A O   1 
HETATM 1191 O  O   . HOH E 4 .   ? 1.666   -1.065  -14.153 1.00 42.01 ? 882 HOH A O   1 
HETATM 1192 O  O   . HOH E 4 .   ? -15.409 6.677   -6.896  1.00 26.51 ? 883 HOH A O   1 
HETATM 1193 O  O   . HOH E 4 .   ? -15.160 -0.165  -8.701  1.00 21.26 ? 884 HOH A O   1 
HETATM 1194 O  O   . HOH E 4 .   ? -15.997 -1.020  -4.975  1.00 29.28 ? 885 HOH A O   1 
HETATM 1195 O  O   . HOH E 4 .   ? -18.524 1.176   -4.984  1.00 39.92 ? 886 HOH A O   1 
HETATM 1196 O  O   . HOH E 4 .   ? -7.472  -15.131 8.108   1.00 31.40 ? 887 HOH A O   1 
HETATM 1197 O  O   . HOH E 4 .   ? -5.364  -17.305 14.586  1.00 42.46 ? 888 HOH A O   1 
HETATM 1198 O  O   . HOH E 4 .   ? -3.991  -20.150 -5.782  1.00 34.86 ? 889 HOH A O   1 
HETATM 1199 O  O   . HOH E 4 .   ? -9.656  -16.902 -2.792  1.00 32.65 ? 890 HOH A O   1 
HETATM 1200 O  O   . HOH E 4 .   ? -6.795  -14.463 -5.529  1.00 32.96 ? 891 HOH A O   1 
HETATM 1201 O  O   . HOH E 4 .   ? -4.339  -14.925 -5.834  1.00 26.48 ? 892 HOH A O   1 
HETATM 1202 O  O   . HOH E 4 .   ? 0.603   24.217  -0.261  1.00 38.95 ? 893 HOH A O   1 
HETATM 1203 O  O   . HOH E 4 .   ? -12.879 -9.180  6.921   1.00 32.01 ? 894 HOH A O   1 
HETATM 1204 O  O   . HOH E 4 .   ? -14.582 -6.566  3.632   1.00 35.42 ? 895 HOH A O   1 
HETATM 1205 O  O   . HOH E 4 .   ? -13.009 -4.112  6.808   1.00 32.24 ? 896 HOH A O   1 
HETATM 1206 O  O   . HOH E 4 .   ? -1.936  -6.192  16.335  1.00 40.57 ? 897 HOH A O   1 
HETATM 1207 O  O   . HOH E 4 .   ? 10.434  24.369  -4.467  1.00 26.67 ? 898 HOH A O   1 
HETATM 1208 O  O   . HOH E 4 .   ? -0.016  20.408  0.738   1.00 31.68 ? 899 HOH A O   1 
HETATM 1209 O  O   . HOH E 4 .   ? -5.082  15.364  -5.641  1.00 36.39 ? 900 HOH A O   1 
HETATM 1210 O  O   . HOH E 4 .   ? 5.150   -9.828  18.184  1.00 39.90 ? 901 HOH A O   1 
HETATM 1211 O  O   . HOH E 4 .   ? 7.915   -3.983  16.092  1.00 41.63 ? 902 HOH A O   1 
HETATM 1212 O  O   . HOH E 4 .   ? -7.034  -12.699 -8.387  1.00 29.22 ? 903 HOH A O   1 
HETATM 1213 O  O   . HOH E 4 .   ? -0.739  17.594  -5.041  1.00 33.26 ? 904 HOH A O   1 
HETATM 1214 O  O   . HOH E 4 .   ? 14.916  6.033   -4.958  1.00 37.50 ? 905 HOH A O   1 
HETATM 1215 O  O   . HOH E 4 .   ? 13.436  13.037  -6.905  1.00 37.39 ? 906 HOH A O   1 
HETATM 1216 O  O   . HOH E 4 .   ? 14.265  -0.104  2.048   1.00 28.74 ? 907 HOH A O   1 
HETATM 1217 O  O   . HOH E 4 .   ? 12.122  -13.882 -5.547  1.00 51.77 ? 908 HOH A O   1 
HETATM 1218 O  O   . HOH E 4 .   ? 13.041  -14.023 -8.088  1.00 35.13 ? 909 HOH A O   1 
HETATM 1219 O  O   . HOH E 4 .   ? 2.896   -3.975  -14.339 1.00 46.50 ? 910 HOH A O   1 
HETATM 1220 O  O   . HOH E 4 .   ? 4.304   -1.008  -14.638 1.00 41.26 ? 911 HOH A O   1 
HETATM 1221 O  O   . HOH E 4 .   ? -13.824 9.461   -4.710  1.00 37.00 ? 912 HOH A O   1 
HETATM 1222 O  O   . HOH E 4 .   ? -4.930  -11.656 -10.482 1.00 52.27 ? 913 HOH A O   1 
HETATM 1223 O  O   . HOH E 4 .   ? -9.001  -23.462 -2.946  1.00 35.97 ? 914 HOH A O   1 
HETATM 1224 O  O   . HOH E 4 .   ? -6.942  -4.029  12.193  1.00 31.05 ? 915 HOH A O   1 
HETATM 1225 O  O   . HOH E 4 .   ? -16.056 -1.174  2.815   1.00 43.78 ? 916 HOH A O   1 
HETATM 1226 O  O   . HOH E 4 .   ? 1.412   5.977   11.707  1.00 42.88 ? 917 HOH A O   1 
HETATM 1227 O  O   . HOH E 4 .   ? 8.614   -14.324 12.086  1.00 41.92 ? 918 HOH A O   1 
HETATM 1228 O  O   . HOH E 4 .   ? -3.821  6.405   16.060  1.00 43.16 ? 919 HOH A O   1 
HETATM 1229 O  O   . HOH E 4 .   ? 6.957   -11.299 14.933  1.00 37.88 ? 920 HOH A O   1 
HETATM 1230 O  O   . HOH E 4 .   ? 7.321   5.856   -11.568 1.00 32.89 ? 921 HOH A O   1 
HETATM 1231 O  O   . HOH E 4 .   ? 6.356   -13.069 11.176  1.00 31.96 ? 922 HOH A O   1 
HETATM 1232 O  O   . HOH E 4 .   ? 12.295  -6.363  -1.291  1.00 36.43 ? 923 HOH A O   1 
HETATM 1233 O  O   . HOH E 4 .   ? -2.292  -17.580 8.895   1.00 37.22 ? 924 HOH A O   1 
HETATM 1234 O  O   . HOH E 4 .   ? 8.778   19.339  -6.552  1.00 38.18 ? 925 HOH A O   1 
HETATM 1235 O  O   . HOH E 4 .   ? -3.344  -4.514  -14.788 1.00 31.92 ? 926 HOH A O   1 
HETATM 1236 O  O   . HOH E 4 .   ? -13.960 -0.043  8.431   1.00 52.39 ? 927 HOH A O   1 
HETATM 1237 O  O   . HOH E 4 .   ? 10.373  -1.627  16.195  1.00 35.38 ? 928 HOH A O   1 
HETATM 1238 O  O   . HOH E 4 .   ? -6.333  -20.453 6.902   1.00 30.89 ? 929 HOH A O   1 
HETATM 1239 O  O   . HOH E 4 .   ? 13.220  -3.477  3.778   1.00 30.66 ? 930 HOH A O   1 
HETATM 1240 O  O   . HOH E 4 .   ? 14.696  -4.731  12.674  1.00 34.46 ? 931 HOH A O   1 
HETATM 1241 O  O   . HOH E 4 .   ? -0.899  17.588  -10.380 1.00 46.76 ? 932 HOH A O   1 
HETATM 1242 O  O   . HOH E 4 .   ? -1.496  -15.573 17.253  1.00 41.14 ? 933 HOH A O   1 
HETATM 1243 O  O   . HOH E 4 .   ? -1.112  -18.454 15.888  1.00 37.79 ? 934 HOH A O   1 
HETATM 1244 O  O   . HOH E 4 .   ? -4.007  -3.081  12.321  1.00 42.68 ? 935 HOH A O   1 
# 
loop_
_pdbx_poly_seq_scheme.asym_id 
_pdbx_poly_seq_scheme.entity_id 
_pdbx_poly_seq_scheme.seq_id 
_pdbx_poly_seq_scheme.mon_id 
_pdbx_poly_seq_scheme.ndb_seq_num 
_pdbx_poly_seq_scheme.pdb_seq_num 
_pdbx_poly_seq_scheme.auth_seq_num 
_pdbx_poly_seq_scheme.pdb_mon_id 
_pdbx_poly_seq_scheme.auth_mon_id 
_pdbx_poly_seq_scheme.pdb_strand_id 
_pdbx_poly_seq_scheme.pdb_ins_code 
_pdbx_poly_seq_scheme.hetero 
A 1 1   GLY 1   19  ?   ?   ?   A . n 
A 1 2   SER 2   20  ?   ?   ?   A . n 
A 1 3   ALA 3   21  ?   ?   ?   A . n 
A 1 4   ARG 4   22  22  ARG ARG A . n 
A 1 5   SER 5   23  23  SER SER A . n 
A 1 6   SER 6   24  24  SER SER A . n 
A 1 7   SER 7   25  25  SER SER A . n 
A 1 8   TYR 8   26  26  TYR TYR A . n 
A 1 9   SER 9   27  27  SER SER A . n 
A 1 10  GLY 10  28  28  GLY GLY A . n 
A 1 11  GLU 11  29  29  GLU GLU A . n 
A 1 12  TYR 12  30  30  TYR TYR A . n 
A 1 13  GLY 13  31  31  GLY GLY A . n 
A 1 14  SER 14  32  32  SER SER A . n 
A 1 15  GLY 15  33  33  GLY GLY A . n 
A 1 16  GLY 16  34  34  GLY GLY A . n 
A 1 17  GLY 17  35  35  GLY GLY A . n 
A 1 18  LYS 18  36  36  LYS LYS A . n 
A 1 19  ARG 19  37  37  ARG ARG A . n 
A 1 20  PHE 20  38  38  PHE PHE A . n 
A 1 21  SER 21  39  39  SER SER A . n 
A 1 22  HIS 22  40  40  HIS HIS A . n 
A 1 23  SER 23  41  41  SER SER A . n 
A 1 24  GLY 24  42  42  GLY GLY A . n 
A 1 25  ASN 25  43  43  ASN ASN A . n 
A 1 26  GLN 26  44  44  GLN GLN A . n 
A 1 27  LEU 27  45  45  LEU LEU A . n 
A 1 28  ASP 28  46  46  ASP ASP A . n 
A 1 29  GLY 29  47  47  GLY GLY A . n 
A 1 30  PRO 30  48  48  PRO PRO A . n 
A 1 31  ILE 31  49  49  ILE ILE A . n 
A 1 32  THR 32  50  50  THR THR A . n 
A 1 33  ALA 33  51  51  ALA ALA A . n 
A 1 34  LEU 34  52  52  LEU LEU A . n 
A 1 35  ARG 35  53  53  ARG ARG A . n 
A 1 36  VAL 36  54  54  VAL VAL A . n 
A 1 37  ARG 37  55  55  ARG ARG A . n 
A 1 38  VAL 38  56  56  VAL VAL A . n 
A 1 39  ASN 39  57  57  ASN ASN A . n 
A 1 40  THR 40  58  58  THR THR A . n 
A 1 41  TYR 41  59  59  TYR TYR A . n 
A 1 42  TYR 42  60  60  TYR TYR A . n 
A 1 43  ILE 43  61  61  ILE ILE A . n 
A 1 44  VAL 44  62  62  VAL VAL A . n 
A 1 45  GLY 45  63  63  GLY GLY A . n 
A 1 46  LEU 46  64  64  LEU LEU A . n 
A 1 47  GLN 47  65  65  GLN GLN A . n 
A 1 48  VAL 48  66  66  VAL VAL A . n 
A 1 49  ARG 49  67  67  ARG ARG A . n 
A 1 50  TYR 50  68  68  TYR TYR A . n 
A 1 51  GLY 51  69  69  GLY GLY A . n 
A 1 52  LYS 52  70  70  LYS LYS A . n 
A 1 53  VAL 53  71  71  VAL VAL A . n 
A 1 54  TRP 54  72  72  TRP TRP A . n 
A 1 55  SER 55  73  73  SER SER A . n 
A 1 56  ASP 56  74  74  ASP ASP A . n 
A 1 57  TYR 57  75  75  TYR TYR A . n 
A 1 58  VAL 58  76  76  VAL VAL A . n 
A 1 59  GLY 59  77  77  GLY GLY A . n 
A 1 60  GLY 60  78  78  GLY GLY A . n 
A 1 61  ARG 61  79  79  ARG ARG A . n 
A 1 62  ASN 62  80  80  ASN ASN A . n 
A 1 63  GLY 63  81  81  GLY GLY A . n 
A 1 64  ASP 64  82  82  ASP ASP A . n 
A 1 65  LEU 65  83  83  LEU LEU A . n 
A 1 66  GLU 66  84  84  GLU GLU A . n 
A 1 67  GLU 67  85  85  GLU GLU A . n 
A 1 68  ILE 68  86  86  ILE ILE A . n 
A 1 69  PHE 69  87  87  PHE PHE A . n 
A 1 70  LEU 70  88  88  LEU LEU A . n 
A 1 71  HIS 71  89  89  HIS HIS A . n 
A 1 72  PRO 72  90  90  PRO PRO A . n 
A 1 73  GLY 73  91  91  GLY GLY A . n 
A 1 74  GLU 74  92  92  GLU GLU A . n 
A 1 75  SER 75  93  93  SER SER A . n 
A 1 76  VAL 76  94  94  VAL VAL A . n 
A 1 77  ILE 77  95  95  ILE ILE A . n 
A 1 78  GLN 78  96  96  GLN GLN A . n 
A 1 79  VAL 79  97  97  VAL VAL A . n 
A 1 80  SER 80  98  98  SER SER A . n 
A 1 81  GLY 81  99  99  GLY GLY A . n 
A 1 82  LYS 82  100 100 LYS LYS A . n 
A 1 83  TYR 83  101 101 TYR TYR A . n 
A 1 84  LYS 84  102 102 LYS LYS A . n 
A 1 85  TRP 85  103 103 TRP TRP A . n 
A 1 86  TYR 86  104 104 TYR TYR A . n 
A 1 87  LEU 87  105 105 LEU LEU A . n 
A 1 88  LYS 88  106 106 LYS LYS A . n 
A 1 89  LYS 89  107 107 LYS LYS A . n 
A 1 90  LEU 90  108 108 LEU LEU A . n 
A 1 91  VAL 91  109 109 VAL VAL A . n 
A 1 92  PHE 92  110 110 PHE PHE A . n 
A 1 93  VAL 93  111 111 VAL VAL A . n 
A 1 94  THR 94  112 112 THR THR A . n 
A 1 95  ASP 95  113 113 ASP ASP A . n 
A 1 96  LYS 96  114 114 LYS LYS A . n 
A 1 97  GLY 97  115 115 GLY GLY A . n 
A 1 98  ARG 98  116 116 ARG ARG A . n 
A 1 99  TYR 99  117 117 TYR TYR A . n 
A 1 100 LEU 100 118 118 LEU LEU A . n 
A 1 101 SER 101 119 119 SER SER A . n 
A 1 102 PHE 102 120 120 PHE PHE A . n 
A 1 103 GLY 103 121 121 GLY GLY A . n 
A 1 104 LYS 104 122 122 LYS LYS A . n 
A 1 105 ASP 105 123 123 ASP ASP A . n 
A 1 106 SER 106 124 124 SER SER A . n 
A 1 107 GLY 107 125 125 GLY GLY A . n 
A 1 108 THR 108 126 126 THR THR A . n 
A 1 109 SER 109 127 127 SER SER A . n 
A 1 110 PHE 110 128 128 PHE PHE A . n 
A 1 111 ASN 111 129 129 ASN ASN A . n 
A 1 112 ALA 112 130 130 ALA ALA A . n 
A 1 113 VAL 113 131 131 VAL VAL A . n 
A 1 114 PRO 114 132 132 PRO PRO A . n 
A 1 115 LEU 115 133 133 LEU LEU A . n 
A 1 116 HIS 116 134 134 HIS HIS A . n 
A 1 117 PRO 117 135 135 PRO PRO A . n 
A 1 118 ASN 118 136 136 ASN ASN A . n 
A 1 119 THR 119 137 137 THR THR A . n 
A 1 120 VAL 120 138 138 VAL VAL A . n 
A 1 121 LEU 121 139 139 LEU LEU A . n 
A 1 122 ARG 122 140 140 ARG ARG A . n 
A 1 123 PHE 123 141 141 PHE PHE A . n 
A 1 124 ILE 124 142 142 ILE ILE A . n 
A 1 125 SER 125 143 143 SER SER A . n 
A 1 126 GLY 126 144 144 GLY GLY A . n 
A 1 127 ARG 127 145 145 ARG ARG A . n 
A 1 128 SER 128 146 146 SER SER A . n 
A 1 129 GLY 129 147 147 GLY GLY A . n 
A 1 130 SER 130 148 148 SER SER A . n 
A 1 131 LEU 131 149 149 LEU LEU A . n 
A 1 132 ILE 132 150 150 ILE ILE A . n 
A 1 133 ASP 133 151 151 ASP ASP A . n 
A 1 134 ALA 134 152 152 ALA ALA A . n 
A 1 135 ILE 135 153 153 ILE ILE A . n 
A 1 136 GLY 136 154 154 GLY GLY A . n 
A 1 137 LEU 137 155 155 LEU LEU A . n 
A 1 138 HIS 138 156 156 HIS HIS A . n 
A 1 139 TRP 139 157 157 TRP TRP A . n 
A 1 140 ASP 140 158 158 ASP ASP A . n 
A 1 141 VAL 141 159 159 VAL VAL A . n 
# 
loop_
_pdbx_nonpoly_scheme.asym_id 
_pdbx_nonpoly_scheme.entity_id 
_pdbx_nonpoly_scheme.mon_id 
_pdbx_nonpoly_scheme.ndb_seq_num 
_pdbx_nonpoly_scheme.pdb_seq_num 
_pdbx_nonpoly_scheme.auth_seq_num 
_pdbx_nonpoly_scheme.pdb_mon_id 
_pdbx_nonpoly_scheme.auth_mon_id 
_pdbx_nonpoly_scheme.pdb_strand_id 
_pdbx_nonpoly_scheme.pdb_ins_code 
C 3 CL  1   703 1   CL  CL  A . 
D 3 CL  1   704 2   CL  CL  A . 
E 4 HOH 1   801 1   HOH HOH A . 
E 4 HOH 2   802 3   HOH HOH A . 
E 4 HOH 3   803 4   HOH HOH A . 
E 4 HOH 4   804 5   HOH HOH A . 
E 4 HOH 5   805 6   HOH HOH A . 
E 4 HOH 6   806 7   HOH HOH A . 
E 4 HOH 7   807 8   HOH HOH A . 
E 4 HOH 8   808 9   HOH HOH A . 
E 4 HOH 9   809 10  HOH HOH A . 
E 4 HOH 10  810 11  HOH HOH A . 
E 4 HOH 11  811 12  HOH HOH A . 
E 4 HOH 12  812 13  HOH HOH A . 
E 4 HOH 13  813 14  HOH HOH A . 
E 4 HOH 14  814 15  HOH HOH A . 
E 4 HOH 15  815 16  HOH HOH A . 
E 4 HOH 16  816 17  HOH HOH A . 
E 4 HOH 17  817 18  HOH HOH A . 
E 4 HOH 18  818 19  HOH HOH A . 
E 4 HOH 19  819 21  HOH HOH A . 
E 4 HOH 20  820 22  HOH HOH A . 
E 4 HOH 21  821 23  HOH HOH A . 
E 4 HOH 22  822 24  HOH HOH A . 
E 4 HOH 23  823 25  HOH HOH A . 
E 4 HOH 24  824 26  HOH HOH A . 
E 4 HOH 25  825 27  HOH HOH A . 
E 4 HOH 26  826 28  HOH HOH A . 
E 4 HOH 27  827 29  HOH HOH A . 
E 4 HOH 28  828 30  HOH HOH A . 
E 4 HOH 29  829 31  HOH HOH A . 
E 4 HOH 30  830 32  HOH HOH A . 
E 4 HOH 31  831 33  HOH HOH A . 
E 4 HOH 32  832 34  HOH HOH A . 
E 4 HOH 33  833 35  HOH HOH A . 
E 4 HOH 34  834 36  HOH HOH A . 
E 4 HOH 35  835 37  HOH HOH A . 
E 4 HOH 36  836 38  HOH HOH A . 
E 4 HOH 37  837 39  HOH HOH A . 
E 4 HOH 38  838 40  HOH HOH A . 
E 4 HOH 39  839 41  HOH HOH A . 
E 4 HOH 40  840 42  HOH HOH A . 
E 4 HOH 41  841 43  HOH HOH A . 
E 4 HOH 42  842 44  HOH HOH A . 
E 4 HOH 43  843 45  HOH HOH A . 
E 4 HOH 44  844 46  HOH HOH A . 
E 4 HOH 45  845 47  HOH HOH A . 
E 4 HOH 46  846 48  HOH HOH A . 
E 4 HOH 47  847 49  HOH HOH A . 
E 4 HOH 48  848 50  HOH HOH A . 
E 4 HOH 49  849 51  HOH HOH A . 
E 4 HOH 50  850 52  HOH HOH A . 
E 4 HOH 51  851 53  HOH HOH A . 
E 4 HOH 52  852 54  HOH HOH A . 
E 4 HOH 53  853 55  HOH HOH A . 
E 4 HOH 54  854 56  HOH HOH A . 
E 4 HOH 55  855 57  HOH HOH A . 
E 4 HOH 56  856 65  HOH HOH A . 
E 4 HOH 57  857 66  HOH HOH A . 
E 4 HOH 58  858 67  HOH HOH A . 
E 4 HOH 59  859 68  HOH HOH A . 
E 4 HOH 60  860 69  HOH HOH A . 
E 4 HOH 61  861 58  HOH HOH A . 
E 4 HOH 62  862 60  HOH HOH A . 
E 4 HOH 63  863 61  HOH HOH A . 
E 4 HOH 64  864 62  HOH HOH A . 
E 4 HOH 65  865 71  HOH HOH A . 
E 4 HOH 66  866 72  HOH HOH A . 
E 4 HOH 67  867 73  HOH HOH A . 
E 4 HOH 68  868 74  HOH HOH A . 
E 4 HOH 69  869 75  HOH HOH A . 
E 4 HOH 70  870 76  HOH HOH A . 
E 4 HOH 71  871 77  HOH HOH A . 
E 4 HOH 72  872 78  HOH HOH A . 
E 4 HOH 73  873 79  HOH HOH A . 
E 4 HOH 74  874 81  HOH HOH A . 
E 4 HOH 75  875 82  HOH HOH A . 
E 4 HOH 76  876 83  HOH HOH A . 
E 4 HOH 77  877 84  HOH HOH A . 
E 4 HOH 78  878 85  HOH HOH A . 
E 4 HOH 79  879 86  HOH HOH A . 
E 4 HOH 80  880 87  HOH HOH A . 
E 4 HOH 81  881 89  HOH HOH A . 
E 4 HOH 82  882 90  HOH HOH A . 
E 4 HOH 83  883 91  HOH HOH A . 
E 4 HOH 84  884 92  HOH HOH A . 
E 4 HOH 85  885 93  HOH HOH A . 
E 4 HOH 86  886 94  HOH HOH A . 
E 4 HOH 87  887 95  HOH HOH A . 
E 4 HOH 88  888 97  HOH HOH A . 
E 4 HOH 89  889 98  HOH HOH A . 
E 4 HOH 90  890 99  HOH HOH A . 
E 4 HOH 91  891 100 HOH HOH A . 
E 4 HOH 92  892 101 HOH HOH A . 
E 4 HOH 93  893 102 HOH HOH A . 
E 4 HOH 94  894 103 HOH HOH A . 
E 4 HOH 95  895 104 HOH HOH A . 
E 4 HOH 96  896 105 HOH HOH A . 
E 4 HOH 97  897 106 HOH HOH A . 
E 4 HOH 98  898 108 HOH HOH A . 
E 4 HOH 99  899 109 HOH HOH A . 
E 4 HOH 100 900 111 HOH HOH A . 
E 4 HOH 101 901 112 HOH HOH A . 
E 4 HOH 102 902 113 HOH HOH A . 
E 4 HOH 103 903 115 HOH HOH A . 
E 4 HOH 104 904 116 HOH HOH A . 
E 4 HOH 105 905 121 HOH HOH A . 
E 4 HOH 106 906 122 HOH HOH A . 
E 4 HOH 107 907 124 HOH HOH A . 
E 4 HOH 108 908 125 HOH HOH A . 
E 4 HOH 109 909 126 HOH HOH A . 
E 4 HOH 110 910 128 HOH HOH A . 
E 4 HOH 111 911 129 HOH HOH A . 
E 4 HOH 112 912 130 HOH HOH A . 
E 4 HOH 113 913 131 HOH HOH A . 
E 4 HOH 114 914 133 HOH HOH A . 
E 4 HOH 115 915 134 HOH HOH A . 
E 4 HOH 116 916 135 HOH HOH A . 
E 4 HOH 117 917 136 HOH HOH A . 
E 4 HOH 118 918 137 HOH HOH A . 
E 4 HOH 119 919 138 HOH HOH A . 
E 4 HOH 120 920 139 HOH HOH A . 
E 4 HOH 121 921 140 HOH HOH A . 
E 4 HOH 122 922 141 HOH HOH A . 
E 4 HOH 123 923 142 HOH HOH A . 
E 4 HOH 124 924 143 HOH HOH A . 
E 4 HOH 125 925 145 HOH HOH A . 
E 4 HOH 126 926 146 HOH HOH A . 
E 4 HOH 127 927 147 HOH HOH A . 
E 4 HOH 128 928 148 HOH HOH A . 
E 4 HOH 129 929 149 HOH HOH A . 
E 4 HOH 130 930 150 HOH HOH A . 
E 4 HOH 131 931 151 HOH HOH A . 
E 4 HOH 132 932 152 HOH HOH A . 
E 4 HOH 133 933 154 HOH HOH A . 
E 4 HOH 134 934 155 HOH HOH A . 
E 4 HOH 135 935 156 HOH HOH A . 
# 
_pdbx_molecule_features.prd_id    PRD_900024 
_pdbx_molecule_features.name      beta-laminaribiose 
_pdbx_molecule_features.type      Oligosaccharide 
_pdbx_molecule_features.class     Antimicrobial 
_pdbx_molecule_features.details   oligosaccharide 
# 
_pdbx_molecule.instance_id   1 
_pdbx_molecule.prd_id        PRD_900024 
_pdbx_molecule.asym_id       B 
# 
_pdbx_struct_assembly.id                   1 
_pdbx_struct_assembly.details              author_and_software_defined_assembly 
_pdbx_struct_assembly.method_details       PISA 
_pdbx_struct_assembly.oligomeric_details   monomeric 
_pdbx_struct_assembly.oligomeric_count     1 
# 
_pdbx_struct_assembly_gen.assembly_id       1 
_pdbx_struct_assembly_gen.oper_expression   1 
_pdbx_struct_assembly_gen.asym_id_list      A,B,C,D,E 
# 
_pdbx_struct_oper_list.id                   1 
_pdbx_struct_oper_list.type                 'identity operation' 
_pdbx_struct_oper_list.name                 1_555 
_pdbx_struct_oper_list.symmetry_operation   x,y,z 
_pdbx_struct_oper_list.matrix[1][1]         1.0000000000 
_pdbx_struct_oper_list.matrix[1][2]         0.0000000000 
_pdbx_struct_oper_list.matrix[1][3]         0.0000000000 
_pdbx_struct_oper_list.vector[1]            0.0000000000 
_pdbx_struct_oper_list.matrix[2][1]         0.0000000000 
_pdbx_struct_oper_list.matrix[2][2]         1.0000000000 
_pdbx_struct_oper_list.matrix[2][3]         0.0000000000 
_pdbx_struct_oper_list.vector[2]            0.0000000000 
_pdbx_struct_oper_list.matrix[3][1]         0.0000000000 
_pdbx_struct_oper_list.matrix[3][2]         0.0000000000 
_pdbx_struct_oper_list.matrix[3][3]         1.0000000000 
_pdbx_struct_oper_list.vector[3]            0.0000000000 
# 
_pdbx_struct_special_symmetry.id              1 
_pdbx_struct_special_symmetry.PDB_model_num   1 
_pdbx_struct_special_symmetry.auth_asym_id    A 
_pdbx_struct_special_symmetry.auth_comp_id    HOH 
_pdbx_struct_special_symmetry.auth_seq_id     802 
_pdbx_struct_special_symmetry.PDB_ins_code    ? 
_pdbx_struct_special_symmetry.label_asym_id   E 
_pdbx_struct_special_symmetry.label_comp_id   HOH 
_pdbx_struct_special_symmetry.label_seq_id    . 
# 
loop_
_pdbx_audit_revision_history.ordinal 
_pdbx_audit_revision_history.data_content_type 
_pdbx_audit_revision_history.major_revision 
_pdbx_audit_revision_history.minor_revision 
_pdbx_audit_revision_history.revision_date 
1 'Structure model' 1 0 2013-09-25 
2 'Structure model' 1 1 2014-09-03 
3 'Structure model' 1 2 2017-11-22 
4 'Structure model' 2 0 2020-07-29 
5 'Structure model' 2 1 2023-11-08 
# 
loop_
_pdbx_audit_revision_details.ordinal 
_pdbx_audit_revision_details.revision_ordinal 
_pdbx_audit_revision_details.data_content_type 
_pdbx_audit_revision_details.provider 
_pdbx_audit_revision_details.type 
_pdbx_audit_revision_details.description 
_pdbx_audit_revision_details.details 
1 1 'Structure model' repository 'Initial release' ?                          ? 
2 4 'Structure model' repository Remediation       'Carbohydrate remediation' ? 
# 
loop_
_pdbx_audit_revision_group.ordinal 
_pdbx_audit_revision_group.revision_ordinal 
_pdbx_audit_revision_group.data_content_type 
_pdbx_audit_revision_group.group 
1  2 'Structure model' 'Database references'    
2  3 'Structure model' 'Refinement description' 
3  4 'Structure model' 'Atomic model'           
4  4 'Structure model' 'Data collection'        
5  4 'Structure model' 'Database references'    
6  4 'Structure model' 'Derived calculations'   
7  4 'Structure model' 'Structure summary'      
8  5 'Structure model' 'Data collection'        
9  5 'Structure model' 'Database references'    
10 5 'Structure model' 'Refinement description' 
11 5 'Structure model' 'Structure summary'      
# 
loop_
_pdbx_audit_revision_category.ordinal 
_pdbx_audit_revision_category.revision_ordinal 
_pdbx_audit_revision_category.data_content_type 
_pdbx_audit_revision_category.category 
1  3 'Structure model' software                      
2  4 'Structure model' atom_site                     
3  4 'Structure model' chem_comp                     
4  4 'Structure model' entity                        
5  4 'Structure model' entity_name_com               
6  4 'Structure model' pdbx_branch_scheme            
7  4 'Structure model' pdbx_chem_comp_identifier     
8  4 'Structure model' pdbx_entity_branch            
9  4 'Structure model' pdbx_entity_branch_descriptor 
10 4 'Structure model' pdbx_entity_branch_link       
11 4 'Structure model' pdbx_entity_branch_list       
12 4 'Structure model' pdbx_entity_nonpoly           
13 4 'Structure model' pdbx_molecule_features        
14 4 'Structure model' pdbx_nonpoly_scheme           
15 4 'Structure model' pdbx_struct_assembly_gen      
16 4 'Structure model' pdbx_struct_special_symmetry  
17 4 'Structure model' struct_asym                   
18 4 'Structure model' struct_conn                   
19 4 'Structure model' struct_ref_seq_dif            
20 4 'Structure model' struct_site                   
21 4 'Structure model' struct_site_gen               
22 5 'Structure model' chem_comp                     
23 5 'Structure model' chem_comp_atom                
24 5 'Structure model' chem_comp_bond                
25 5 'Structure model' database_2                    
26 5 'Structure model' pdbx_initial_refinement_model 
# 
loop_
_pdbx_audit_revision_item.ordinal 
_pdbx_audit_revision_item.revision_ordinal 
_pdbx_audit_revision_item.data_content_type 
_pdbx_audit_revision_item.item 
1  4 'Structure model' '_atom_site.auth_asym_id'                     
2  4 'Structure model' '_atom_site.auth_seq_id'                      
3  4 'Structure model' '_atom_site.label_asym_id'                    
4  4 'Structure model' '_chem_comp.name'                             
5  4 'Structure model' '_chem_comp.type'                             
6  4 'Structure model' '_entity.formula_weight'                      
7  4 'Structure model' '_entity.pdbx_description'                    
8  4 'Structure model' '_entity.pdbx_number_of_molecules'            
9  4 'Structure model' '_entity.type'                                
10 4 'Structure model' '_pdbx_struct_assembly_gen.asym_id_list'      
11 4 'Structure model' '_pdbx_struct_special_symmetry.label_asym_id' 
12 4 'Structure model' '_struct_conn.pdbx_leaving_atom_flag'         
13 4 'Structure model' '_struct_conn.ptnr1_auth_asym_id'             
14 4 'Structure model' '_struct_conn.ptnr1_auth_seq_id'              
15 4 'Structure model' '_struct_conn.ptnr2_auth_asym_id'             
16 4 'Structure model' '_struct_conn.ptnr2_auth_seq_id'              
17 4 'Structure model' '_struct_conn.ptnr2_label_asym_id'            
18 4 'Structure model' '_struct_ref_seq_dif.details'                 
19 5 'Structure model' '_chem_comp.pdbx_synonyms'                    
20 5 'Structure model' '_database_2.pdbx_DOI'                        
21 5 'Structure model' '_database_2.pdbx_database_accession'         
# 
loop_
_software.name 
_software.classification 
_software.version 
_software.citation_id 
_software.pdbx_ordinal 
HKL-2000  'data collection' .        ? 1 
MOLREP    phasing           .        ? 2 
REFMAC    refinement        5.2.0019 ? 3 
DENZO     'data reduction'  .        ? 4 
SCALEPACK 'data scaling'    .        ? 5 
# 
loop_
_pdbx_validate_torsion.id 
_pdbx_validate_torsion.PDB_model_num 
_pdbx_validate_torsion.auth_comp_id 
_pdbx_validate_torsion.auth_asym_id 
_pdbx_validate_torsion.auth_seq_id 
_pdbx_validate_torsion.PDB_ins_code 
_pdbx_validate_torsion.label_alt_id 
_pdbx_validate_torsion.phi 
_pdbx_validate_torsion.psi 
1 1 ASN A 57  ? ? -121.19 -163.36 
2 1 LYS A 102 ? ? -125.57 -105.47 
# 
loop_
_pdbx_unobs_or_zero_occ_residues.id 
_pdbx_unobs_or_zero_occ_residues.PDB_model_num 
_pdbx_unobs_or_zero_occ_residues.polymer_flag 
_pdbx_unobs_or_zero_occ_residues.occupancy_flag 
_pdbx_unobs_or_zero_occ_residues.auth_asym_id 
_pdbx_unobs_or_zero_occ_residues.auth_comp_id 
_pdbx_unobs_or_zero_occ_residues.auth_seq_id 
_pdbx_unobs_or_zero_occ_residues.PDB_ins_code 
_pdbx_unobs_or_zero_occ_residues.label_asym_id 
_pdbx_unobs_or_zero_occ_residues.label_comp_id 
_pdbx_unobs_or_zero_occ_residues.label_seq_id 
1 1 Y 1 A GLY 19 ? A GLY 1 
2 1 Y 1 A SER 20 ? A SER 2 
3 1 Y 1 A ALA 21 ? A ALA 3 
# 
loop_
_chem_comp_atom.comp_id 
_chem_comp_atom.atom_id 
_chem_comp_atom.type_symbol 
_chem_comp_atom.pdbx_aromatic_flag 
_chem_comp_atom.pdbx_stereo_config 
_chem_comp_atom.pdbx_ordinal 
ALA N    N  N N 1   
ALA CA   C  N S 2   
ALA C    C  N N 3   
ALA O    O  N N 4   
ALA CB   C  N N 5   
ALA OXT  O  N N 6   
ALA H    H  N N 7   
ALA H2   H  N N 8   
ALA HA   H  N N 9   
ALA HB1  H  N N 10  
ALA HB2  H  N N 11  
ALA HB3  H  N N 12  
ALA HXT  H  N N 13  
ARG N    N  N N 14  
ARG CA   C  N S 15  
ARG C    C  N N 16  
ARG O    O  N N 17  
ARG CB   C  N N 18  
ARG CG   C  N N 19  
ARG CD   C  N N 20  
ARG NE   N  N N 21  
ARG CZ   C  N N 22  
ARG NH1  N  N N 23  
ARG NH2  N  N N 24  
ARG OXT  O  N N 25  
ARG H    H  N N 26  
ARG H2   H  N N 27  
ARG HA   H  N N 28  
ARG HB2  H  N N 29  
ARG HB3  H  N N 30  
ARG HG2  H  N N 31  
ARG HG3  H  N N 32  
ARG HD2  H  N N 33  
ARG HD3  H  N N 34  
ARG HE   H  N N 35  
ARG HH11 H  N N 36  
ARG HH12 H  N N 37  
ARG HH21 H  N N 38  
ARG HH22 H  N N 39  
ARG HXT  H  N N 40  
ASN N    N  N N 41  
ASN CA   C  N S 42  
ASN C    C  N N 43  
ASN O    O  N N 44  
ASN CB   C  N N 45  
ASN CG   C  N N 46  
ASN OD1  O  N N 47  
ASN ND2  N  N N 48  
ASN OXT  O  N N 49  
ASN H    H  N N 50  
ASN H2   H  N N 51  
ASN HA   H  N N 52  
ASN HB2  H  N N 53  
ASN HB3  H  N N 54  
ASN HD21 H  N N 55  
ASN HD22 H  N N 56  
ASN HXT  H  N N 57  
ASP N    N  N N 58  
ASP CA   C  N S 59  
ASP C    C  N N 60  
ASP O    O  N N 61  
ASP CB   C  N N 62  
ASP CG   C  N N 63  
ASP OD1  O  N N 64  
ASP OD2  O  N N 65  
ASP OXT  O  N N 66  
ASP H    H  N N 67  
ASP H2   H  N N 68  
ASP HA   H  N N 69  
ASP HB2  H  N N 70  
ASP HB3  H  N N 71  
ASP HD2  H  N N 72  
ASP HXT  H  N N 73  
BGC C2   C  N R 74  
BGC C3   C  N S 75  
BGC C4   C  N S 76  
BGC C5   C  N R 77  
BGC C6   C  N N 78  
BGC C1   C  N R 79  
BGC O1   O  N N 80  
BGC O2   O  N N 81  
BGC O3   O  N N 82  
BGC O4   O  N N 83  
BGC O5   O  N N 84  
BGC O6   O  N N 85  
BGC H2   H  N N 86  
BGC H3   H  N N 87  
BGC H4   H  N N 88  
BGC H5   H  N N 89  
BGC H61  H  N N 90  
BGC H62  H  N N 91  
BGC H1   H  N N 92  
BGC HO1  H  N N 93  
BGC HO2  H  N N 94  
BGC HO3  H  N N 95  
BGC HO4  H  N N 96  
BGC HO6  H  N N 97  
CL  CL   CL N N 98  
GLN N    N  N N 99  
GLN CA   C  N S 100 
GLN C    C  N N 101 
GLN O    O  N N 102 
GLN CB   C  N N 103 
GLN CG   C  N N 104 
GLN CD   C  N N 105 
GLN OE1  O  N N 106 
GLN NE2  N  N N 107 
GLN OXT  O  N N 108 
GLN H    H  N N 109 
GLN H2   H  N N 110 
GLN HA   H  N N 111 
GLN HB2  H  N N 112 
GLN HB3  H  N N 113 
GLN HG2  H  N N 114 
GLN HG3  H  N N 115 
GLN HE21 H  N N 116 
GLN HE22 H  N N 117 
GLN HXT  H  N N 118 
GLU N    N  N N 119 
GLU CA   C  N S 120 
GLU C    C  N N 121 
GLU O    O  N N 122 
GLU CB   C  N N 123 
GLU CG   C  N N 124 
GLU CD   C  N N 125 
GLU OE1  O  N N 126 
GLU OE2  O  N N 127 
GLU OXT  O  N N 128 
GLU H    H  N N 129 
GLU H2   H  N N 130 
GLU HA   H  N N 131 
GLU HB2  H  N N 132 
GLU HB3  H  N N 133 
GLU HG2  H  N N 134 
GLU HG3  H  N N 135 
GLU HE2  H  N N 136 
GLU HXT  H  N N 137 
GLY N    N  N N 138 
GLY CA   C  N N 139 
GLY C    C  N N 140 
GLY O    O  N N 141 
GLY OXT  O  N N 142 
GLY H    H  N N 143 
GLY H2   H  N N 144 
GLY HA2  H  N N 145 
GLY HA3  H  N N 146 
GLY HXT  H  N N 147 
HIS N    N  N N 148 
HIS CA   C  N S 149 
HIS C    C  N N 150 
HIS O    O  N N 151 
HIS CB   C  N N 152 
HIS CG   C  Y N 153 
HIS ND1  N  Y N 154 
HIS CD2  C  Y N 155 
HIS CE1  C  Y N 156 
HIS NE2  N  Y N 157 
HIS OXT  O  N N 158 
HIS H    H  N N 159 
HIS H2   H  N N 160 
HIS HA   H  N N 161 
HIS HB2  H  N N 162 
HIS HB3  H  N N 163 
HIS HD1  H  N N 164 
HIS HD2  H  N N 165 
HIS HE1  H  N N 166 
HIS HE2  H  N N 167 
HIS HXT  H  N N 168 
HOH O    O  N N 169 
HOH H1   H  N N 170 
HOH H2   H  N N 171 
ILE N    N  N N 172 
ILE CA   C  N S 173 
ILE C    C  N N 174 
ILE O    O  N N 175 
ILE CB   C  N S 176 
ILE CG1  C  N N 177 
ILE CG2  C  N N 178 
ILE CD1  C  N N 179 
ILE OXT  O  N N 180 
ILE H    H  N N 181 
ILE H2   H  N N 182 
ILE HA   H  N N 183 
ILE HB   H  N N 184 
ILE HG12 H  N N 185 
ILE HG13 H  N N 186 
ILE HG21 H  N N 187 
ILE HG22 H  N N 188 
ILE HG23 H  N N 189 
ILE HD11 H  N N 190 
ILE HD12 H  N N 191 
ILE HD13 H  N N 192 
ILE HXT  H  N N 193 
LEU N    N  N N 194 
LEU CA   C  N S 195 
LEU C    C  N N 196 
LEU O    O  N N 197 
LEU CB   C  N N 198 
LEU CG   C  N N 199 
LEU CD1  C  N N 200 
LEU CD2  C  N N 201 
LEU OXT  O  N N 202 
LEU H    H  N N 203 
LEU H2   H  N N 204 
LEU HA   H  N N 205 
LEU HB2  H  N N 206 
LEU HB3  H  N N 207 
LEU HG   H  N N 208 
LEU HD11 H  N N 209 
LEU HD12 H  N N 210 
LEU HD13 H  N N 211 
LEU HD21 H  N N 212 
LEU HD22 H  N N 213 
LEU HD23 H  N N 214 
LEU HXT  H  N N 215 
LYS N    N  N N 216 
LYS CA   C  N S 217 
LYS C    C  N N 218 
LYS O    O  N N 219 
LYS CB   C  N N 220 
LYS CG   C  N N 221 
LYS CD   C  N N 222 
LYS CE   C  N N 223 
LYS NZ   N  N N 224 
LYS OXT  O  N N 225 
LYS H    H  N N 226 
LYS H2   H  N N 227 
LYS HA   H  N N 228 
LYS HB2  H  N N 229 
LYS HB3  H  N N 230 
LYS HG2  H  N N 231 
LYS HG3  H  N N 232 
LYS HD2  H  N N 233 
LYS HD3  H  N N 234 
LYS HE2  H  N N 235 
LYS HE3  H  N N 236 
LYS HZ1  H  N N 237 
LYS HZ2  H  N N 238 
LYS HZ3  H  N N 239 
LYS HXT  H  N N 240 
PHE N    N  N N 241 
PHE CA   C  N S 242 
PHE C    C  N N 243 
PHE O    O  N N 244 
PHE CB   C  N N 245 
PHE CG   C  Y N 246 
PHE CD1  C  Y N 247 
PHE CD2  C  Y N 248 
PHE CE1  C  Y N 249 
PHE CE2  C  Y N 250 
PHE CZ   C  Y N 251 
PHE OXT  O  N N 252 
PHE H    H  N N 253 
PHE H2   H  N N 254 
PHE HA   H  N N 255 
PHE HB2  H  N N 256 
PHE HB3  H  N N 257 
PHE HD1  H  N N 258 
PHE HD2  H  N N 259 
PHE HE1  H  N N 260 
PHE HE2  H  N N 261 
PHE HZ   H  N N 262 
PHE HXT  H  N N 263 
PRO N    N  N N 264 
PRO CA   C  N S 265 
PRO C    C  N N 266 
PRO O    O  N N 267 
PRO CB   C  N N 268 
PRO CG   C  N N 269 
PRO CD   C  N N 270 
PRO OXT  O  N N 271 
PRO H    H  N N 272 
PRO HA   H  N N 273 
PRO HB2  H  N N 274 
PRO HB3  H  N N 275 
PRO HG2  H  N N 276 
PRO HG3  H  N N 277 
PRO HD2  H  N N 278 
PRO HD3  H  N N 279 
PRO HXT  H  N N 280 
SER N    N  N N 281 
SER CA   C  N S 282 
SER C    C  N N 283 
SER O    O  N N 284 
SER CB   C  N N 285 
SER OG   O  N N 286 
SER OXT  O  N N 287 
SER H    H  N N 288 
SER H2   H  N N 289 
SER HA   H  N N 290 
SER HB2  H  N N 291 
SER HB3  H  N N 292 
SER HG   H  N N 293 
SER HXT  H  N N 294 
THR N    N  N N 295 
THR CA   C  N S 296 
THR C    C  N N 297 
THR O    O  N N 298 
THR CB   C  N R 299 
THR OG1  O  N N 300 
THR CG2  C  N N 301 
THR OXT  O  N N 302 
THR H    H  N N 303 
THR H2   H  N N 304 
THR HA   H  N N 305 
THR HB   H  N N 306 
THR HG1  H  N N 307 
THR HG21 H  N N 308 
THR HG22 H  N N 309 
THR HG23 H  N N 310 
THR HXT  H  N N 311 
TRP N    N  N N 312 
TRP CA   C  N S 313 
TRP C    C  N N 314 
TRP O    O  N N 315 
TRP CB   C  N N 316 
TRP CG   C  Y N 317 
TRP CD1  C  Y N 318 
TRP CD2  C  Y N 319 
TRP NE1  N  Y N 320 
TRP CE2  C  Y N 321 
TRP CE3  C  Y N 322 
TRP CZ2  C  Y N 323 
TRP CZ3  C  Y N 324 
TRP CH2  C  Y N 325 
TRP OXT  O  N N 326 
TRP H    H  N N 327 
TRP H2   H  N N 328 
TRP HA   H  N N 329 
TRP HB2  H  N N 330 
TRP HB3  H  N N 331 
TRP HD1  H  N N 332 
TRP HE1  H  N N 333 
TRP HE3  H  N N 334 
TRP HZ2  H  N N 335 
TRP HZ3  H  N N 336 
TRP HH2  H  N N 337 
TRP HXT  H  N N 338 
TYR N    N  N N 339 
TYR CA   C  N S 340 
TYR C    C  N N 341 
TYR O    O  N N 342 
TYR CB   C  N N 343 
TYR CG   C  Y N 344 
TYR CD1  C  Y N 345 
TYR CD2  C  Y N 346 
TYR CE1  C  Y N 347 
TYR CE2  C  Y N 348 
TYR CZ   C  Y N 349 
TYR OH   O  N N 350 
TYR OXT  O  N N 351 
TYR H    H  N N 352 
TYR H2   H  N N 353 
TYR HA   H  N N 354 
TYR HB2  H  N N 355 
TYR HB3  H  N N 356 
TYR HD1  H  N N 357 
TYR HD2  H  N N 358 
TYR HE1  H  N N 359 
TYR HE2  H  N N 360 
TYR HH   H  N N 361 
TYR HXT  H  N N 362 
VAL N    N  N N 363 
VAL CA   C  N S 364 
VAL C    C  N N 365 
VAL O    O  N N 366 
VAL CB   C  N N 367 
VAL CG1  C  N N 368 
VAL CG2  C  N N 369 
VAL OXT  O  N N 370 
VAL H    H  N N 371 
VAL H2   H  N N 372 
VAL HA   H  N N 373 
VAL HB   H  N N 374 
VAL HG11 H  N N 375 
VAL HG12 H  N N 376 
VAL HG13 H  N N 377 
VAL HG21 H  N N 378 
VAL HG22 H  N N 379 
VAL HG23 H  N N 380 
VAL HXT  H  N N 381 
# 
loop_
_chem_comp_bond.comp_id 
_chem_comp_bond.atom_id_1 
_chem_comp_bond.atom_id_2 
_chem_comp_bond.value_order 
_chem_comp_bond.pdbx_aromatic_flag 
_chem_comp_bond.pdbx_stereo_config 
_chem_comp_bond.pdbx_ordinal 
ALA N   CA   sing N N 1   
ALA N   H    sing N N 2   
ALA N   H2   sing N N 3   
ALA CA  C    sing N N 4   
ALA CA  CB   sing N N 5   
ALA CA  HA   sing N N 6   
ALA C   O    doub N N 7   
ALA C   OXT  sing N N 8   
ALA CB  HB1  sing N N 9   
ALA CB  HB2  sing N N 10  
ALA CB  HB3  sing N N 11  
ALA OXT HXT  sing N N 12  
ARG N   CA   sing N N 13  
ARG N   H    sing N N 14  
ARG N   H2   sing N N 15  
ARG CA  C    sing N N 16  
ARG CA  CB   sing N N 17  
ARG CA  HA   sing N N 18  
ARG C   O    doub N N 19  
ARG C   OXT  sing N N 20  
ARG CB  CG   sing N N 21  
ARG CB  HB2  sing N N 22  
ARG CB  HB3  sing N N 23  
ARG CG  CD   sing N N 24  
ARG CG  HG2  sing N N 25  
ARG CG  HG3  sing N N 26  
ARG CD  NE   sing N N 27  
ARG CD  HD2  sing N N 28  
ARG CD  HD3  sing N N 29  
ARG NE  CZ   sing N N 30  
ARG NE  HE   sing N N 31  
ARG CZ  NH1  sing N N 32  
ARG CZ  NH2  doub N N 33  
ARG NH1 HH11 sing N N 34  
ARG NH1 HH12 sing N N 35  
ARG NH2 HH21 sing N N 36  
ARG NH2 HH22 sing N N 37  
ARG OXT HXT  sing N N 38  
ASN N   CA   sing N N 39  
ASN N   H    sing N N 40  
ASN N   H2   sing N N 41  
ASN CA  C    sing N N 42  
ASN CA  CB   sing N N 43  
ASN CA  HA   sing N N 44  
ASN C   O    doub N N 45  
ASN C   OXT  sing N N 46  
ASN CB  CG   sing N N 47  
ASN CB  HB2  sing N N 48  
ASN CB  HB3  sing N N 49  
ASN CG  OD1  doub N N 50  
ASN CG  ND2  sing N N 51  
ASN ND2 HD21 sing N N 52  
ASN ND2 HD22 sing N N 53  
ASN OXT HXT  sing N N 54  
ASP N   CA   sing N N 55  
ASP N   H    sing N N 56  
ASP N   H2   sing N N 57  
ASP CA  C    sing N N 58  
ASP CA  CB   sing N N 59  
ASP CA  HA   sing N N 60  
ASP C   O    doub N N 61  
ASP C   OXT  sing N N 62  
ASP CB  CG   sing N N 63  
ASP CB  HB2  sing N N 64  
ASP CB  HB3  sing N N 65  
ASP CG  OD1  doub N N 66  
ASP CG  OD2  sing N N 67  
ASP OD2 HD2  sing N N 68  
ASP OXT HXT  sing N N 69  
BGC C2  C3   sing N N 70  
BGC C2  C1   sing N N 71  
BGC C2  O2   sing N N 72  
BGC C2  H2   sing N N 73  
BGC C3  C4   sing N N 74  
BGC C3  O3   sing N N 75  
BGC C3  H3   sing N N 76  
BGC C4  C5   sing N N 77  
BGC C4  O4   sing N N 78  
BGC C4  H4   sing N N 79  
BGC C5  C6   sing N N 80  
BGC C5  O5   sing N N 81  
BGC C5  H5   sing N N 82  
BGC C6  O6   sing N N 83  
BGC C6  H61  sing N N 84  
BGC C6  H62  sing N N 85  
BGC C1  O1   sing N N 86  
BGC C1  O5   sing N N 87  
BGC C1  H1   sing N N 88  
BGC O1  HO1  sing N N 89  
BGC O2  HO2  sing N N 90  
BGC O3  HO3  sing N N 91  
BGC O4  HO4  sing N N 92  
BGC O6  HO6  sing N N 93  
GLN N   CA   sing N N 94  
GLN N   H    sing N N 95  
GLN N   H2   sing N N 96  
GLN CA  C    sing N N 97  
GLN CA  CB   sing N N 98  
GLN CA  HA   sing N N 99  
GLN C   O    doub N N 100 
GLN C   OXT  sing N N 101 
GLN CB  CG   sing N N 102 
GLN CB  HB2  sing N N 103 
GLN CB  HB3  sing N N 104 
GLN CG  CD   sing N N 105 
GLN CG  HG2  sing N N 106 
GLN CG  HG3  sing N N 107 
GLN CD  OE1  doub N N 108 
GLN CD  NE2  sing N N 109 
GLN NE2 HE21 sing N N 110 
GLN NE2 HE22 sing N N 111 
GLN OXT HXT  sing N N 112 
GLU N   CA   sing N N 113 
GLU N   H    sing N N 114 
GLU N   H2   sing N N 115 
GLU CA  C    sing N N 116 
GLU CA  CB   sing N N 117 
GLU CA  HA   sing N N 118 
GLU C   O    doub N N 119 
GLU C   OXT  sing N N 120 
GLU CB  CG   sing N N 121 
GLU CB  HB2  sing N N 122 
GLU CB  HB3  sing N N 123 
GLU CG  CD   sing N N 124 
GLU CG  HG2  sing N N 125 
GLU CG  HG3  sing N N 126 
GLU CD  OE1  doub N N 127 
GLU CD  OE2  sing N N 128 
GLU OE2 HE2  sing N N 129 
GLU OXT HXT  sing N N 130 
GLY N   CA   sing N N 131 
GLY N   H    sing N N 132 
GLY N   H2   sing N N 133 
GLY CA  C    sing N N 134 
GLY CA  HA2  sing N N 135 
GLY CA  HA3  sing N N 136 
GLY C   O    doub N N 137 
GLY C   OXT  sing N N 138 
GLY OXT HXT  sing N N 139 
HIS N   CA   sing N N 140 
HIS N   H    sing N N 141 
HIS N   H2   sing N N 142 
HIS CA  C    sing N N 143 
HIS CA  CB   sing N N 144 
HIS CA  HA   sing N N 145 
HIS C   O    doub N N 146 
HIS C   OXT  sing N N 147 
HIS CB  CG   sing N N 148 
HIS CB  HB2  sing N N 149 
HIS CB  HB3  sing N N 150 
HIS CG  ND1  sing Y N 151 
HIS CG  CD2  doub Y N 152 
HIS ND1 CE1  doub Y N 153 
HIS ND1 HD1  sing N N 154 
HIS CD2 NE2  sing Y N 155 
HIS CD2 HD2  sing N N 156 
HIS CE1 NE2  sing Y N 157 
HIS CE1 HE1  sing N N 158 
HIS NE2 HE2  sing N N 159 
HIS OXT HXT  sing N N 160 
HOH O   H1   sing N N 161 
HOH O   H2   sing N N 162 
ILE N   CA   sing N N 163 
ILE N   H    sing N N 164 
ILE N   H2   sing N N 165 
ILE CA  C    sing N N 166 
ILE CA  CB   sing N N 167 
ILE CA  HA   sing N N 168 
ILE C   O    doub N N 169 
ILE C   OXT  sing N N 170 
ILE CB  CG1  sing N N 171 
ILE CB  CG2  sing N N 172 
ILE CB  HB   sing N N 173 
ILE CG1 CD1  sing N N 174 
ILE CG1 HG12 sing N N 175 
ILE CG1 HG13 sing N N 176 
ILE CG2 HG21 sing N N 177 
ILE CG2 HG22 sing N N 178 
ILE CG2 HG23 sing N N 179 
ILE CD1 HD11 sing N N 180 
ILE CD1 HD12 sing N N 181 
ILE CD1 HD13 sing N N 182 
ILE OXT HXT  sing N N 183 
LEU N   CA   sing N N 184 
LEU N   H    sing N N 185 
LEU N   H2   sing N N 186 
LEU CA  C    sing N N 187 
LEU CA  CB   sing N N 188 
LEU CA  HA   sing N N 189 
LEU C   O    doub N N 190 
LEU C   OXT  sing N N 191 
LEU CB  CG   sing N N 192 
LEU CB  HB2  sing N N 193 
LEU CB  HB3  sing N N 194 
LEU CG  CD1  sing N N 195 
LEU CG  CD2  sing N N 196 
LEU CG  HG   sing N N 197 
LEU CD1 HD11 sing N N 198 
LEU CD1 HD12 sing N N 199 
LEU CD1 HD13 sing N N 200 
LEU CD2 HD21 sing N N 201 
LEU CD2 HD22 sing N N 202 
LEU CD2 HD23 sing N N 203 
LEU OXT HXT  sing N N 204 
LYS N   CA   sing N N 205 
LYS N   H    sing N N 206 
LYS N   H2   sing N N 207 
LYS CA  C    sing N N 208 
LYS CA  CB   sing N N 209 
LYS CA  HA   sing N N 210 
LYS C   O    doub N N 211 
LYS C   OXT  sing N N 212 
LYS CB  CG   sing N N 213 
LYS CB  HB2  sing N N 214 
LYS CB  HB3  sing N N 215 
LYS CG  CD   sing N N 216 
LYS CG  HG2  sing N N 217 
LYS CG  HG3  sing N N 218 
LYS CD  CE   sing N N 219 
LYS CD  HD2  sing N N 220 
LYS CD  HD3  sing N N 221 
LYS CE  NZ   sing N N 222 
LYS CE  HE2  sing N N 223 
LYS CE  HE3  sing N N 224 
LYS NZ  HZ1  sing N N 225 
LYS NZ  HZ2  sing N N 226 
LYS NZ  HZ3  sing N N 227 
LYS OXT HXT  sing N N 228 
PHE N   CA   sing N N 229 
PHE N   H    sing N N 230 
PHE N   H2   sing N N 231 
PHE CA  C    sing N N 232 
PHE CA  CB   sing N N 233 
PHE CA  HA   sing N N 234 
PHE C   O    doub N N 235 
PHE C   OXT  sing N N 236 
PHE CB  CG   sing N N 237 
PHE CB  HB2  sing N N 238 
PHE CB  HB3  sing N N 239 
PHE CG  CD1  doub Y N 240 
PHE CG  CD2  sing Y N 241 
PHE CD1 CE1  sing Y N 242 
PHE CD1 HD1  sing N N 243 
PHE CD2 CE2  doub Y N 244 
PHE CD2 HD2  sing N N 245 
PHE CE1 CZ   doub Y N 246 
PHE CE1 HE1  sing N N 247 
PHE CE2 CZ   sing Y N 248 
PHE CE2 HE2  sing N N 249 
PHE CZ  HZ   sing N N 250 
PHE OXT HXT  sing N N 251 
PRO N   CA   sing N N 252 
PRO N   CD   sing N N 253 
PRO N   H    sing N N 254 
PRO CA  C    sing N N 255 
PRO CA  CB   sing N N 256 
PRO CA  HA   sing N N 257 
PRO C   O    doub N N 258 
PRO C   OXT  sing N N 259 
PRO CB  CG   sing N N 260 
PRO CB  HB2  sing N N 261 
PRO CB  HB3  sing N N 262 
PRO CG  CD   sing N N 263 
PRO CG  HG2  sing N N 264 
PRO CG  HG3  sing N N 265 
PRO CD  HD2  sing N N 266 
PRO CD  HD3  sing N N 267 
PRO OXT HXT  sing N N 268 
SER N   CA   sing N N 269 
SER N   H    sing N N 270 
SER N   H2   sing N N 271 
SER CA  C    sing N N 272 
SER CA  CB   sing N N 273 
SER CA  HA   sing N N 274 
SER C   O    doub N N 275 
SER C   OXT  sing N N 276 
SER CB  OG   sing N N 277 
SER CB  HB2  sing N N 278 
SER CB  HB3  sing N N 279 
SER OG  HG   sing N N 280 
SER OXT HXT  sing N N 281 
THR N   CA   sing N N 282 
THR N   H    sing N N 283 
THR N   H2   sing N N 284 
THR CA  C    sing N N 285 
THR CA  CB   sing N N 286 
THR CA  HA   sing N N 287 
THR C   O    doub N N 288 
THR C   OXT  sing N N 289 
THR CB  OG1  sing N N 290 
THR CB  CG2  sing N N 291 
THR CB  HB   sing N N 292 
THR OG1 HG1  sing N N 293 
THR CG2 HG21 sing N N 294 
THR CG2 HG22 sing N N 295 
THR CG2 HG23 sing N N 296 
THR OXT HXT  sing N N 297 
TRP N   CA   sing N N 298 
TRP N   H    sing N N 299 
TRP N   H2   sing N N 300 
TRP CA  C    sing N N 301 
TRP CA  CB   sing N N 302 
TRP CA  HA   sing N N 303 
TRP C   O    doub N N 304 
TRP C   OXT  sing N N 305 
TRP CB  CG   sing N N 306 
TRP CB  HB2  sing N N 307 
TRP CB  HB3  sing N N 308 
TRP CG  CD1  doub Y N 309 
TRP CG  CD2  sing Y N 310 
TRP CD1 NE1  sing Y N 311 
TRP CD1 HD1  sing N N 312 
TRP CD2 CE2  doub Y N 313 
TRP CD2 CE3  sing Y N 314 
TRP NE1 CE2  sing Y N 315 
TRP NE1 HE1  sing N N 316 
TRP CE2 CZ2  sing Y N 317 
TRP CE3 CZ3  doub Y N 318 
TRP CE3 HE3  sing N N 319 
TRP CZ2 CH2  doub Y N 320 
TRP CZ2 HZ2  sing N N 321 
TRP CZ3 CH2  sing Y N 322 
TRP CZ3 HZ3  sing N N 323 
TRP CH2 HH2  sing N N 324 
TRP OXT HXT  sing N N 325 
TYR N   CA   sing N N 326 
TYR N   H    sing N N 327 
TYR N   H2   sing N N 328 
TYR CA  C    sing N N 329 
TYR CA  CB   sing N N 330 
TYR CA  HA   sing N N 331 
TYR C   O    doub N N 332 
TYR C   OXT  sing N N 333 
TYR CB  CG   sing N N 334 
TYR CB  HB2  sing N N 335 
TYR CB  HB3  sing N N 336 
TYR CG  CD1  doub Y N 337 
TYR CG  CD2  sing Y N 338 
TYR CD1 CE1  sing Y N 339 
TYR CD1 HD1  sing N N 340 
TYR CD2 CE2  doub Y N 341 
TYR CD2 HD2  sing N N 342 
TYR CE1 CZ   doub Y N 343 
TYR CE1 HE1  sing N N 344 
TYR CE2 CZ   sing Y N 345 
TYR CE2 HE2  sing N N 346 
TYR CZ  OH   sing N N 347 
TYR OH  HH   sing N N 348 
TYR OXT HXT  sing N N 349 
VAL N   CA   sing N N 350 
VAL N   H    sing N N 351 
VAL N   H2   sing N N 352 
VAL CA  C    sing N N 353 
VAL CA  CB   sing N N 354 
VAL CA  HA   sing N N 355 
VAL C   O    doub N N 356 
VAL C   OXT  sing N N 357 
VAL CB  CG1  sing N N 358 
VAL CB  CG2  sing N N 359 
VAL CB  HB   sing N N 360 
VAL CG1 HG11 sing N N 361 
VAL CG1 HG12 sing N N 362 
VAL CG1 HG13 sing N N 363 
VAL CG2 HG21 sing N N 364 
VAL CG2 HG22 sing N N 365 
VAL CG2 HG23 sing N N 366 
VAL OXT HXT  sing N N 367 
# 
loop_
_pdbx_branch_scheme.asym_id 
_pdbx_branch_scheme.entity_id 
_pdbx_branch_scheme.mon_id 
_pdbx_branch_scheme.num 
_pdbx_branch_scheme.pdb_asym_id 
_pdbx_branch_scheme.pdb_mon_id 
_pdbx_branch_scheme.pdb_seq_num 
_pdbx_branch_scheme.auth_asym_id 
_pdbx_branch_scheme.auth_mon_id 
_pdbx_branch_scheme.auth_seq_num 
_pdbx_branch_scheme.hetero 
B 2 BGC 1 B BGC 1 A BGC 701 n 
B 2 BGC 2 B BGC 2 A BGC 702 n 
# 
loop_
_pdbx_chem_comp_identifier.comp_id 
_pdbx_chem_comp_identifier.type 
_pdbx_chem_comp_identifier.program 
_pdbx_chem_comp_identifier.program_version 
_pdbx_chem_comp_identifier.identifier 
BGC 'CONDENSED IUPAC CARBOHYDRATE SYMBOL' GMML     1.0 DGlcpb            
BGC 'COMMON NAME'                         GMML     1.0 b-D-glucopyranose 
BGC 'IUPAC CARBOHYDRATE SYMBOL'           PDB-CARE 1.0 b-D-Glcp          
BGC 'SNFG CARBOHYDRATE SYMBOL'            GMML     1.0 Glc               
# 
_pdbx_entity_branch.entity_id   2 
_pdbx_entity_branch.type        oligosaccharide 
# 
loop_
_pdbx_entity_branch_descriptor.ordinal 
_pdbx_entity_branch_descriptor.entity_id 
_pdbx_entity_branch_descriptor.descriptor 
_pdbx_entity_branch_descriptor.type 
_pdbx_entity_branch_descriptor.program 
_pdbx_entity_branch_descriptor.program_version 
1 2 DGlcpb1-3DGlcpb1-ROH                        'Glycam Condensed Sequence' GMML       1.0   
2 2 'WURCS=2.0/1,2,1/[a2122h-1b_1-5]/1-1/a3-b1' WURCS                       PDB2Glycan 1.1.0 
3 2 '[][b-D-Glcp]{[(3+1)][b-D-Glcp]{}}'         LINUCS                      PDB-CARE   ?     
# 
_pdbx_entity_branch_link.link_id                    1 
_pdbx_entity_branch_link.entity_id                  2 
_pdbx_entity_branch_link.entity_branch_list_num_1   2 
_pdbx_entity_branch_link.comp_id_1                  BGC 
_pdbx_entity_branch_link.atom_id_1                  C1 
_pdbx_entity_branch_link.leaving_atom_id_1          O1 
_pdbx_entity_branch_link.entity_branch_list_num_2   1 
_pdbx_entity_branch_link.comp_id_2                  BGC 
_pdbx_entity_branch_link.atom_id_2                  O3 
_pdbx_entity_branch_link.leaving_atom_id_2          HO3 
_pdbx_entity_branch_link.value_order                sing 
_pdbx_entity_branch_link.details                    ? 
# 
loop_
_pdbx_entity_branch_list.entity_id 
_pdbx_entity_branch_list.comp_id 
_pdbx_entity_branch_list.num 
_pdbx_entity_branch_list.hetero 
2 BGC 1 n 
2 BGC 2 n 
# 
loop_
_pdbx_entity_nonpoly.entity_id 
_pdbx_entity_nonpoly.name 
_pdbx_entity_nonpoly.comp_id 
3 'CHLORIDE ION' CL  
4 water          HOH 
# 
_pdbx_initial_refinement_model.id               1 
_pdbx_initial_refinement_model.entity_id_list   ? 
_pdbx_initial_refinement_model.type             'experimental model' 
_pdbx_initial_refinement_model.source_name      PDB 
_pdbx_initial_refinement_model.accession_code   3APA 
_pdbx_initial_refinement_model.details          ? 
# 
